data_2I8F
# 
_entry.id   2I8F 
# 
_audit_conform.dict_name       mmcif_pdbx.dic 
_audit_conform.dict_version    5.399 
_audit_conform.dict_location   http://mmcif.pdb.org/dictionaries/ascii/mmcif_pdbx.dic 
# 
loop_
_database_2.database_id 
_database_2.database_code 
_database_2.pdbx_database_accession 
_database_2.pdbx_DOI 
PDB   2I8F         pdb_00002i8f 10.2210/pdb2i8f/pdb 
RCSB  RCSB039267   ?            ?                   
WWPDB D_1000039267 ?            ?                   
# 
loop_
_pdbx_audit_revision_history.ordinal 
_pdbx_audit_revision_history.data_content_type 
_pdbx_audit_revision_history.major_revision 
_pdbx_audit_revision_history.minor_revision 
_pdbx_audit_revision_history.revision_date 
1 'Structure model' 1 0 2007-06-05 
2 'Structure model' 1 1 2008-05-01 
3 'Structure model' 1 2 2011-07-13 
4 'Structure model' 1 3 2021-10-20 
5 'Structure model' 1 4 2024-11-20 
# 
_pdbx_audit_revision_details.ordinal             1 
_pdbx_audit_revision_details.revision_ordinal    1 
_pdbx_audit_revision_details.data_content_type   'Structure model' 
_pdbx_audit_revision_details.provider            repository 
_pdbx_audit_revision_details.type                'Initial release' 
_pdbx_audit_revision_details.description         ? 
_pdbx_audit_revision_details.details             ? 
# 
loop_
_pdbx_audit_revision_group.ordinal 
_pdbx_audit_revision_group.revision_ordinal 
_pdbx_audit_revision_group.data_content_type 
_pdbx_audit_revision_group.group 
1 2 'Structure model' 'Version format compliance' 
2 3 'Structure model' 'Version format compliance' 
3 4 'Structure model' 'Data collection'           
4 4 'Structure model' 'Database references'       
5 4 'Structure model' 'Derived calculations'      
6 5 'Structure model' 'Data collection'           
7 5 'Structure model' 'Structure summary'         
# 
loop_
_pdbx_audit_revision_category.ordinal 
_pdbx_audit_revision_category.revision_ordinal 
_pdbx_audit_revision_category.data_content_type 
_pdbx_audit_revision_category.category 
1  4 'Structure model' database_2                
2  4 'Structure model' pdbx_nmr_software         
3  4 'Structure model' pdbx_nmr_spectrometer     
4  4 'Structure model' pdbx_struct_assembly      
5  4 'Structure model' pdbx_struct_conn_angle    
6  4 'Structure model' pdbx_struct_oper_list     
7  4 'Structure model' struct_conn               
8  4 'Structure model' struct_conn_type          
9  4 'Structure model' struct_ref_seq_dif        
10 4 'Structure model' struct_site               
11 5 'Structure model' chem_comp_atom            
12 5 'Structure model' chem_comp_bond            
13 5 'Structure model' pdbx_entry_details        
14 5 'Structure model' pdbx_modification_feature 
# 
loop_
_pdbx_audit_revision_item.ordinal 
_pdbx_audit_revision_item.revision_ordinal 
_pdbx_audit_revision_item.data_content_type 
_pdbx_audit_revision_item.item 
1  4 'Structure model' '_database_2.pdbx_DOI'                        
2  4 'Structure model' '_database_2.pdbx_database_accession'         
3  4 'Structure model' '_pdbx_nmr_software.name'                     
4  4 'Structure model' '_pdbx_nmr_spectrometer.model'                
5  4 'Structure model' '_pdbx_struct_conn_angle.ptnr1_auth_comp_id'  
6  4 'Structure model' '_pdbx_struct_conn_angle.ptnr1_auth_seq_id'   
7  4 'Structure model' '_pdbx_struct_conn_angle.ptnr1_label_atom_id' 
8  4 'Structure model' '_pdbx_struct_conn_angle.ptnr1_label_comp_id' 
9  4 'Structure model' '_pdbx_struct_conn_angle.ptnr1_label_seq_id'  
10 4 'Structure model' '_pdbx_struct_conn_angle.ptnr3_auth_comp_id'  
11 4 'Structure model' '_pdbx_struct_conn_angle.ptnr3_auth_seq_id'   
12 4 'Structure model' '_pdbx_struct_conn_angle.ptnr3_label_atom_id' 
13 4 'Structure model' '_pdbx_struct_conn_angle.ptnr3_label_comp_id' 
14 4 'Structure model' '_pdbx_struct_conn_angle.ptnr3_label_seq_id'  
15 4 'Structure model' '_pdbx_struct_conn_angle.value'               
16 4 'Structure model' '_struct_conn.conn_type_id'                   
17 4 'Structure model' '_struct_conn.id'                             
18 4 'Structure model' '_struct_conn.pdbx_dist_value'                
19 4 'Structure model' '_struct_conn.pdbx_leaving_atom_flag'         
20 4 'Structure model' '_struct_conn.ptnr1_auth_comp_id'             
21 4 'Structure model' '_struct_conn.ptnr1_auth_seq_id'              
22 4 'Structure model' '_struct_conn.ptnr1_label_asym_id'            
23 4 'Structure model' '_struct_conn.ptnr1_label_atom_id'            
24 4 'Structure model' '_struct_conn.ptnr1_label_comp_id'            
25 4 'Structure model' '_struct_conn.ptnr1_label_seq_id'             
26 4 'Structure model' '_struct_conn.ptnr2_auth_comp_id'             
27 4 'Structure model' '_struct_conn.ptnr2_auth_seq_id'              
28 4 'Structure model' '_struct_conn.ptnr2_label_asym_id'            
29 4 'Structure model' '_struct_conn.ptnr2_label_atom_id'            
30 4 'Structure model' '_struct_conn.ptnr2_label_comp_id'            
31 4 'Structure model' '_struct_conn.ptnr2_label_seq_id'             
32 4 'Structure model' '_struct_conn_type.id'                        
33 4 'Structure model' '_struct_ref_seq_dif.details'                 
34 4 'Structure model' '_struct_site.pdbx_auth_asym_id'              
35 4 'Structure model' '_struct_site.pdbx_auth_comp_id'              
36 4 'Structure model' '_struct_site.pdbx_auth_seq_id'               
# 
_pdbx_database_status.status_code                     REL 
_pdbx_database_status.entry_id                        2I8F 
_pdbx_database_status.recvd_initial_deposition_date   2006-09-01 
_pdbx_database_status.deposit_site                    RCSB 
_pdbx_database_status.process_site                    RCSB 
_pdbx_database_status.status_code_sf                  ? 
_pdbx_database_status.status_code_mr                  REL 
_pdbx_database_status.SG_entry                        ? 
_pdbx_database_status.pdb_format_compatible           Y 
_pdbx_database_status.status_code_cs                  ? 
_pdbx_database_status.status_code_nmr_data            ? 
_pdbx_database_status.methods_development_category    ? 
# 
_pdbx_database_related.db_name        PDB 
_pdbx_database_related.db_id          1CCH 
_pdbx_database_related.details        
'1CCH is the Solution Conformation of Cytochrome c-551 from Pseudomonas stutzeri Zobell Determined by NMR' 
_pdbx_database_related.content_type   unspecified 
# 
loop_
_audit_author.name 
_audit_author.pdbx_ordinal 
'Liang, Q.'     1 
'Timkovich, R.' 2 
# 
_citation.id                        primary 
_citation.title                     
'Solution Conformation of the His-47 to Ala-47 Mutant of Pseudomonas stutzeri ZoBell Ferrocytochrome c-551.' 
_citation.journal_abbrev            Biophys.J. 
_citation.journal_volume            93 
_citation.page_first                1700 
_citation.page_last                 1706 
_citation.year                      2007 
_citation.journal_id_ASTM           BIOJAU 
_citation.country                   US 
_citation.journal_id_ISSN           0006-3495 
_citation.journal_id_CSD            0030 
_citation.book_publisher            ? 
_citation.pdbx_database_id_PubMed   17496029 
_citation.pdbx_database_id_DOI      10.1529/biophysj.106.102772 
# 
loop_
_citation_author.citation_id 
_citation_author.name 
_citation_author.ordinal 
_citation_author.identifier_ORCID 
primary 'Liang, Q.'      1 ? 
primary 'Miller, G.T.'   2 ? 
primary 'Beeghley, C.A.' 3 ? 
primary 'Graf, C.B.'     4 ? 
primary 'Timkovich, R.'  5 ? 
# 
loop_
_entity.id 
_entity.type 
_entity.src_method 
_entity.pdbx_description 
_entity.formula_weight 
_entity.pdbx_number_of_molecules 
_entity.pdbx_ec 
_entity.pdbx_mutation 
_entity.pdbx_fragment 
_entity.details 
1 polymer     man 'Cytochrome c-551' 8505.787 1 ? H47A ? ? 
2 non-polymer syn 'HEME C'           618.503  1 ? ?    ? ? 
# 
_entity_name_com.entity_id   1 
_entity_name_com.name        'Cytochrome c551, Cytochrome C8' 
# 
_entity_poly.entity_id                      1 
_entity_poly.type                           'polypeptide(L)' 
_entity_poly.nstd_linkage                   no 
_entity_poly.nstd_monomer                   no 
_entity_poly.pdbx_seq_one_letter_code       
;QDGEALFKSKPCAACHSVDTKMVGPALKEVAAKNAGVEGAADTLALAIKNGSQGVWGPIPMPPNPVTEEEAKILAEWVLS
LK
;
_entity_poly.pdbx_seq_one_letter_code_can   
;QDGEALFKSKPCAACHSVDTKMVGPALKEVAAKNAGVEGAADTLALAIKNGSQGVWGPIPMPPNPVTEEEAKILAEWVLS
LK
;
_entity_poly.pdbx_strand_id                 A 
_entity_poly.pdbx_target_identifier         ? 
# 
_pdbx_entity_nonpoly.entity_id   2 
_pdbx_entity_nonpoly.name        'HEME C' 
_pdbx_entity_nonpoly.comp_id     HEC 
# 
loop_
_entity_poly_seq.entity_id 
_entity_poly_seq.num 
_entity_poly_seq.mon_id 
_entity_poly_seq.hetero 
1 1  GLN n 
1 2  ASP n 
1 3  GLY n 
1 4  GLU n 
1 5  ALA n 
1 6  LEU n 
1 7  PHE n 
1 8  LYS n 
1 9  SER n 
1 10 LYS n 
1 11 PRO n 
1 12 CYS n 
1 13 ALA n 
1 14 ALA n 
1 15 CYS n 
1 16 HIS n 
1 17 SER n 
1 18 VAL n 
1 19 ASP n 
1 20 THR n 
1 21 LYS n 
1 22 MET n 
1 23 VAL n 
1 24 GLY n 
1 25 PRO n 
1 26 ALA n 
1 27 LEU n 
1 28 LYS n 
1 29 GLU n 
1 30 VAL n 
1 31 ALA n 
1 32 ALA n 
1 33 LYS n 
1 34 ASN n 
1 35 ALA n 
1 36 GLY n 
1 37 VAL n 
1 38 GLU n 
1 39 GLY n 
1 40 ALA n 
1 41 ALA n 
1 42 ASP n 
1 43 THR n 
1 44 LEU n 
1 45 ALA n 
1 46 LEU n 
1 47 ALA n 
1 48 ILE n 
1 49 LYS n 
1 50 ASN n 
1 51 GLY n 
1 52 SER n 
1 53 GLN n 
1 54 GLY n 
1 55 VAL n 
1 56 TRP n 
1 57 GLY n 
1 58 PRO n 
1 59 ILE n 
1 60 PRO n 
1 61 MET n 
1 62 PRO n 
1 63 PRO n 
1 64 ASN n 
1 65 PRO n 
1 66 VAL n 
1 67 THR n 
1 68 GLU n 
1 69 GLU n 
1 70 GLU n 
1 71 ALA n 
1 72 LYS n 
1 73 ILE n 
1 74 LEU n 
1 75 ALA n 
1 76 GLU n 
1 77 TRP n 
1 78 VAL n 
1 79 LEU n 
1 80 SER n 
1 81 LEU n 
1 82 LYS n 
# 
_entity_src_gen.entity_id                          1 
_entity_src_gen.pdbx_src_id                        1 
_entity_src_gen.pdbx_alt_source_flag               sample 
_entity_src_gen.pdbx_seq_type                      ? 
_entity_src_gen.pdbx_beg_seq_num                   ? 
_entity_src_gen.pdbx_end_seq_num                   ? 
_entity_src_gen.gene_src_common_name               ? 
_entity_src_gen.gene_src_genus                     Pseudomonas 
_entity_src_gen.pdbx_gene_src_gene                 nirM 
_entity_src_gen.gene_src_species                   'Pseudomonas stutzeri' 
_entity_src_gen.gene_src_strain                    ZoBell 
_entity_src_gen.gene_src_tissue                    ? 
_entity_src_gen.gene_src_tissue_fraction           ? 
_entity_src_gen.gene_src_details                   ? 
_entity_src_gen.pdbx_gene_src_fragment             ? 
_entity_src_gen.pdbx_gene_src_scientific_name      'Pseudomonas stutzeri ZoBell' 
_entity_src_gen.pdbx_gene_src_ncbi_taxonomy_id     96564 
_entity_src_gen.pdbx_gene_src_variant              ? 
_entity_src_gen.pdbx_gene_src_cell_line            ? 
_entity_src_gen.pdbx_gene_src_atcc                 ? 
_entity_src_gen.pdbx_gene_src_organ                ? 
_entity_src_gen.pdbx_gene_src_organelle            ? 
_entity_src_gen.pdbx_gene_src_cell                 ? 
_entity_src_gen.pdbx_gene_src_cellular_location    ? 
_entity_src_gen.host_org_common_name               ? 
_entity_src_gen.pdbx_host_org_scientific_name      'Escherichia coli' 
_entity_src_gen.pdbx_host_org_ncbi_taxonomy_id     562 
_entity_src_gen.host_org_genus                     Escherichia 
_entity_src_gen.pdbx_host_org_gene                 ? 
_entity_src_gen.pdbx_host_org_organ                ? 
_entity_src_gen.host_org_species                   ? 
_entity_src_gen.pdbx_host_org_tissue               ? 
_entity_src_gen.pdbx_host_org_tissue_fraction      ? 
_entity_src_gen.pdbx_host_org_strain               UT5600 
_entity_src_gen.pdbx_host_org_variant              ? 
_entity_src_gen.pdbx_host_org_cell_line            ? 
_entity_src_gen.pdbx_host_org_atcc                 ? 
_entity_src_gen.pdbx_host_org_culture_collection   ? 
_entity_src_gen.pdbx_host_org_cell                 ? 
_entity_src_gen.pdbx_host_org_organelle            ? 
_entity_src_gen.pdbx_host_org_cellular_location    ? 
_entity_src_gen.pdbx_host_org_vector_type          PLASMID 
_entity_src_gen.pdbx_host_org_vector               ? 
_entity_src_gen.host_org_details                   ? 
_entity_src_gen.expression_system_id               ? 
_entity_src_gen.plasmid_name                       pBR329 
_entity_src_gen.plasmid_details                    ? 
_entity_src_gen.pdbx_description                   ? 
# 
loop_
_chem_comp.id 
_chem_comp.type 
_chem_comp.mon_nstd_flag 
_chem_comp.name 
_chem_comp.pdbx_synonyms 
_chem_comp.formula 
_chem_comp.formula_weight 
ALA 'L-peptide linking' y ALANINE         ? 'C3 H7 N O2'       89.093  
ASN 'L-peptide linking' y ASPARAGINE      ? 'C4 H8 N2 O3'      132.118 
ASP 'L-peptide linking' y 'ASPARTIC ACID' ? 'C4 H7 N O4'       133.103 
CYS 'L-peptide linking' y CYSTEINE        ? 'C3 H7 N O2 S'     121.158 
GLN 'L-peptide linking' y GLUTAMINE       ? 'C5 H10 N2 O3'     146.144 
GLU 'L-peptide linking' y 'GLUTAMIC ACID' ? 'C5 H9 N O4'       147.129 
GLY 'peptide linking'   y GLYCINE         ? 'C2 H5 N O2'       75.067  
HEC non-polymer         . 'HEME C'        ? 'C34 H34 Fe N4 O4' 618.503 
HIS 'L-peptide linking' y HISTIDINE       ? 'C6 H10 N3 O2 1'   156.162 
ILE 'L-peptide linking' y ISOLEUCINE      ? 'C6 H13 N O2'      131.173 
LEU 'L-peptide linking' y LEUCINE         ? 'C6 H13 N O2'      131.173 
LYS 'L-peptide linking' y LYSINE          ? 'C6 H15 N2 O2 1'   147.195 
MET 'L-peptide linking' y METHIONINE      ? 'C5 H11 N O2 S'    149.211 
PHE 'L-peptide linking' y PHENYLALANINE   ? 'C9 H11 N O2'      165.189 
PRO 'L-peptide linking' y PROLINE         ? 'C5 H9 N O2'       115.130 
SER 'L-peptide linking' y SERINE          ? 'C3 H7 N O3'       105.093 
THR 'L-peptide linking' y THREONINE       ? 'C4 H9 N O3'       119.119 
TRP 'L-peptide linking' y TRYPTOPHAN      ? 'C11 H12 N2 O2'    204.225 
VAL 'L-peptide linking' y VALINE          ? 'C5 H11 N O2'      117.146 
# 
loop_
_pdbx_poly_seq_scheme.asym_id 
_pdbx_poly_seq_scheme.entity_id 
_pdbx_poly_seq_scheme.seq_id 
_pdbx_poly_seq_scheme.mon_id 
_pdbx_poly_seq_scheme.ndb_seq_num 
_pdbx_poly_seq_scheme.pdb_seq_num 
_pdbx_poly_seq_scheme.auth_seq_num 
_pdbx_poly_seq_scheme.pdb_mon_id 
_pdbx_poly_seq_scheme.auth_mon_id 
_pdbx_poly_seq_scheme.pdb_strand_id 
_pdbx_poly_seq_scheme.pdb_ins_code 
_pdbx_poly_seq_scheme.hetero 
A 1 1  GLN 1  1  1  GLN GLN A . n 
A 1 2  ASP 2  2  2  ASP ASP A . n 
A 1 3  GLY 3  3  3  GLY GLY A . n 
A 1 4  GLU 4  4  4  GLU GLU A . n 
A 1 5  ALA 5  5  5  ALA ALA A . n 
A 1 6  LEU 6  6  6  LEU LEU A . n 
A 1 7  PHE 7  7  7  PHE PHE A . n 
A 1 8  LYS 8  8  8  LYS LYS A . n 
A 1 9  SER 9  9  9  SER SER A . n 
A 1 10 LYS 10 10 10 LYS LYS A . n 
A 1 11 PRO 11 11 11 PRO PRO A . n 
A 1 12 CYS 12 12 12 CYS CYS A . n 
A 1 13 ALA 13 13 13 ALA ALA A . n 
A 1 14 ALA 14 14 14 ALA ALA A . n 
A 1 15 CYS 15 15 15 CYS CYS A . n 
A 1 16 HIS 16 16 16 HIS HIS A . n 
A 1 17 SER 17 17 17 SER SER A . n 
A 1 18 VAL 18 18 18 VAL VAL A . n 
A 1 19 ASP 19 19 19 ASP ASP A . n 
A 1 20 THR 20 20 20 THR THR A . n 
A 1 21 LYS 21 21 21 LYS LYS A . n 
A 1 22 MET 22 22 22 MET MET A . n 
A 1 23 VAL 23 23 23 VAL VAL A . n 
A 1 24 GLY 24 24 24 GLY GLY A . n 
A 1 25 PRO 25 25 25 PRO PRO A . n 
A 1 26 ALA 26 26 26 ALA ALA A . n 
A 1 27 LEU 27 27 27 LEU LEU A . n 
A 1 28 LYS 28 28 28 LYS LYS A . n 
A 1 29 GLU 29 29 29 GLU GLU A . n 
A 1 30 VAL 30 30 30 VAL VAL A . n 
A 1 31 ALA 31 31 31 ALA ALA A . n 
A 1 32 ALA 32 32 32 ALA ALA A . n 
A 1 33 LYS 33 33 33 LYS LYS A . n 
A 1 34 ASN 34 34 34 ASN ASN A . n 
A 1 35 ALA 35 35 35 ALA ALA A . n 
A 1 36 GLY 36 36 36 GLY GLY A . n 
A 1 37 VAL 37 37 37 VAL VAL A . n 
A 1 38 GLU 38 38 38 GLU GLU A . n 
A 1 39 GLY 39 39 39 GLY GLY A . n 
A 1 40 ALA 40 40 40 ALA ALA A . n 
A 1 41 ALA 41 41 41 ALA ALA A . n 
A 1 42 ASP 42 42 42 ASP ASP A . n 
A 1 43 THR 43 43 43 THR THR A . n 
A 1 44 LEU 44 44 44 LEU LEU A . n 
A 1 45 ALA 45 45 45 ALA ALA A . n 
A 1 46 LEU 46 46 46 LEU LEU A . n 
A 1 47 ALA 47 47 47 ALA ALA A . n 
A 1 48 ILE 48 48 48 ILE ILE A . n 
A 1 49 LYS 49 49 49 LYS LYS A . n 
A 1 50 ASN 50 50 50 ASN ASN A . n 
A 1 51 GLY 51 51 51 GLY GLY A . n 
A 1 52 SER 52 52 52 SER SER A . n 
A 1 53 GLN 53 53 53 GLN GLN A . n 
A 1 54 GLY 54 54 54 GLY GLY A . n 
A 1 55 VAL 55 55 55 VAL VAL A . n 
A 1 56 TRP 56 56 56 TRP TRP A . n 
A 1 57 GLY 57 57 57 GLY GLY A . n 
A 1 58 PRO 58 58 58 PRO PRO A . n 
A 1 59 ILE 59 59 59 ILE ILE A . n 
A 1 60 PRO 60 60 60 PRO PRO A . n 
A 1 61 MET 61 61 61 MET MET A . n 
A 1 62 PRO 62 62 62 PRO PRO A . n 
A 1 63 PRO 63 63 63 PRO PRO A . n 
A 1 64 ASN 64 64 64 ASN ASN A . n 
A 1 65 PRO 65 65 65 PRO PRO A . n 
A 1 66 VAL 66 66 66 VAL VAL A . n 
A 1 67 THR 67 67 67 THR THR A . n 
A 1 68 GLU 68 68 68 GLU GLU A . n 
A 1 69 GLU 69 69 69 GLU GLU A . n 
A 1 70 GLU 70 70 70 GLU GLU A . n 
A 1 71 ALA 71 71 71 ALA ALA A . n 
A 1 72 LYS 72 72 72 LYS LYS A . n 
A 1 73 ILE 73 73 73 ILE ILE A . n 
A 1 74 LEU 74 74 74 LEU LEU A . n 
A 1 75 ALA 75 75 75 ALA ALA A . n 
A 1 76 GLU 76 76 76 GLU GLU A . n 
A 1 77 TRP 77 77 77 TRP TRP A . n 
A 1 78 VAL 78 78 78 VAL VAL A . n 
A 1 79 LEU 79 79 79 LEU LEU A . n 
A 1 80 SER 80 80 80 SER SER A . n 
A 1 81 LEU 81 81 81 LEU LEU A . n 
A 1 82 LYS 82 82 82 LYS LYS A . n 
# 
_pdbx_nonpoly_scheme.asym_id         B 
_pdbx_nonpoly_scheme.entity_id       2 
_pdbx_nonpoly_scheme.mon_id          HEC 
_pdbx_nonpoly_scheme.ndb_seq_num     1 
_pdbx_nonpoly_scheme.pdb_seq_num     83 
_pdbx_nonpoly_scheme.auth_seq_num    83 
_pdbx_nonpoly_scheme.pdb_mon_id      HEC 
_pdbx_nonpoly_scheme.auth_mon_id     HEC 
_pdbx_nonpoly_scheme.pdb_strand_id   A 
_pdbx_nonpoly_scheme.pdb_ins_code    . 
# 
_exptl.entry_id          2I8F 
_exptl.method            'SOLUTION NMR' 
_exptl.crystals_number   ? 
# 
_exptl_crystal.id                    1 
_exptl_crystal.density_meas          ? 
_exptl_crystal.density_Matthews      ? 
_exptl_crystal.density_percent_sol   ? 
_exptl_crystal.description           ? 
# 
_diffrn.id                     1 
_diffrn.ambient_temp           ? 
_diffrn.ambient_temp_details   ? 
_diffrn.crystal_id             1 
# 
_diffrn_radiation.diffrn_id                        1 
_diffrn_radiation.wavelength_id                    1 
_diffrn_radiation.monochromator                    ? 
_diffrn_radiation.pdbx_monochromatic_or_laue_m_l   M 
_diffrn_radiation.pdbx_diffrn_protocol             'SINGLE WAVELENGTH' 
_diffrn_radiation.pdbx_scattering_type             ? 
# 
_diffrn_radiation_wavelength.id           1 
_diffrn_radiation_wavelength.wavelength   . 
_diffrn_radiation_wavelength.wt           1.0 
# 
_struct.entry_id                  2I8F 
_struct.title                     'Solution Conformation of the H47A Mutant of Pseudomonas stutzeri ZoBell Ferrocytochrome c-551' 
_struct.pdbx_model_details        ? 
_struct.pdbx_CASP_flag            ? 
_struct.pdbx_model_type_details   'minimized average' 
# 
_struct_keywords.entry_id        2I8F 
_struct_keywords.pdbx_keywords   'ELECTRON TRANSPORT' 
_struct_keywords.text            'helix-turn-helix, cytochrome, ELECTRON TRANSPORT' 
# 
loop_
_struct_asym.id 
_struct_asym.pdbx_blank_PDB_chainid_flag 
_struct_asym.pdbx_modified 
_struct_asym.entity_id 
_struct_asym.details 
A N N 1 ? 
B N N 2 ? 
# 
_struct_ref.id                         1 
_struct_ref.db_name                    UNP 
_struct_ref.db_code                    CY551_PSEST 
_struct_ref.pdbx_db_accession          P00101 
_struct_ref.entity_id                  1 
_struct_ref.pdbx_seq_one_letter_code   
;QDGEALFKSKPCAACHSVDTKMVGPALKEVAAKNAGVEGAADTLALHIKNGSQGVWGPIPMPPNPVTEEEAKILAEWVLS
LK
;
_struct_ref.pdbx_align_begin           23 
_struct_ref.pdbx_db_isoform            ? 
# 
_struct_ref_seq.align_id                      1 
_struct_ref_seq.ref_id                        1 
_struct_ref_seq.pdbx_PDB_id_code              2I8F 
_struct_ref_seq.pdbx_strand_id                A 
_struct_ref_seq.seq_align_beg                 1 
_struct_ref_seq.pdbx_seq_align_beg_ins_code   ? 
_struct_ref_seq.seq_align_end                 82 
_struct_ref_seq.pdbx_seq_align_end_ins_code   ? 
_struct_ref_seq.pdbx_db_accession             P00101 
_struct_ref_seq.db_align_beg                  23 
_struct_ref_seq.pdbx_db_align_beg_ins_code    ? 
_struct_ref_seq.db_align_end                  104 
_struct_ref_seq.pdbx_db_align_end_ins_code    ? 
_struct_ref_seq.pdbx_auth_seq_align_beg       1 
_struct_ref_seq.pdbx_auth_seq_align_end       82 
# 
_struct_ref_seq_dif.align_id                     1 
_struct_ref_seq_dif.pdbx_pdb_id_code             2I8F 
_struct_ref_seq_dif.mon_id                       ALA 
_struct_ref_seq_dif.pdbx_pdb_strand_id           A 
_struct_ref_seq_dif.seq_num                      47 
_struct_ref_seq_dif.pdbx_pdb_ins_code            ? 
_struct_ref_seq_dif.pdbx_seq_db_name             UNP 
_struct_ref_seq_dif.pdbx_seq_db_accession_code   P00101 
_struct_ref_seq_dif.db_mon_id                    HIS 
_struct_ref_seq_dif.pdbx_seq_db_seq_num          69 
_struct_ref_seq_dif.details                      'engineered mutation' 
_struct_ref_seq_dif.pdbx_auth_seq_num            47 
_struct_ref_seq_dif.pdbx_ordinal                 1 
# 
_pdbx_struct_assembly.id                   1 
_pdbx_struct_assembly.details              author_defined_assembly 
_pdbx_struct_assembly.method_details       ? 
_pdbx_struct_assembly.oligomeric_details   monomeric 
_pdbx_struct_assembly.oligomeric_count     1 
# 
_pdbx_struct_assembly_gen.assembly_id       1 
_pdbx_struct_assembly_gen.oper_expression   1 
_pdbx_struct_assembly_gen.asym_id_list      A,B 
# 
_pdbx_struct_oper_list.id                   1 
_pdbx_struct_oper_list.type                 'identity operation' 
_pdbx_struct_oper_list.name                 1_555 
_pdbx_struct_oper_list.symmetry_operation   ? 
_pdbx_struct_oper_list.matrix[1][1]         1.0000000000 
_pdbx_struct_oper_list.matrix[1][2]         0.0000000000 
_pdbx_struct_oper_list.matrix[1][3]         0.0000000000 
_pdbx_struct_oper_list.vector[1]            0.0000000000 
_pdbx_struct_oper_list.matrix[2][1]         0.0000000000 
_pdbx_struct_oper_list.matrix[2][2]         1.0000000000 
_pdbx_struct_oper_list.matrix[2][3]         0.0000000000 
_pdbx_struct_oper_list.vector[2]            0.0000000000 
_pdbx_struct_oper_list.matrix[3][1]         0.0000000000 
_pdbx_struct_oper_list.matrix[3][2]         0.0000000000 
_pdbx_struct_oper_list.matrix[3][3]         1.0000000000 
_pdbx_struct_oper_list.vector[3]            0.0000000000 
# 
_struct_biol.id   1 
# 
loop_
_struct_conf.conf_type_id 
_struct_conf.id 
_struct_conf.pdbx_PDB_helix_id 
_struct_conf.beg_label_comp_id 
_struct_conf.beg_label_asym_id 
_struct_conf.beg_label_seq_id 
_struct_conf.pdbx_beg_PDB_ins_code 
_struct_conf.end_label_comp_id 
_struct_conf.end_label_asym_id 
_struct_conf.end_label_seq_id 
_struct_conf.pdbx_end_PDB_ins_code 
_struct_conf.beg_auth_comp_id 
_struct_conf.beg_auth_asym_id 
_struct_conf.beg_auth_seq_id 
_struct_conf.end_auth_comp_id 
_struct_conf.end_auth_asym_id 
_struct_conf.end_auth_seq_id 
_struct_conf.pdbx_PDB_helix_class 
_struct_conf.details 
_struct_conf.pdbx_PDB_helix_length 
HELX_P HELX_P1 1 ASP A 2  ? LYS A 10 ? ASP A 2  LYS A 10 1 ? 9  
HELX_P HELX_P2 2 ALA A 26 ? ASN A 34 ? ALA A 26 ASN A 34 1 ? 9  
HELX_P HELX_P3 3 GLY A 39 ? ASN A 50 ? GLY A 39 ASN A 50 1 ? 12 
HELX_P HELX_P4 4 THR A 67 ? SER A 80 ? THR A 67 SER A 80 1 ? 14 
# 
_struct_conf_type.id          HELX_P 
_struct_conf_type.criteria    ? 
_struct_conf_type.reference   ? 
# 
loop_
_struct_conn.id 
_struct_conn.conn_type_id 
_struct_conn.pdbx_leaving_atom_flag 
_struct_conn.pdbx_PDB_id 
_struct_conn.ptnr1_label_asym_id 
_struct_conn.ptnr1_label_comp_id 
_struct_conn.ptnr1_label_seq_id 
_struct_conn.ptnr1_label_atom_id 
_struct_conn.pdbx_ptnr1_label_alt_id 
_struct_conn.pdbx_ptnr1_PDB_ins_code 
_struct_conn.pdbx_ptnr1_standard_comp_id 
_struct_conn.ptnr1_symmetry 
_struct_conn.ptnr2_label_asym_id 
_struct_conn.ptnr2_label_comp_id 
_struct_conn.ptnr2_label_seq_id 
_struct_conn.ptnr2_label_atom_id 
_struct_conn.pdbx_ptnr2_label_alt_id 
_struct_conn.pdbx_ptnr2_PDB_ins_code 
_struct_conn.ptnr1_auth_asym_id 
_struct_conn.ptnr1_auth_comp_id 
_struct_conn.ptnr1_auth_seq_id 
_struct_conn.ptnr2_auth_asym_id 
_struct_conn.ptnr2_auth_comp_id 
_struct_conn.ptnr2_auth_seq_id 
_struct_conn.ptnr2_symmetry 
_struct_conn.pdbx_ptnr3_label_atom_id 
_struct_conn.pdbx_ptnr3_label_seq_id 
_struct_conn.pdbx_ptnr3_label_comp_id 
_struct_conn.pdbx_ptnr3_label_asym_id 
_struct_conn.pdbx_ptnr3_label_alt_id 
_struct_conn.pdbx_ptnr3_PDB_ins_code 
_struct_conn.details 
_struct_conn.pdbx_dist_value 
_struct_conn.pdbx_value_order 
_struct_conn.pdbx_role 
covale1 covale none ? A CYS 12 SG  ? ? ? 1_555 B HEC . CAB ? ? A CYS 12 A HEC 83 1_555 ? ? ? ? ? ? ? 1.832 ? ? 
covale2 covale none ? A CYS 15 SG  ? ? ? 1_555 B HEC . CAC ? ? A CYS 15 A HEC 83 1_555 ? ? ? ? ? ? ? 1.841 ? ? 
metalc1 metalc ?    ? A HIS 16 NE2 ? ? ? 1_555 B HEC . FE  ? ? A HIS 16 A HEC 83 1_555 ? ? ? ? ? ? ? 1.959 ? ? 
metalc2 metalc ?    ? A MET 61 SD  ? ? ? 1_555 B HEC . FE  ? ? A MET 61 A HEC 83 1_555 ? ? ? ? ? ? ? 2.378 ? ? 
# 
loop_
_struct_conn_type.id 
_struct_conn_type.criteria 
_struct_conn_type.reference 
covale ? ? 
metalc ? ? 
# 
loop_
_pdbx_struct_conn_angle.id 
_pdbx_struct_conn_angle.ptnr1_label_atom_id 
_pdbx_struct_conn_angle.ptnr1_label_alt_id 
_pdbx_struct_conn_angle.ptnr1_label_asym_id 
_pdbx_struct_conn_angle.ptnr1_label_comp_id 
_pdbx_struct_conn_angle.ptnr1_label_seq_id 
_pdbx_struct_conn_angle.ptnr1_auth_atom_id 
_pdbx_struct_conn_angle.ptnr1_auth_asym_id 
_pdbx_struct_conn_angle.ptnr1_auth_comp_id 
_pdbx_struct_conn_angle.ptnr1_auth_seq_id 
_pdbx_struct_conn_angle.ptnr1_PDB_ins_code 
_pdbx_struct_conn_angle.ptnr1_symmetry 
_pdbx_struct_conn_angle.ptnr2_label_atom_id 
_pdbx_struct_conn_angle.ptnr2_label_alt_id 
_pdbx_struct_conn_angle.ptnr2_label_asym_id 
_pdbx_struct_conn_angle.ptnr2_label_comp_id 
_pdbx_struct_conn_angle.ptnr2_label_seq_id 
_pdbx_struct_conn_angle.ptnr2_auth_atom_id 
_pdbx_struct_conn_angle.ptnr2_auth_asym_id 
_pdbx_struct_conn_angle.ptnr2_auth_comp_id 
_pdbx_struct_conn_angle.ptnr2_auth_seq_id 
_pdbx_struct_conn_angle.ptnr2_PDB_ins_code 
_pdbx_struct_conn_angle.ptnr2_symmetry 
_pdbx_struct_conn_angle.ptnr3_label_atom_id 
_pdbx_struct_conn_angle.ptnr3_label_alt_id 
_pdbx_struct_conn_angle.ptnr3_label_asym_id 
_pdbx_struct_conn_angle.ptnr3_label_comp_id 
_pdbx_struct_conn_angle.ptnr3_label_seq_id 
_pdbx_struct_conn_angle.ptnr3_auth_atom_id 
_pdbx_struct_conn_angle.ptnr3_auth_asym_id 
_pdbx_struct_conn_angle.ptnr3_auth_comp_id 
_pdbx_struct_conn_angle.ptnr3_auth_seq_id 
_pdbx_struct_conn_angle.ptnr3_PDB_ins_code 
_pdbx_struct_conn_angle.ptnr3_symmetry 
_pdbx_struct_conn_angle.value 
_pdbx_struct_conn_angle.value_esd 
1  NE2 ? A HIS 16 ? A HIS 16 ? 1_555 FE ? B HEC . ? A HEC 83 ? 1_555 NA ? B HEC .  ? A HEC 83 ? 1_555 89.8  ? 
2  NE2 ? A HIS 16 ? A HIS 16 ? 1_555 FE ? B HEC . ? A HEC 83 ? 1_555 NB ? B HEC .  ? A HEC 83 ? 1_555 90.2  ? 
3  NA  ? B HEC .  ? A HEC 83 ? 1_555 FE ? B HEC . ? A HEC 83 ? 1_555 NB ? B HEC .  ? A HEC 83 ? 1_555 90.2  ? 
4  NE2 ? A HIS 16 ? A HIS 16 ? 1_555 FE ? B HEC . ? A HEC 83 ? 1_555 NC ? B HEC .  ? A HEC 83 ? 1_555 90.4  ? 
5  NA  ? B HEC .  ? A HEC 83 ? 1_555 FE ? B HEC . ? A HEC 83 ? 1_555 NC ? B HEC .  ? A HEC 83 ? 1_555 179.8 ? 
6  NB  ? B HEC .  ? A HEC 83 ? 1_555 FE ? B HEC . ? A HEC 83 ? 1_555 NC ? B HEC .  ? A HEC 83 ? 1_555 89.8  ? 
7  NE2 ? A HIS 16 ? A HIS 16 ? 1_555 FE ? B HEC . ? A HEC 83 ? 1_555 ND ? B HEC .  ? A HEC 83 ? 1_555 89.5  ? 
8  NA  ? B HEC .  ? A HEC 83 ? 1_555 FE ? B HEC . ? A HEC 83 ? 1_555 ND ? B HEC .  ? A HEC 83 ? 1_555 90.1  ? 
9  NB  ? B HEC .  ? A HEC 83 ? 1_555 FE ? B HEC . ? A HEC 83 ? 1_555 ND ? B HEC .  ? A HEC 83 ? 1_555 179.5 ? 
10 NC  ? B HEC .  ? A HEC 83 ? 1_555 FE ? B HEC . ? A HEC 83 ? 1_555 ND ? B HEC .  ? A HEC 83 ? 1_555 89.9  ? 
11 NE2 ? A HIS 16 ? A HIS 16 ? 1_555 FE ? B HEC . ? A HEC 83 ? 1_555 SD ? A MET 61 ? A MET 61 ? 1_555 177.9 ? 
12 NA  ? B HEC .  ? A HEC 83 ? 1_555 FE ? B HEC . ? A HEC 83 ? 1_555 SD ? A MET 61 ? A MET 61 ? 1_555 88.2  ? 
13 NB  ? B HEC .  ? A HEC 83 ? 1_555 FE ? B HEC . ? A HEC 83 ? 1_555 SD ? A MET 61 ? A MET 61 ? 1_555 90.4  ? 
14 NC  ? B HEC .  ? A HEC 83 ? 1_555 FE ? B HEC . ? A HEC 83 ? 1_555 SD ? A MET 61 ? A MET 61 ? 1_555 91.7  ? 
15 ND  ? B HEC .  ? A HEC 83 ? 1_555 FE ? B HEC . ? A HEC 83 ? 1_555 SD ? A MET 61 ? A MET 61 ? 1_555 90.0  ? 
# 
loop_
_pdbx_modification_feature.ordinal 
_pdbx_modification_feature.label_comp_id 
_pdbx_modification_feature.label_asym_id 
_pdbx_modification_feature.label_seq_id 
_pdbx_modification_feature.label_alt_id 
_pdbx_modification_feature.modified_residue_label_comp_id 
_pdbx_modification_feature.modified_residue_label_asym_id 
_pdbx_modification_feature.modified_residue_label_seq_id 
_pdbx_modification_feature.modified_residue_label_alt_id 
_pdbx_modification_feature.auth_comp_id 
_pdbx_modification_feature.auth_asym_id 
_pdbx_modification_feature.auth_seq_id 
_pdbx_modification_feature.PDB_ins_code 
_pdbx_modification_feature.symmetry 
_pdbx_modification_feature.modified_residue_auth_comp_id 
_pdbx_modification_feature.modified_residue_auth_asym_id 
_pdbx_modification_feature.modified_residue_auth_seq_id 
_pdbx_modification_feature.modified_residue_PDB_ins_code 
_pdbx_modification_feature.modified_residue_symmetry 
_pdbx_modification_feature.comp_id_linking_atom 
_pdbx_modification_feature.modified_residue_id_linking_atom 
_pdbx_modification_feature.modified_residue_id 
_pdbx_modification_feature.ref_pcm_id 
_pdbx_modification_feature.ref_comp_id 
_pdbx_modification_feature.type 
_pdbx_modification_feature.category 
1 HEC B . ? CYS A 12 ? HEC A 83 ? 1_555 CYS A 12 ? 1_555 CAB SG CYS 2 HEC None Heme/heme-like 
2 HEC B . ? CYS A 15 ? HEC A 83 ? 1_555 CYS A 15 ? 1_555 CAC SG CYS 3 HEC None Heme/heme-like 
# 
_struct_site.id                   AC1 
_struct_site.pdbx_evidence_code   Software 
_struct_site.pdbx_auth_asym_id    A 
_struct_site.pdbx_auth_comp_id    HEC 
_struct_site.pdbx_auth_seq_id     83 
_struct_site.pdbx_auth_ins_code   ? 
_struct_site.pdbx_num_residues    16 
_struct_site.details              'BINDING SITE FOR RESIDUE HEC A 83' 
# 
loop_
_struct_site_gen.id 
_struct_site_gen.site_id 
_struct_site_gen.pdbx_num_res 
_struct_site_gen.label_comp_id 
_struct_site_gen.label_asym_id 
_struct_site_gen.label_seq_id 
_struct_site_gen.pdbx_auth_ins_code 
_struct_site_gen.auth_comp_id 
_struct_site_gen.auth_asym_id 
_struct_site_gen.auth_seq_id 
_struct_site_gen.label_atom_id 
_struct_site_gen.label_alt_id 
_struct_site_gen.symmetry 
_struct_site_gen.details 
1  AC1 16 PRO A 11 ? PRO A 11 . ? 1_555 ? 
2  AC1 16 CYS A 12 ? CYS A 12 . ? 1_555 ? 
3  AC1 16 CYS A 15 ? CYS A 15 . ? 1_555 ? 
4  AC1 16 HIS A 16 ? HIS A 16 . ? 1_555 ? 
5  AC1 16 PRO A 25 ? PRO A 25 . ? 1_555 ? 
6  AC1 16 LEU A 44 ? LEU A 44 . ? 1_555 ? 
7  AC1 16 ALA A 47 ? ALA A 47 . ? 1_555 ? 
8  AC1 16 ILE A 48 ? ILE A 48 . ? 1_555 ? 
9  AC1 16 SER A 52 ? SER A 52 . ? 1_555 ? 
10 AC1 16 GLY A 54 ? GLY A 54 . ? 1_555 ? 
11 AC1 16 VAL A 55 ? VAL A 55 . ? 1_555 ? 
12 AC1 16 TRP A 56 ? TRP A 56 . ? 1_555 ? 
13 AC1 16 GLY A 57 ? GLY A 57 . ? 1_555 ? 
14 AC1 16 ILE A 59 ? ILE A 59 . ? 1_555 ? 
15 AC1 16 MET A 61 ? MET A 61 . ? 1_555 ? 
16 AC1 16 LEU A 74 ? LEU A 74 . ? 1_555 ? 
# 
_pdbx_entry_details.entry_id                   2I8F 
_pdbx_entry_details.compound_details           ? 
_pdbx_entry_details.source_details             ? 
_pdbx_entry_details.nonpolymer_details         ? 
_pdbx_entry_details.sequence_details           ? 
_pdbx_entry_details.has_ligand_of_interest     ? 
_pdbx_entry_details.has_protein_modification   Y 
# 
loop_
_pdbx_validate_torsion.id 
_pdbx_validate_torsion.PDB_model_num 
_pdbx_validate_torsion.auth_comp_id 
_pdbx_validate_torsion.auth_asym_id 
_pdbx_validate_torsion.auth_seq_id 
_pdbx_validate_torsion.PDB_ins_code 
_pdbx_validate_torsion.label_alt_id 
_pdbx_validate_torsion.phi 
_pdbx_validate_torsion.psi 
1 1 ASP A 19 ? ? -124.41 -61.91 
2 1 MET A 22 ? ? -99.41  -64.47 
3 1 ALA A 35 ? ? -101.97 74.26  
4 1 VAL A 55 ? ? -144.77 -42.62 
# 
_pdbx_nmr_ensemble.entry_id                             2I8F 
_pdbx_nmr_ensemble.conformers_calculated_total_number   ? 
_pdbx_nmr_ensemble.conformers_submitted_total_number    1 
_pdbx_nmr_ensemble.conformer_selection_criteria         ? 
# 
_pdbx_nmr_representative.entry_id             2I8F 
_pdbx_nmr_representative.conformer_id         1 
_pdbx_nmr_representative.selection_criteria   'minimized average structure' 
# 
_pdbx_nmr_sample_details.solution_id      1 
_pdbx_nmr_sample_details.contents         '1.5 mM H47A c-551, 50 mM sodium phosphate buffer, 90% H2O, 10% D2O' 
_pdbx_nmr_sample_details.solvent_system   '90% H2O/10% D2O' 
# 
_pdbx_nmr_exptl_sample_conditions.conditions_id       1 
_pdbx_nmr_exptl_sample_conditions.temperature         298 
_pdbx_nmr_exptl_sample_conditions.pressure            ambient 
_pdbx_nmr_exptl_sample_conditions.pH                  7.0 
_pdbx_nmr_exptl_sample_conditions.ionic_strength      '50 mM' 
_pdbx_nmr_exptl_sample_conditions.pressure_units      ? 
_pdbx_nmr_exptl_sample_conditions.temperature_units   K 
# 
loop_
_pdbx_nmr_exptl.experiment_id 
_pdbx_nmr_exptl.conditions_id 
_pdbx_nmr_exptl.type 
_pdbx_nmr_exptl.solution_id 
1 1 '2D TOCSY' 1 
2 1 '2D NOESY' 1 
3 1 DQF-COSY   1 
# 
_pdbx_nmr_refine.entry_id           2I8F 
_pdbx_nmr_refine.method             'simulated annealing' 
_pdbx_nmr_refine.details            
;The structures are based on a total of 1511 restraints, 1414 are NOE-derived  
distance constraints, 67 dihedral angle restraints, 30 distance restraints   
from hydrogen bonds.
;
_pdbx_nmr_refine.software_ordinal   1 
# 
loop_
_pdbx_nmr_software.classification 
_pdbx_nmr_software.name 
_pdbx_nmr_software.version 
_pdbx_nmr_software.authors 
_pdbx_nmr_software.ordinal 
refinement      ARIA    '2.0 alpha'  
;M.NILGES, S. I. O'DONOGHUE
;
1 
refinement      CNS     1.1          
;A. Brunger, P. D. Adams, G. M. Clore, W. L. Delano, P. Gros, R. W. Gross-Kunstleve, J. S. Jiang, J. Kuszewski, M. Nilges, N. S. Pannu, R. J. Read, L. M. Rice, T. Simonson, G. L. Warren
;
2 
processing      NMRPipe 'July, 2004' 'F. Delaglio, S. Grzesiek, G.W. Vuister, G. Zhu, J. Pfeifer, A. Bax' 3 
collection      TopSpin 1.3          Bruker 4 
'data analysis' NMRView 6.2.10       'B. A. Johnson, R. A. Belvins' 5 
# 
loop_
_chem_comp_atom.comp_id 
_chem_comp_atom.atom_id 
_chem_comp_atom.type_symbol 
_chem_comp_atom.pdbx_aromatic_flag 
_chem_comp_atom.pdbx_stereo_config 
_chem_comp_atom.pdbx_ordinal 
ALA N    N  N N 1   
ALA CA   C  N S 2   
ALA C    C  N N 3   
ALA O    O  N N 4   
ALA CB   C  N N 5   
ALA OXT  O  N N 6   
ALA H    H  N N 7   
ALA H2   H  N N 8   
ALA HA   H  N N 9   
ALA HB1  H  N N 10  
ALA HB2  H  N N 11  
ALA HB3  H  N N 12  
ALA HXT  H  N N 13  
ASN N    N  N N 14  
ASN CA   C  N S 15  
ASN C    C  N N 16  
ASN O    O  N N 17  
ASN CB   C  N N 18  
ASN CG   C  N N 19  
ASN OD1  O  N N 20  
ASN ND2  N  N N 21  
ASN OXT  O  N N 22  
ASN H    H  N N 23  
ASN H2   H  N N 24  
ASN HA   H  N N 25  
ASN HB2  H  N N 26  
ASN HB3  H  N N 27  
ASN HD21 H  N N 28  
ASN HD22 H  N N 29  
ASN HXT  H  N N 30  
ASP N    N  N N 31  
ASP CA   C  N S 32  
ASP C    C  N N 33  
ASP O    O  N N 34  
ASP CB   C  N N 35  
ASP CG   C  N N 36  
ASP OD1  O  N N 37  
ASP OD2  O  N N 38  
ASP OXT  O  N N 39  
ASP H    H  N N 40  
ASP H2   H  N N 41  
ASP HA   H  N N 42  
ASP HB2  H  N N 43  
ASP HB3  H  N N 44  
ASP HD2  H  N N 45  
ASP HXT  H  N N 46  
CYS N    N  N N 47  
CYS CA   C  N R 48  
CYS C    C  N N 49  
CYS O    O  N N 50  
CYS CB   C  N N 51  
CYS SG   S  N N 52  
CYS OXT  O  N N 53  
CYS H    H  N N 54  
CYS H2   H  N N 55  
CYS HA   H  N N 56  
CYS HB2  H  N N 57  
CYS HB3  H  N N 58  
CYS HG   H  N N 59  
CYS HXT  H  N N 60  
GLN N    N  N N 61  
GLN CA   C  N S 62  
GLN C    C  N N 63  
GLN O    O  N N 64  
GLN CB   C  N N 65  
GLN CG   C  N N 66  
GLN CD   C  N N 67  
GLN OE1  O  N N 68  
GLN NE2  N  N N 69  
GLN OXT  O  N N 70  
GLN H    H  N N 71  
GLN H2   H  N N 72  
GLN HA   H  N N 73  
GLN HB2  H  N N 74  
GLN HB3  H  N N 75  
GLN HG2  H  N N 76  
GLN HG3  H  N N 77  
GLN HE21 H  N N 78  
GLN HE22 H  N N 79  
GLN HXT  H  N N 80  
GLU N    N  N N 81  
GLU CA   C  N S 82  
GLU C    C  N N 83  
GLU O    O  N N 84  
GLU CB   C  N N 85  
GLU CG   C  N N 86  
GLU CD   C  N N 87  
GLU OE1  O  N N 88  
GLU OE2  O  N N 89  
GLU OXT  O  N N 90  
GLU H    H  N N 91  
GLU H2   H  N N 92  
GLU HA   H  N N 93  
GLU HB2  H  N N 94  
GLU HB3  H  N N 95  
GLU HG2  H  N N 96  
GLU HG3  H  N N 97  
GLU HE2  H  N N 98  
GLU HXT  H  N N 99  
GLY N    N  N N 100 
GLY CA   C  N N 101 
GLY C    C  N N 102 
GLY O    O  N N 103 
GLY OXT  O  N N 104 
GLY H    H  N N 105 
GLY H2   H  N N 106 
GLY HA2  H  N N 107 
GLY HA3  H  N N 108 
GLY HXT  H  N N 109 
HEC FE   FE N N 110 
HEC CHA  C  N N 111 
HEC CHB  C  N N 112 
HEC CHC  C  N N 113 
HEC CHD  C  N N 114 
HEC NA   N  Y N 115 
HEC C1A  C  Y N 116 
HEC C2A  C  Y N 117 
HEC C3A  C  Y N 118 
HEC C4A  C  Y N 119 
HEC CMA  C  N N 120 
HEC CAA  C  N N 121 
HEC CBA  C  N N 122 
HEC CGA  C  N N 123 
HEC O1A  O  N N 124 
HEC O2A  O  N N 125 
HEC NB   N  Y N 126 
HEC C1B  C  Y N 127 
HEC C2B  C  Y N 128 
HEC C3B  C  Y N 129 
HEC C4B  C  Y N 130 
HEC CMB  C  N N 131 
HEC CAB  C  N N 132 
HEC CBB  C  N N 133 
HEC NC   N  Y N 134 
HEC C1C  C  Y N 135 
HEC C2C  C  Y N 136 
HEC C3C  C  Y N 137 
HEC C4C  C  Y N 138 
HEC CMC  C  N N 139 
HEC CAC  C  N N 140 
HEC CBC  C  N N 141 
HEC ND   N  Y N 142 
HEC C1D  C  Y N 143 
HEC C2D  C  Y N 144 
HEC C3D  C  Y N 145 
HEC C4D  C  Y N 146 
HEC CMD  C  N N 147 
HEC CAD  C  N N 148 
HEC CBD  C  N N 149 
HEC CGD  C  N N 150 
HEC O1D  O  N N 151 
HEC O2D  O  N N 152 
HEC HHA  H  N N 153 
HEC HHB  H  N N 154 
HEC HHC  H  N N 155 
HEC HHD  H  N N 156 
HEC HMA1 H  N N 157 
HEC HMA2 H  N N 158 
HEC HMA3 H  N N 159 
HEC HAA1 H  N N 160 
HEC HAA2 H  N N 161 
HEC HBA1 H  N N 162 
HEC HBA2 H  N N 163 
HEC H2A  H  N N 164 
HEC HMB1 H  N N 165 
HEC HMB2 H  N N 166 
HEC HMB3 H  N N 167 
HEC HAB  H  N N 168 
HEC HBB1 H  N N 169 
HEC HBB2 H  N N 170 
HEC HBB3 H  N N 171 
HEC HMC1 H  N N 172 
HEC HMC2 H  N N 173 
HEC HMC3 H  N N 174 
HEC HAC  H  N N 175 
HEC HBC1 H  N N 176 
HEC HBC2 H  N N 177 
HEC HBC3 H  N N 178 
HEC HMD1 H  N N 179 
HEC HMD2 H  N N 180 
HEC HMD3 H  N N 181 
HEC HAD1 H  N N 182 
HEC HAD2 H  N N 183 
HEC HBD1 H  N N 184 
HEC HBD2 H  N N 185 
HEC H2D  H  N N 186 
HIS N    N  N N 187 
HIS CA   C  N S 188 
HIS C    C  N N 189 
HIS O    O  N N 190 
HIS CB   C  N N 191 
HIS CG   C  Y N 192 
HIS ND1  N  Y N 193 
HIS CD2  C  Y N 194 
HIS CE1  C  Y N 195 
HIS NE2  N  Y N 196 
HIS OXT  O  N N 197 
HIS H    H  N N 198 
HIS H2   H  N N 199 
HIS HA   H  N N 200 
HIS HB2  H  N N 201 
HIS HB3  H  N N 202 
HIS HD1  H  N N 203 
HIS HD2  H  N N 204 
HIS HE1  H  N N 205 
HIS HE2  H  N N 206 
HIS HXT  H  N N 207 
ILE N    N  N N 208 
ILE CA   C  N S 209 
ILE C    C  N N 210 
ILE O    O  N N 211 
ILE CB   C  N S 212 
ILE CG1  C  N N 213 
ILE CG2  C  N N 214 
ILE CD1  C  N N 215 
ILE OXT  O  N N 216 
ILE H    H  N N 217 
ILE H2   H  N N 218 
ILE HA   H  N N 219 
ILE HB   H  N N 220 
ILE HG12 H  N N 221 
ILE HG13 H  N N 222 
ILE HG21 H  N N 223 
ILE HG22 H  N N 224 
ILE HG23 H  N N 225 
ILE HD11 H  N N 226 
ILE HD12 H  N N 227 
ILE HD13 H  N N 228 
ILE HXT  H  N N 229 
LEU N    N  N N 230 
LEU CA   C  N S 231 
LEU C    C  N N 232 
LEU O    O  N N 233 
LEU CB   C  N N 234 
LEU CG   C  N N 235 
LEU CD1  C  N N 236 
LEU CD2  C  N N 237 
LEU OXT  O  N N 238 
LEU H    H  N N 239 
LEU H2   H  N N 240 
LEU HA   H  N N 241 
LEU HB2  H  N N 242 
LEU HB3  H  N N 243 
LEU HG   H  N N 244 
LEU HD11 H  N N 245 
LEU HD12 H  N N 246 
LEU HD13 H  N N 247 
LEU HD21 H  N N 248 
LEU HD22 H  N N 249 
LEU HD23 H  N N 250 
LEU HXT  H  N N 251 
LYS N    N  N N 252 
LYS CA   C  N S 253 
LYS C    C  N N 254 
LYS O    O  N N 255 
LYS CB   C  N N 256 
LYS CG   C  N N 257 
LYS CD   C  N N 258 
LYS CE   C  N N 259 
LYS NZ   N  N N 260 
LYS OXT  O  N N 261 
LYS H    H  N N 262 
LYS H2   H  N N 263 
LYS HA   H  N N 264 
LYS HB2  H  N N 265 
LYS HB3  H  N N 266 
LYS HG2  H  N N 267 
LYS HG3  H  N N 268 
LYS HD2  H  N N 269 
LYS HD3  H  N N 270 
LYS HE2  H  N N 271 
LYS HE3  H  N N 272 
LYS HZ1  H  N N 273 
LYS HZ2  H  N N 274 
LYS HZ3  H  N N 275 
LYS HXT  H  N N 276 
MET N    N  N N 277 
MET CA   C  N S 278 
MET C    C  N N 279 
MET O    O  N N 280 
MET CB   C  N N 281 
MET CG   C  N N 282 
MET SD   S  N N 283 
MET CE   C  N N 284 
MET OXT  O  N N 285 
MET H    H  N N 286 
MET H2   H  N N 287 
MET HA   H  N N 288 
MET HB2  H  N N 289 
MET HB3  H  N N 290 
MET HG2  H  N N 291 
MET HG3  H  N N 292 
MET HE1  H  N N 293 
MET HE2  H  N N 294 
MET HE3  H  N N 295 
MET HXT  H  N N 296 
PHE N    N  N N 297 
PHE CA   C  N S 298 
PHE C    C  N N 299 
PHE O    O  N N 300 
PHE CB   C  N N 301 
PHE CG   C  Y N 302 
PHE CD1  C  Y N 303 
PHE CD2  C  Y N 304 
PHE CE1  C  Y N 305 
PHE CE2  C  Y N 306 
PHE CZ   C  Y N 307 
PHE OXT  O  N N 308 
PHE H    H  N N 309 
PHE H2   H  N N 310 
PHE HA   H  N N 311 
PHE HB2  H  N N 312 
PHE HB3  H  N N 313 
PHE HD1  H  N N 314 
PHE HD2  H  N N 315 
PHE HE1  H  N N 316 
PHE HE2  H  N N 317 
PHE HZ   H  N N 318 
PHE HXT  H  N N 319 
PRO N    N  N N 320 
PRO CA   C  N S 321 
PRO C    C  N N 322 
PRO O    O  N N 323 
PRO CB   C  N N 324 
PRO CG   C  N N 325 
PRO CD   C  N N 326 
PRO OXT  O  N N 327 
PRO H    H  N N 328 
PRO HA   H  N N 329 
PRO HB2  H  N N 330 
PRO HB3  H  N N 331 
PRO HG2  H  N N 332 
PRO HG3  H  N N 333 
PRO HD2  H  N N 334 
PRO HD3  H  N N 335 
PRO HXT  H  N N 336 
SER N    N  N N 337 
SER CA   C  N S 338 
SER C    C  N N 339 
SER O    O  N N 340 
SER CB   C  N N 341 
SER OG   O  N N 342 
SER OXT  O  N N 343 
SER H    H  N N 344 
SER H2   H  N N 345 
SER HA   H  N N 346 
SER HB2  H  N N 347 
SER HB3  H  N N 348 
SER HG   H  N N 349 
SER HXT  H  N N 350 
THR N    N  N N 351 
THR CA   C  N S 352 
THR C    C  N N 353 
THR O    O  N N 354 
THR CB   C  N R 355 
THR OG1  O  N N 356 
THR CG2  C  N N 357 
THR OXT  O  N N 358 
THR H    H  N N 359 
THR H2   H  N N 360 
THR HA   H  N N 361 
THR HB   H  N N 362 
THR HG1  H  N N 363 
THR HG21 H  N N 364 
THR HG22 H  N N 365 
THR HG23 H  N N 366 
THR HXT  H  N N 367 
TRP N    N  N N 368 
TRP CA   C  N S 369 
TRP C    C  N N 370 
TRP O    O  N N 371 
TRP CB   C  N N 372 
TRP CG   C  Y N 373 
TRP CD1  C  Y N 374 
TRP CD2  C  Y N 375 
TRP NE1  N  Y N 376 
TRP CE2  C  Y N 377 
TRP CE3  C  Y N 378 
TRP CZ2  C  Y N 379 
TRP CZ3  C  Y N 380 
TRP CH2  C  Y N 381 
TRP OXT  O  N N 382 
TRP H    H  N N 383 
TRP H2   H  N N 384 
TRP HA   H  N N 385 
TRP HB2  H  N N 386 
TRP HB3  H  N N 387 
TRP HD1  H  N N 388 
TRP HE1  H  N N 389 
TRP HE3  H  N N 390 
TRP HZ2  H  N N 391 
TRP HZ3  H  N N 392 
TRP HH2  H  N N 393 
TRP HXT  H  N N 394 
VAL N    N  N N 395 
VAL CA   C  N S 396 
VAL C    C  N N 397 
VAL O    O  N N 398 
VAL CB   C  N N 399 
VAL CG1  C  N N 400 
VAL CG2  C  N N 401 
VAL OXT  O  N N 402 
VAL H    H  N N 403 
VAL H2   H  N N 404 
VAL HA   H  N N 405 
VAL HB   H  N N 406 
VAL HG11 H  N N 407 
VAL HG12 H  N N 408 
VAL HG13 H  N N 409 
VAL HG21 H  N N 410 
VAL HG22 H  N N 411 
VAL HG23 H  N N 412 
VAL HXT  H  N N 413 
# 
loop_
_chem_comp_bond.comp_id 
_chem_comp_bond.atom_id_1 
_chem_comp_bond.atom_id_2 
_chem_comp_bond.value_order 
_chem_comp_bond.pdbx_aromatic_flag 
_chem_comp_bond.pdbx_stereo_config 
_chem_comp_bond.pdbx_ordinal 
ALA N   CA   sing N N 1   
ALA N   H    sing N N 2   
ALA N   H2   sing N N 3   
ALA CA  C    sing N N 4   
ALA CA  CB   sing N N 5   
ALA CA  HA   sing N N 6   
ALA C   O    doub N N 7   
ALA C   OXT  sing N N 8   
ALA CB  HB1  sing N N 9   
ALA CB  HB2  sing N N 10  
ALA CB  HB3  sing N N 11  
ALA OXT HXT  sing N N 12  
ASN N   CA   sing N N 13  
ASN N   H    sing N N 14  
ASN N   H2   sing N N 15  
ASN CA  C    sing N N 16  
ASN CA  CB   sing N N 17  
ASN CA  HA   sing N N 18  
ASN C   O    doub N N 19  
ASN C   OXT  sing N N 20  
ASN CB  CG   sing N N 21  
ASN CB  HB2  sing N N 22  
ASN CB  HB3  sing N N 23  
ASN CG  OD1  doub N N 24  
ASN CG  ND2  sing N N 25  
ASN ND2 HD21 sing N N 26  
ASN ND2 HD22 sing N N 27  
ASN OXT HXT  sing N N 28  
ASP N   CA   sing N N 29  
ASP N   H    sing N N 30  
ASP N   H2   sing N N 31  
ASP CA  C    sing N N 32  
ASP CA  CB   sing N N 33  
ASP CA  HA   sing N N 34  
ASP C   O    doub N N 35  
ASP C   OXT  sing N N 36  
ASP CB  CG   sing N N 37  
ASP CB  HB2  sing N N 38  
ASP CB  HB3  sing N N 39  
ASP CG  OD1  doub N N 40  
ASP CG  OD2  sing N N 41  
ASP OD2 HD2  sing N N 42  
ASP OXT HXT  sing N N 43  
CYS N   CA   sing N N 44  
CYS N   H    sing N N 45  
CYS N   H2   sing N N 46  
CYS CA  C    sing N N 47  
CYS CA  CB   sing N N 48  
CYS CA  HA   sing N N 49  
CYS C   O    doub N N 50  
CYS C   OXT  sing N N 51  
CYS CB  SG   sing N N 52  
CYS CB  HB2  sing N N 53  
CYS CB  HB3  sing N N 54  
CYS SG  HG   sing N N 55  
CYS OXT HXT  sing N N 56  
GLN N   CA   sing N N 57  
GLN N   H    sing N N 58  
GLN N   H2   sing N N 59  
GLN CA  C    sing N N 60  
GLN CA  CB   sing N N 61  
GLN CA  HA   sing N N 62  
GLN C   O    doub N N 63  
GLN C   OXT  sing N N 64  
GLN CB  CG   sing N N 65  
GLN CB  HB2  sing N N 66  
GLN CB  HB3  sing N N 67  
GLN CG  CD   sing N N 68  
GLN CG  HG2  sing N N 69  
GLN CG  HG3  sing N N 70  
GLN CD  OE1  doub N N 71  
GLN CD  NE2  sing N N 72  
GLN NE2 HE21 sing N N 73  
GLN NE2 HE22 sing N N 74  
GLN OXT HXT  sing N N 75  
GLU N   CA   sing N N 76  
GLU N   H    sing N N 77  
GLU N   H2   sing N N 78  
GLU CA  C    sing N N 79  
GLU CA  CB   sing N N 80  
GLU CA  HA   sing N N 81  
GLU C   O    doub N N 82  
GLU C   OXT  sing N N 83  
GLU CB  CG   sing N N 84  
GLU CB  HB2  sing N N 85  
GLU CB  HB3  sing N N 86  
GLU CG  CD   sing N N 87  
GLU CG  HG2  sing N N 88  
GLU CG  HG3  sing N N 89  
GLU CD  OE1  doub N N 90  
GLU CD  OE2  sing N N 91  
GLU OE2 HE2  sing N N 92  
GLU OXT HXT  sing N N 93  
GLY N   CA   sing N N 94  
GLY N   H    sing N N 95  
GLY N   H2   sing N N 96  
GLY CA  C    sing N N 97  
GLY CA  HA2  sing N N 98  
GLY CA  HA3  sing N N 99  
GLY C   O    doub N N 100 
GLY C   OXT  sing N N 101 
GLY OXT HXT  sing N N 102 
HEC FE  NA   sing N N 103 
HEC FE  NB   sing N N 104 
HEC FE  NC   sing N N 105 
HEC FE  ND   sing N N 106 
HEC CHA C1A  doub N N 107 
HEC CHA C4D  sing N N 108 
HEC CHA HHA  sing N N 109 
HEC CHB C4A  doub N N 110 
HEC CHB C1B  sing N N 111 
HEC CHB HHB  sing N N 112 
HEC CHC C4B  doub N N 113 
HEC CHC C1C  sing N N 114 
HEC CHC HHC  sing N N 115 
HEC CHD C4C  doub N N 116 
HEC CHD C1D  sing N N 117 
HEC CHD HHD  sing N N 118 
HEC NA  C1A  sing Y N 119 
HEC NA  C4A  sing Y N 120 
HEC C1A C2A  sing Y N 121 
HEC C2A C3A  doub Y N 122 
HEC C2A CAA  sing N N 123 
HEC C3A C4A  sing Y N 124 
HEC C3A CMA  sing N N 125 
HEC CMA HMA1 sing N N 126 
HEC CMA HMA2 sing N N 127 
HEC CMA HMA3 sing N N 128 
HEC CAA CBA  sing N N 129 
HEC CAA HAA1 sing N N 130 
HEC CAA HAA2 sing N N 131 
HEC CBA CGA  sing N N 132 
HEC CBA HBA1 sing N N 133 
HEC CBA HBA2 sing N N 134 
HEC CGA O1A  doub N N 135 
HEC CGA O2A  sing N N 136 
HEC O2A H2A  sing N N 137 
HEC NB  C1B  sing Y N 138 
HEC NB  C4B  sing Y N 139 
HEC C1B C2B  doub Y N 140 
HEC C2B C3B  sing Y N 141 
HEC C2B CMB  sing N N 142 
HEC C3B C4B  sing Y N 143 
HEC C3B CAB  doub N E 144 
HEC CMB HMB1 sing N N 145 
HEC CMB HMB2 sing N N 146 
HEC CMB HMB3 sing N N 147 
HEC CAB CBB  sing N N 148 
HEC CAB HAB  sing N N 149 
HEC CBB HBB1 sing N N 150 
HEC CBB HBB2 sing N N 151 
HEC CBB HBB3 sing N N 152 
HEC NC  C1C  sing Y N 153 
HEC NC  C4C  sing Y N 154 
HEC C1C C2C  doub Y N 155 
HEC C2C C3C  sing Y N 156 
HEC C2C CMC  sing N N 157 
HEC C3C C4C  sing Y N 158 
HEC C3C CAC  doub N E 159 
HEC CMC HMC1 sing N N 160 
HEC CMC HMC2 sing N N 161 
HEC CMC HMC3 sing N N 162 
HEC CAC CBC  sing N N 163 
HEC CAC HAC  sing N N 164 
HEC CBC HBC1 sing N N 165 
HEC CBC HBC2 sing N N 166 
HEC CBC HBC3 sing N N 167 
HEC ND  C1D  sing Y N 168 
HEC ND  C4D  sing Y N 169 
HEC C1D C2D  doub Y N 170 
HEC C2D C3D  sing Y N 171 
HEC C2D CMD  sing N N 172 
HEC C3D C4D  doub Y N 173 
HEC C3D CAD  sing N N 174 
HEC CMD HMD1 sing N N 175 
HEC CMD HMD2 sing N N 176 
HEC CMD HMD3 sing N N 177 
HEC CAD CBD  sing N N 178 
HEC CAD HAD1 sing N N 179 
HEC CAD HAD2 sing N N 180 
HEC CBD CGD  sing N N 181 
HEC CBD HBD1 sing N N 182 
HEC CBD HBD2 sing N N 183 
HEC CGD O1D  doub N N 184 
HEC CGD O2D  sing N N 185 
HEC O2D H2D  sing N N 186 
HIS N   CA   sing N N 187 
HIS N   H    sing N N 188 
HIS N   H2   sing N N 189 
HIS CA  C    sing N N 190 
HIS CA  CB   sing N N 191 
HIS CA  HA   sing N N 192 
HIS C   O    doub N N 193 
HIS C   OXT  sing N N 194 
HIS CB  CG   sing N N 195 
HIS CB  HB2  sing N N 196 
HIS CB  HB3  sing N N 197 
HIS CG  ND1  sing Y N 198 
HIS CG  CD2  doub Y N 199 
HIS ND1 CE1  doub Y N 200 
HIS ND1 HD1  sing N N 201 
HIS CD2 NE2  sing Y N 202 
HIS CD2 HD2  sing N N 203 
HIS CE1 NE2  sing Y N 204 
HIS CE1 HE1  sing N N 205 
HIS NE2 HE2  sing N N 206 
HIS OXT HXT  sing N N 207 
ILE N   CA   sing N N 208 
ILE N   H    sing N N 209 
ILE N   H2   sing N N 210 
ILE CA  C    sing N N 211 
ILE CA  CB   sing N N 212 
ILE CA  HA   sing N N 213 
ILE C   O    doub N N 214 
ILE C   OXT  sing N N 215 
ILE CB  CG1  sing N N 216 
ILE CB  CG2  sing N N 217 
ILE CB  HB   sing N N 218 
ILE CG1 CD1  sing N N 219 
ILE CG1 HG12 sing N N 220 
ILE CG1 HG13 sing N N 221 
ILE CG2 HG21 sing N N 222 
ILE CG2 HG22 sing N N 223 
ILE CG2 HG23 sing N N 224 
ILE CD1 HD11 sing N N 225 
ILE CD1 HD12 sing N N 226 
ILE CD1 HD13 sing N N 227 
ILE OXT HXT  sing N N 228 
LEU N   CA   sing N N 229 
LEU N   H    sing N N 230 
LEU N   H2   sing N N 231 
LEU CA  C    sing N N 232 
LEU CA  CB   sing N N 233 
LEU CA  HA   sing N N 234 
LEU C   O    doub N N 235 
LEU C   OXT  sing N N 236 
LEU CB  CG   sing N N 237 
LEU CB  HB2  sing N N 238 
LEU CB  HB3  sing N N 239 
LEU CG  CD1  sing N N 240 
LEU CG  CD2  sing N N 241 
LEU CG  HG   sing N N 242 
LEU CD1 HD11 sing N N 243 
LEU CD1 HD12 sing N N 244 
LEU CD1 HD13 sing N N 245 
LEU CD2 HD21 sing N N 246 
LEU CD2 HD22 sing N N 247 
LEU CD2 HD23 sing N N 248 
LEU OXT HXT  sing N N 249 
LYS N   CA   sing N N 250 
LYS N   H    sing N N 251 
LYS N   H2   sing N N 252 
LYS CA  C    sing N N 253 
LYS CA  CB   sing N N 254 
LYS CA  HA   sing N N 255 
LYS C   O    doub N N 256 
LYS C   OXT  sing N N 257 
LYS CB  CG   sing N N 258 
LYS CB  HB2  sing N N 259 
LYS CB  HB3  sing N N 260 
LYS CG  CD   sing N N 261 
LYS CG  HG2  sing N N 262 
LYS CG  HG3  sing N N 263 
LYS CD  CE   sing N N 264 
LYS CD  HD2  sing N N 265 
LYS CD  HD3  sing N N 266 
LYS CE  NZ   sing N N 267 
LYS CE  HE2  sing N N 268 
LYS CE  HE3  sing N N 269 
LYS NZ  HZ1  sing N N 270 
LYS NZ  HZ2  sing N N 271 
LYS NZ  HZ3  sing N N 272 
LYS OXT HXT  sing N N 273 
MET N   CA   sing N N 274 
MET N   H    sing N N 275 
MET N   H2   sing N N 276 
MET CA  C    sing N N 277 
MET CA  CB   sing N N 278 
MET CA  HA   sing N N 279 
MET C   O    doub N N 280 
MET C   OXT  sing N N 281 
MET CB  CG   sing N N 282 
MET CB  HB2  sing N N 283 
MET CB  HB3  sing N N 284 
MET CG  SD   sing N N 285 
MET CG  HG2  sing N N 286 
MET CG  HG3  sing N N 287 
MET SD  CE   sing N N 288 
MET CE  HE1  sing N N 289 
MET CE  HE2  sing N N 290 
MET CE  HE3  sing N N 291 
MET OXT HXT  sing N N 292 
PHE N   CA   sing N N 293 
PHE N   H    sing N N 294 
PHE N   H2   sing N N 295 
PHE CA  C    sing N N 296 
PHE CA  CB   sing N N 297 
PHE CA  HA   sing N N 298 
PHE C   O    doub N N 299 
PHE C   OXT  sing N N 300 
PHE CB  CG   sing N N 301 
PHE CB  HB2  sing N N 302 
PHE CB  HB3  sing N N 303 
PHE CG  CD1  doub Y N 304 
PHE CG  CD2  sing Y N 305 
PHE CD1 CE1  sing Y N 306 
PHE CD1 HD1  sing N N 307 
PHE CD2 CE2  doub Y N 308 
PHE CD2 HD2  sing N N 309 
PHE CE1 CZ   doub Y N 310 
PHE CE1 HE1  sing N N 311 
PHE CE2 CZ   sing Y N 312 
PHE CE2 HE2  sing N N 313 
PHE CZ  HZ   sing N N 314 
PHE OXT HXT  sing N N 315 
PRO N   CA   sing N N 316 
PRO N   CD   sing N N 317 
PRO N   H    sing N N 318 
PRO CA  C    sing N N 319 
PRO CA  CB   sing N N 320 
PRO CA  HA   sing N N 321 
PRO C   O    doub N N 322 
PRO C   OXT  sing N N 323 
PRO CB  CG   sing N N 324 
PRO CB  HB2  sing N N 325 
PRO CB  HB3  sing N N 326 
PRO CG  CD   sing N N 327 
PRO CG  HG2  sing N N 328 
PRO CG  HG3  sing N N 329 
PRO CD  HD2  sing N N 330 
PRO CD  HD3  sing N N 331 
PRO OXT HXT  sing N N 332 
SER N   CA   sing N N 333 
SER N   H    sing N N 334 
SER N   H2   sing N N 335 
SER CA  C    sing N N 336 
SER CA  CB   sing N N 337 
SER CA  HA   sing N N 338 
SER C   O    doub N N 339 
SER C   OXT  sing N N 340 
SER CB  OG   sing N N 341 
SER CB  HB2  sing N N 342 
SER CB  HB3  sing N N 343 
SER OG  HG   sing N N 344 
SER OXT HXT  sing N N 345 
THR N   CA   sing N N 346 
THR N   H    sing N N 347 
THR N   H2   sing N N 348 
THR CA  C    sing N N 349 
THR CA  CB   sing N N 350 
THR CA  HA   sing N N 351 
THR C   O    doub N N 352 
THR C   OXT  sing N N 353 
THR CB  OG1  sing N N 354 
THR CB  CG2  sing N N 355 
THR CB  HB   sing N N 356 
THR OG1 HG1  sing N N 357 
THR CG2 HG21 sing N N 358 
THR CG2 HG22 sing N N 359 
THR CG2 HG23 sing N N 360 
THR OXT HXT  sing N N 361 
TRP N   CA   sing N N 362 
TRP N   H    sing N N 363 
TRP N   H2   sing N N 364 
TRP CA  C    sing N N 365 
TRP CA  CB   sing N N 366 
TRP CA  HA   sing N N 367 
TRP C   O    doub N N 368 
TRP C   OXT  sing N N 369 
TRP CB  CG   sing N N 370 
TRP CB  HB2  sing N N 371 
TRP CB  HB3  sing N N 372 
TRP CG  CD1  doub Y N 373 
TRP CG  CD2  sing Y N 374 
TRP CD1 NE1  sing Y N 375 
TRP CD1 HD1  sing N N 376 
TRP CD2 CE2  doub Y N 377 
TRP CD2 CE3  sing Y N 378 
TRP NE1 CE2  sing Y N 379 
TRP NE1 HE1  sing N N 380 
TRP CE2 CZ2  sing Y N 381 
TRP CE3 CZ3  doub Y N 382 
TRP CE3 HE3  sing N N 383 
TRP CZ2 CH2  doub Y N 384 
TRP CZ2 HZ2  sing N N 385 
TRP CZ3 CH2  sing Y N 386 
TRP CZ3 HZ3  sing N N 387 
TRP CH2 HH2  sing N N 388 
TRP OXT HXT  sing N N 389 
VAL N   CA   sing N N 390 
VAL N   H    sing N N 391 
VAL N   H2   sing N N 392 
VAL CA  C    sing N N 393 
VAL CA  CB   sing N N 394 
VAL CA  HA   sing N N 395 
VAL C   O    doub N N 396 
VAL C   OXT  sing N N 397 
VAL CB  CG1  sing N N 398 
VAL CB  CG2  sing N N 399 
VAL CB  HB   sing N N 400 
VAL CG1 HG11 sing N N 401 
VAL CG1 HG12 sing N N 402 
VAL CG1 HG13 sing N N 403 
VAL CG2 HG21 sing N N 404 
VAL CG2 HG22 sing N N 405 
VAL CG2 HG23 sing N N 406 
VAL OXT HXT  sing N N 407 
# 
_pdbx_nmr_spectrometer.spectrometer_id   1 
_pdbx_nmr_spectrometer.model             AVANCE 
_pdbx_nmr_spectrometer.manufacturer      Bruker 
_pdbx_nmr_spectrometer.field_strength    600 
_pdbx_nmr_spectrometer.type              ? 
# 
_atom_sites.entry_id                    2I8F 
_atom_sites.fract_transf_matrix[1][1]   1.000000 
_atom_sites.fract_transf_matrix[1][2]   0.000000 
_atom_sites.fract_transf_matrix[1][3]   0.000000 
_atom_sites.fract_transf_matrix[2][1]   0.000000 
_atom_sites.fract_transf_matrix[2][2]   1.000000 
_atom_sites.fract_transf_matrix[2][3]   0.000000 
_atom_sites.fract_transf_matrix[3][1]   0.000000 
_atom_sites.fract_transf_matrix[3][2]   0.000000 
_atom_sites.fract_transf_matrix[3][3]   1.000000 
_atom_sites.fract_transf_vector[1]      0.00000 
_atom_sites.fract_transf_vector[2]      0.00000 
_atom_sites.fract_transf_vector[3]      0.00000 
# 
loop_
_atom_type.symbol 
C  
FE 
H  
N  
O  
S  
# 
loop_
_atom_site.group_PDB 
_atom_site.id 
_atom_site.type_symbol 
_atom_site.label_atom_id 
_atom_site.label_alt_id 
_atom_site.label_comp_id 
_atom_site.label_asym_id 
_atom_site.label_entity_id 
_atom_site.label_seq_id 
_atom_site.pdbx_PDB_ins_code 
_atom_site.Cartn_x 
_atom_site.Cartn_y 
_atom_site.Cartn_z 
_atom_site.occupancy 
_atom_site.B_iso_or_equiv 
_atom_site.pdbx_formal_charge 
_atom_site.auth_seq_id 
_atom_site.auth_comp_id 
_atom_site.auth_asym_id 
_atom_site.auth_atom_id 
_atom_site.pdbx_PDB_model_num 
ATOM   1    N  N    . GLN A 1 1  ? -3.898  -5.416  14.073  1.00 1.52 ? 1  GLN A N    1 
ATOM   2    C  CA   . GLN A 1 1  ? -4.736  -4.988  12.893  1.00 1.18 ? 1  GLN A CA   1 
ATOM   3    C  C    . GLN A 1 1  ? -4.286  -3.596  12.340  1.00 1.26 ? 1  GLN A C    1 
ATOM   4    O  O    . GLN A 1 1  ? -4.530  -3.309  11.172  1.00 1.86 ? 1  GLN A O    1 
ATOM   5    C  CB   . GLN A 1 1  ? -6.241  -4.948  13.303  1.00 0.93 ? 1  GLN A CB   1 
ATOM   6    C  CG   . GLN A 1 1  ? -7.176  -5.039  12.062  1.00 1.18 ? 1  GLN A CG   1 
ATOM   7    C  CD   . GLN A 1 1  ? -7.351  -6.506  11.604  1.00 1.33 ? 1  GLN A CD   1 
ATOM   8    O  OE1  . GLN A 1 1  ? -6.478  -7.063  10.965  1.00 1.85 ? 1  GLN A OE1  1 
ATOM   9    N  NE2  . GLN A 1 1  ? -8.451  -7.158  11.896  1.00 1.59 ? 1  GLN A NE2  1 
ATOM   10   H  H1   . GLN A 1 1  ? -4.123  -4.828  14.903  1.00 1.98 ? 1  GLN A H1   1 
ATOM   11   H  H2   . GLN A 1 1  ? -2.887  -5.315  13.840  1.00 1.82 ? 1  GLN A H2   1 
ATOM   12   H  H3   . GLN A 1 1  ? -4.099  -6.413  14.296  1.00 1.79 ? 1  GLN A H3   1 
ATOM   13   H  HA   . GLN A 1 1  ? -4.608  -5.725  12.112  1.00 1.44 ? 1  GLN A HA   1 
ATOM   14   H  HB2  . GLN A 1 1  ? -6.450  -5.776  13.968  1.00 1.08 ? 1  GLN A HB2  1 
ATOM   15   H  HB3  . GLN A 1 1  ? -6.443  -4.024  13.829  1.00 1.09 ? 1  GLN A HB3  1 
ATOM   16   H  HG2  . GLN A 1 1  ? -8.143  -4.632  12.322  1.00 1.47 ? 1  GLN A HG2  1 
ATOM   17   H  HG3  . GLN A 1 1  ? -6.762  -4.458  11.249  1.00 1.56 ? 1  GLN A HG3  1 
ATOM   18   H  HE21 . GLN A 1 1  ? -9.167  -6.722  12.407  1.00 1.87 ? 1  GLN A HE21 1 
ATOM   19   H  HE22 . GLN A 1 1  ? -8.557  -8.087  11.605  1.00 1.89 ? 1  GLN A HE22 1 
ATOM   20   N  N    . ASP A 1 2  ? -3.637  -2.738  13.158  1.00 0.97 ? 2  ASP A N    1 
ATOM   21   C  CA   . ASP A 1 2  ? -3.168  -1.359  12.680  1.00 1.06 ? 2  ASP A CA   1 
ATOM   22   C  C    . ASP A 1 2  ? -2.138  -1.486  11.513  1.00 0.78 ? 2  ASP A C    1 
ATOM   23   O  O    . ASP A 1 2  ? -1.506  -2.522  11.356  1.00 0.56 ? 2  ASP A O    1 
ATOM   24   C  CB   . ASP A 1 2  ? -2.569  -0.536  13.862  1.00 1.33 ? 2  ASP A CB   1 
ATOM   25   C  CG   . ASP A 1 2  ? -1.360  -1.248  14.518  1.00 1.50 ? 2  ASP A CG   1 
ATOM   26   O  OD1  . ASP A 1 2  ? -1.583  -2.088  15.376  1.00 2.04 ? 2  ASP A OD1  1 
ATOM   27   O  OD2  . ASP A 1 2  ? -0.238  -0.933  14.151  1.00 1.83 ? 2  ASP A OD2  1 
ATOM   28   H  H    . ASP A 1 2  ? -3.460  -3.000  14.086  1.00 1.10 ? 2  ASP A H    1 
ATOM   29   H  HA   . ASP A 1 2  ? -4.033  -0.828  12.303  1.00 1.24 ? 2  ASP A HA   1 
ATOM   30   H  HB2  . ASP A 1 2  ? -2.255  0.431   13.494  1.00 1.80 ? 2  ASP A HB2  1 
ATOM   31   H  HB3  . ASP A 1 2  ? -3.338  -0.388  14.606  1.00 1.95 ? 2  ASP A HB3  1 
ATOM   32   N  N    . GLY A 1 3  ? -1.999  -0.435  10.693  1.00 0.93 ? 3  GLY A N    1 
ATOM   33   C  CA   . GLY A 1 3  ? -1.056  -0.440  9.501   1.00 0.85 ? 3  GLY A CA   1 
ATOM   34   C  C    . GLY A 1 3  ? 0.422   -0.722  9.889   1.00 0.63 ? 3  GLY A C    1 
ATOM   35   O  O    . GLY A 1 3  ? 1.129   -1.370  9.128   1.00 0.57 ? 3  GLY A O    1 
ATOM   36   H  H    . GLY A 1 3  ? -2.541  0.369   10.853  1.00 1.19 ? 3  GLY A H    1 
ATOM   37   H  HA2  . GLY A 1 3  ? -1.384  -1.198  8.804   1.00 0.86 ? 3  GLY A HA2  1 
ATOM   38   H  HA3  . GLY A 1 3  ? -1.111  0.517   9.014   1.00 1.06 ? 3  GLY A HA3  1 
ATOM   39   N  N    . GLU A 1 4  ? 0.885   -0.250  11.059  1.00 0.61 ? 4  GLU A N    1 
ATOM   40   C  CA   . GLU A 1 4  ? 2.326   -0.492  11.512  1.00 0.50 ? 4  GLU A CA   1 
ATOM   41   C  C    . GLU A 1 4  ? 2.533   -1.998  11.862  1.00 0.49 ? 4  GLU A C    1 
ATOM   42   O  O    . GLU A 1 4  ? 3.559   -2.574  11.516  1.00 0.44 ? 4  GLU A O    1 
ATOM   43   C  CB   . GLU A 1 4  ? 2.655   0.400   12.758  1.00 0.65 ? 4  GLU A CB   1 
ATOM   44   C  CG   . GLU A 1 4  ? 4.054   1.067   12.637  1.00 0.77 ? 4  GLU A CG   1 
ATOM   45   C  CD   . GLU A 1 4  ? 5.184   0.061   12.946  1.00 1.03 ? 4  GLU A CD   1 
ATOM   46   O  OE1  . GLU A 1 4  ? 5.496   -0.117  14.114  1.00 1.53 ? 4  GLU A OE1  1 
ATOM   47   O  OE2  . GLU A 1 4  ? 5.725   -0.505  12.007  1.00 1.23 ? 4  GLU A OE2  1 
ATOM   48   H  H    . GLU A 1 4  ? 0.283   0.263   11.641  1.00 0.74 ? 4  GLU A H    1 
ATOM   49   H  HA   . GLU A 1 4  ? 2.989   -0.230  10.696  1.00 0.43 ? 4  GLU A HA   1 
ATOM   50   H  HB2  . GLU A 1 4  ? 1.913   1.181   12.836  1.00 0.89 ? 4  GLU A HB2  1 
ATOM   51   H  HB3  . GLU A 1 4  ? 2.622   -0.198  13.660  1.00 0.76 ? 4  GLU A HB3  1 
ATOM   52   H  HG2  . GLU A 1 4  ? 4.183   1.453   11.638  1.00 0.89 ? 4  GLU A HG2  1 
ATOM   53   H  HG3  . GLU A 1 4  ? 4.111   1.888   13.337  1.00 1.03 ? 4  GLU A HG3  1 
ATOM   54   N  N    . ALA A 1 5  ? 1.551   -2.625  12.534  1.00 0.59 ? 5  ALA A N    1 
ATOM   55   C  CA   . ALA A 1 5  ? 1.638   -4.093  12.921  1.00 0.64 ? 5  ALA A CA   1 
ATOM   56   C  C    . ALA A 1 5  ? 1.288   -5.005  11.710  1.00 0.53 ? 5  ALA A C    1 
ATOM   57   O  O    . ALA A 1 5  ? 1.870   -6.072  11.566  1.00 0.50 ? 5  ALA A O    1 
ATOM   58   C  CB   . ALA A 1 5  ? 0.666   -4.381  14.081  1.00 0.82 ? 5  ALA A CB   1 
ATOM   59   H  H    . ALA A 1 5  ? 0.745   -2.120  12.781  1.00 0.69 ? 5  ALA A H    1 
ATOM   60   H  HA   . ALA A 1 5  ? 2.647   -4.313  13.249  1.00 0.66 ? 5  ALA A HA   1 
ATOM   61   H  HB1  . ALA A 1 5  ? 0.746   -5.419  14.373  1.00 1.26 ? 5  ALA A HB1  1 
ATOM   62   H  HB2  . ALA A 1 5  ? -0.347  -4.171  13.768  1.00 1.32 ? 5  ALA A HB2  1 
ATOM   63   H  HB3  . ALA A 1 5  ? 0.917   -3.752  14.923  1.00 1.19 ? 5  ALA A HB3  1 
ATOM   64   N  N    . LEU A 1 6  ? 0.345   -4.584  10.843  1.00 0.53 ? 6  LEU A N    1 
ATOM   65   C  CA   . LEU A 1 6  ? -0.062  -5.406  9.625   1.00 0.51 ? 6  LEU A CA   1 
ATOM   66   C  C    . LEU A 1 6  ? 1.068   -5.388  8.553   1.00 0.39 ? 6  LEU A C    1 
ATOM   67   O  O    . LEU A 1 6  ? 1.256   -6.374  7.857   1.00 0.35 ? 6  LEU A O    1 
ATOM   68   C  CB   . LEU A 1 6  ? -1.391  -4.851  9.016   1.00 0.65 ? 6  LEU A CB   1 
ATOM   69   C  CG   . LEU A 1 6  ? -2.283  -6.003  8.453   1.00 0.67 ? 6  LEU A CG   1 
ATOM   70   C  CD1  . LEU A 1 6  ? -3.040  -6.713  9.602   1.00 1.17 ? 6  LEU A CD1  1 
ATOM   71   C  CD2  . LEU A 1 6  ? -3.303  -5.435  7.440   1.00 1.15 ? 6  LEU A CD2  1 
ATOM   72   H  H    . LEU A 1 6  ? -0.094  -3.718  10.997  1.00 0.58 ? 6  LEU A H    1 
ATOM   73   H  HA   . LEU A 1 6  ? -0.217  -6.429  9.945   1.00 0.55 ? 6  LEU A HA   1 
ATOM   74   H  HB2  . LEU A 1 6  ? -1.940  -4.324  9.785   1.00 0.80 ? 6  LEU A HB2  1 
ATOM   75   H  HB3  . LEU A 1 6  ? -1.158  -4.155  8.220   1.00 0.74 ? 6  LEU A HB3  1 
ATOM   76   H  HG   . LEU A 1 6  ? -1.653  -6.726  7.950   1.00 0.62 ? 6  LEU A HG   1 
ATOM   77   H  HD11 . LEU A 1 6  ? -3.642  -7.514  9.198   1.00 1.47 ? 6  LEU A HD11 1 
ATOM   78   H  HD12 . LEU A 1 6  ? -3.678  -6.006  10.109  1.00 1.62 ? 6  LEU A HD12 1 
ATOM   79   H  HD13 . LEU A 1 6  ? -2.329  -7.122  10.306  1.00 1.82 ? 6  LEU A HD13 1 
ATOM   80   H  HD21 . LEU A 1 6  ? -2.778  -5.073  6.568   1.00 1.78 ? 6  LEU A HD21 1 
ATOM   81   H  HD22 . LEU A 1 6  ? -3.853  -4.619  7.890   1.00 1.39 ? 6  LEU A HD22 1 
ATOM   82   H  HD23 . LEU A 1 6  ? -3.994  -6.210  7.143   1.00 1.70 ? 6  LEU A HD23 1 
ATOM   83   N  N    . PHE A 1 7  ? 1.828   -4.281  8.439   1.00 0.40 ? 7  PHE A N    1 
ATOM   84   C  CA   . PHE A 1 7  ? 2.974   -4.183  7.434   1.00 0.41 ? 7  PHE A CA   1 
ATOM   85   C  C    . PHE A 1 7  ? 4.097   -5.211  7.797   1.00 0.40 ? 7  PHE A C    1 
ATOM   86   O  O    . PHE A 1 7  ? 4.739   -5.754  6.905   1.00 0.52 ? 7  PHE A O    1 
ATOM   87   C  CB   . PHE A 1 7  ? 3.541   -2.731  7.437   1.00 0.45 ? 7  PHE A CB   1 
ATOM   88   C  CG   . PHE A 1 7  ? 4.463   -2.480  6.237   1.00 0.40 ? 7  PHE A CG   1 
ATOM   89   C  CD1  . PHE A 1 7  ? 3.919   -2.220  4.964   1.00 0.39 ? 7  PHE A CD1  1 
ATOM   90   C  CD2  . PHE A 1 7  ? 5.860   -2.501  6.402   1.00 0.41 ? 7  PHE A CD2  1 
ATOM   91   C  CE1  . PHE A 1 7  ? 4.765   -1.986  3.874   1.00 0.40 ? 7  PHE A CE1  1 
ATOM   92   C  CE2  . PHE A 1 7  ? 6.699   -2.266  5.308   1.00 0.41 ? 7  PHE A CE2  1 
ATOM   93   C  CZ   . PHE A 1 7  ? 6.154   -2.010  4.047   1.00 0.40 ? 7  PHE A CZ   1 
ATOM   94   H  H    . PHE A 1 7  ? 1.650   -3.516  9.029   1.00 0.46 ? 7  PHE A H    1 
ATOM   95   H  HA   . PHE A 1 7  ? 2.591   -4.414  6.447   1.00 0.49 ? 7  PHE A HA   1 
ATOM   96   H  HB2  . PHE A 1 7  ? 2.716   -2.035  7.394   1.00 0.51 ? 7  PHE A HB2  1 
ATOM   97   H  HB3  . PHE A 1 7  ? 4.088   -2.563  8.357   1.00 0.52 ? 7  PHE A HB3  1 
ATOM   98   H  HD1  . PHE A 1 7  ? 2.847   -2.202  4.826   1.00 0.42 ? 7  PHE A HD1  1 
ATOM   99   H  HD2  . PHE A 1 7  ? 6.288   -2.699  7.376   1.00 0.46 ? 7  PHE A HD2  1 
ATOM   100  H  HE1  . PHE A 1 7  ? 4.346   -1.787  2.899   1.00 0.44 ? 7  PHE A HE1  1 
ATOM   101  H  HE2  . PHE A 1 7  ? 7.772   -2.283  5.438   1.00 0.46 ? 7  PHE A HE2  1 
ATOM   102  H  HZ   . PHE A 1 7  ? 6.805   -1.828  3.205   1.00 0.44 ? 7  PHE A HZ   1 
ATOM   103  N  N    . LYS A 1 8  ? 4.309   -5.479  9.099   1.00 0.40 ? 8  LYS A N    1 
ATOM   104  C  CA   . LYS A 1 8  ? 5.360   -6.475  9.565   1.00 0.53 ? 8  LYS A CA   1 
ATOM   105  C  C    . LYS A 1 8  ? 4.742   -7.901  9.671   1.00 0.45 ? 8  LYS A C    1 
ATOM   106  O  O    . LYS A 1 8  ? 5.430   -8.881  9.409   1.00 0.52 ? 8  LYS A O    1 
ATOM   107  C  CB   . LYS A 1 8  ? 5.919   -6.047  10.947  1.00 0.70 ? 8  LYS A CB   1 
ATOM   108  C  CG   . LYS A 1 8  ? 6.762   -4.752  10.815  1.00 1.03 ? 8  LYS A CG   1 
ATOM   109  C  CD   . LYS A 1 8  ? 7.429   -4.376  12.162  1.00 1.51 ? 8  LYS A CD   1 
ATOM   110  C  CE   . LYS A 1 8  ? 6.421   -3.688  13.111  1.00 1.53 ? 8  LYS A CE   1 
ATOM   111  N  NZ   . LYS A 1 8  ? 7.140   -3.077  14.274  1.00 1.17 ? 8  LYS A NZ   1 
ATOM   112  H  H    . LYS A 1 8  ? 3.760   -5.026  9.777   1.00 0.41 ? 8  LYS A H    1 
ATOM   113  H  HA   . LYS A 1 8  ? 6.173   -6.500  8.847   1.00 0.66 ? 8  LYS A HA   1 
ATOM   114  H  HB2  . LYS A 1 8  ? 5.096   -5.870  11.626  1.00 0.97 ? 8  LYS A HB2  1 
ATOM   115  H  HB3  . LYS A 1 8  ? 6.544   -6.838  11.342  1.00 0.96 ? 8  LYS A HB3  1 
ATOM   116  H  HG2  . LYS A 1 8  ? 7.535   -4.907  10.075  1.00 1.44 ? 8  LYS A HG2  1 
ATOM   117  H  HG3  . LYS A 1 8  ? 6.123   -3.941  10.491  1.00 1.38 ? 8  LYS A HG3  1 
ATOM   118  H  HD2  . LYS A 1 8  ? 7.812   -5.269  12.639  1.00 2.03 ? 8  LYS A HD2  1 
ATOM   119  H  HD3  . LYS A 1 8  ? 8.249   -3.701  11.970  1.00 2.08 ? 8  LYS A HD3  1 
ATOM   120  H  HE2  . LYS A 1 8  ? 5.890   -2.914  12.577  1.00 2.37 ? 8  LYS A HE2  1 
ATOM   121  H  HE3  . LYS A 1 8  ? 5.713   -4.420  13.474  1.00 1.99 ? 8  LYS A HE3  1 
ATOM   122  H  HZ1  . LYS A 1 8  ? 7.818   -2.365  13.933  1.00 1.51 ? 8  LYS A HZ1  1 
ATOM   123  H  HZ2  . LYS A 1 8  ? 7.647   -3.818  14.802  1.00 1.41 ? 8  LYS A HZ2  1 
ATOM   124  H  HZ3  . LYS A 1 8  ? 6.450   -2.618  14.902  1.00 1.89 ? 8  LYS A HZ3  1 
ATOM   125  N  N    . SER A 1 9  ? 3.451   -8.018  10.051  1.00 0.40 ? 9  SER A N    1 
ATOM   126  C  CA   . SER A 1 9  ? 2.760   -9.373  10.179  1.00 0.38 ? 9  SER A CA   1 
ATOM   127  C  C    . SER A 1 9  ? 2.477   -9.957  8.769   1.00 0.34 ? 9  SER A C    1 
ATOM   128  O  O    . SER A 1 9  ? 2.888   -11.074 8.474   1.00 0.41 ? 9  SER A O    1 
ATOM   129  C  CB   . SER A 1 9  ? 1.434   -9.228  10.963  1.00 0.43 ? 9  SER A CB   1 
ATOM   130  O  OG   . SER A 1 9  ? 1.713   -8.858  12.312  1.00 0.49 ? 9  SER A OG   1 
ATOM   131  H  H    . SER A 1 9  ? 2.935   -7.205  10.251  1.00 0.43 ? 9  SER A H    1 
ATOM   132  H  HA   . SER A 1 9  ? 3.414   -10.051 10.716  1.00 0.43 ? 9  SER A HA   1 
ATOM   133  H  HB2  . SER A 1 9  ? 0.827   -8.463  10.508  1.00 0.41 ? 9  SER A HB2  1 
ATOM   134  H  HB3  . SER A 1 9  ? 0.896   -10.169 10.941  1.00 0.50 ? 9  SER A HB3  1 
ATOM   135  H  HG   . SER A 1 9  ? 1.754   -9.658  12.842  1.00 0.44 ? 9  SER A HG   1 
ATOM   136  N  N    . LYS A 1 10 ? 1.803   -9.189  7.893   1.00 0.39 ? 10 LYS A N    1 
ATOM   137  C  CA   . LYS A 1 10 ? 1.503   -9.659  6.473   1.00 0.39 ? 10 LYS A CA   1 
ATOM   138  C  C    . LYS A 1 10 ? 2.793   -9.510  5.603   1.00 0.34 ? 10 LYS A C    1 
ATOM   139  O  O    . LYS A 1 10 ? 3.673   -8.736  5.976   1.00 0.36 ? 10 LYS A O    1 
ATOM   140  C  CB   . LYS A 1 10 ? 0.361   -8.808  5.851   1.00 0.49 ? 10 LYS A CB   1 
ATOM   141  C  CG   . LYS A 1 10 ? -1.006  -9.207  6.449   1.00 0.51 ? 10 LYS A CG   1 
ATOM   142  C  CD   . LYS A 1 10 ? -2.152  -8.561  5.636   1.00 0.53 ? 10 LYS A CD   1 
ATOM   143  C  CE   . LYS A 1 10 ? -3.522  -8.866  6.281   1.00 0.51 ? 10 LYS A CE   1 
ATOM   144  N  NZ   . LYS A 1 10 ? -3.909  -10.299 6.068   1.00 0.81 ? 10 LYS A NZ   1 
ATOM   145  H  H    . LYS A 1 10 ? 1.512   -8.291  8.168   1.00 0.51 ? 10 LYS A H    1 
ATOM   146  H  HA   . LYS A 1 10 ? 1.208   -10.700 6.502   1.00 0.40 ? 10 LYS A HA   1 
ATOM   147  H  HB2  . LYS A 1 10 ? 0.544   -7.763  6.049   1.00 0.68 ? 10 LYS A HB2  1 
ATOM   148  H  HB3  . LYS A 1 10 ? 0.338   -8.963  4.781   1.00 0.62 ? 10 LYS A HB3  1 
ATOM   149  H  HG2  . LYS A 1 10 ? -1.110  -10.284 6.421   1.00 0.75 ? 10 LYS A HG2  1 
ATOM   150  H  HG3  . LYS A 1 10 ? -1.058  -8.870  7.474   1.00 0.76 ? 10 LYS A HG3  1 
ATOM   151  H  HD2  . LYS A 1 10 ? -2.009  -7.489  5.605   1.00 0.73 ? 10 LYS A HD2  1 
ATOM   152  H  HD3  . LYS A 1 10 ? -2.140  -8.951  4.628   1.00 0.78 ? 10 LYS A HD3  1 
ATOM   153  H  HE2  . LYS A 1 10 ? -3.475  -8.666  7.341   1.00 1.10 ? 10 LYS A HE2  1 
ATOM   154  H  HE3  . LYS A 1 10 ? -4.270  -8.226  5.836   1.00 1.03 ? 10 LYS A HE3  1 
ATOM   155  H  HZ1  . LYS A 1 10 ? -3.860  -10.532 5.055   1.00 1.38 ? 10 LYS A HZ1  1 
ATOM   156  H  HZ2  . LYS A 1 10 ? -4.881  -10.445 6.408   1.00 1.31 ? 10 LYS A HZ2  1 
ATOM   157  H  HZ3  . LYS A 1 10 ? -3.264  -10.920 6.597   1.00 1.42 ? 10 LYS A HZ3  1 
ATOM   158  N  N    . PRO A 1 11 ? 2.892   -10.245 4.462   1.00 0.34 ? 11 PRO A N    1 
ATOM   159  C  CA   . PRO A 1 11 ? 4.088   -10.172 3.571   1.00 0.35 ? 11 PRO A CA   1 
ATOM   160  C  C    . PRO A 1 11 ? 4.071   -8.865  2.705   1.00 0.30 ? 11 PRO A C    1 
ATOM   161  O  O    . PRO A 1 11 ? 3.992   -8.922  1.489   1.00 0.29 ? 11 PRO A O    1 
ATOM   162  C  CB   . PRO A 1 11 ? 3.984   -11.469 2.729   1.00 0.43 ? 11 PRO A CB   1 
ATOM   163  C  CG   . PRO A 1 11 ? 2.499   -11.891 2.746   1.00 0.46 ? 11 PRO A CG   1 
ATOM   164  C  CD   . PRO A 1 11 ? 1.856   -11.208 3.965   1.00 0.39 ? 11 PRO A CD   1 
ATOM   165  H  HA   . PRO A 1 11 ? 4.991   -10.203 4.162   1.00 0.37 ? 11 PRO A HA   1 
ATOM   166  H  HB2  . PRO A 1 11 ? 4.311   -11.295 1.711   1.00 0.46 ? 11 PRO A HB2  1 
ATOM   167  H  HB3  . PRO A 1 11 ? 4.583   -12.245 3.177   1.00 0.48 ? 11 PRO A HB3  1 
ATOM   168  H  HG2  . PRO A 1 11 ? 2.012   -11.565 1.837   1.00 0.50 ? 11 PRO A HG2  1 
ATOM   169  H  HG3  . PRO A 1 11 ? 2.419   -12.963 2.845   1.00 0.52 ? 11 PRO A HG3  1 
ATOM   170  H  HD2  . PRO A 1 11 ? 0.960   -10.684 3.667   1.00 0.42 ? 11 PRO A HD2  1 
ATOM   171  H  HD3  . PRO A 1 11 ? 1.631   -11.939 4.727   1.00 0.40 ? 11 PRO A HD3  1 
ATOM   172  N  N    . CYS A 1 12 ? 4.178   -7.687  3.343   1.00 0.29 ? 12 CYS A N    1 
ATOM   173  C  CA   . CYS A 1 12 ? 4.213   -6.364  2.593   1.00 0.26 ? 12 CYS A CA   1 
ATOM   174  C  C    . CYS A 1 12 ? 5.669   -5.829  2.615   1.00 0.24 ? 12 CYS A C    1 
ATOM   175  O  O    . CYS A 1 12 ? 6.171   -5.376  1.596   1.00 0.23 ? 12 CYS A O    1 
ATOM   176  C  CB   . CYS A 1 12 ? 3.269   -5.300  3.221   1.00 0.26 ? 12 CYS A CB   1 
ATOM   177  S  SG   . CYS A 1 12 ? 1.584   -5.931  3.548   1.00 0.29 ? 12 CYS A SG   1 
ATOM   178  H  H    . CYS A 1 12 ? 4.262   -7.676  4.320   1.00 0.31 ? 12 CYS A H    1 
ATOM   179  H  HA   . CYS A 1 12 ? 3.924   -6.526  1.567   1.00 0.26 ? 12 CYS A HA   1 
ATOM   180  H  HB2  . CYS A 1 12 ? 3.690   -4.966  4.158   1.00 0.27 ? 12 CYS A HB2  1 
ATOM   181  H  HB3  . CYS A 1 12 ? 3.203   -4.454  2.550   1.00 0.26 ? 12 CYS A HB3  1 
ATOM   182  N  N    . ALA A 1 13 ? 6.345   -5.901  3.781   1.00 0.28 ? 13 ALA A N    1 
ATOM   183  C  CA   . ALA A 1 13 ? 7.784   -5.418  3.935   1.00 0.30 ? 13 ALA A CA   1 
ATOM   184  C  C    . ALA A 1 13 ? 8.790   -6.241  3.067   1.00 0.31 ? 13 ALA A C    1 
ATOM   185  O  O    . ALA A 1 13 ? 9.893   -5.765  2.813   1.00 0.41 ? 13 ALA A O    1 
ATOM   186  C  CB   . ALA A 1 13 ? 8.197   -5.511  5.418   1.00 0.37 ? 13 ALA A CB   1 
ATOM   187  H  H    . ALA A 1 13 ? 5.895   -6.284  4.567   1.00 0.32 ? 13 ALA A H    1 
ATOM   188  H  HA   . ALA A 1 13 ? 7.834   -4.382  3.630   1.00 0.30 ? 13 ALA A HA   1 
ATOM   189  H  HB1  . ALA A 1 13 ? 8.207   -6.547  5.729   1.00 0.80 ? 13 ALA A HB1  1 
ATOM   190  H  HB2  . ALA A 1 13 ? 7.491   -4.964  6.023   1.00 0.90 ? 13 ALA A HB2  1 
ATOM   191  H  HB3  . ALA A 1 13 ? 9.184   -5.087  5.548   1.00 0.83 ? 13 ALA A HB3  1 
ATOM   192  N  N    . ALA A 1 14 ? 8.423   -7.459  2.610   1.00 0.27 ? 14 ALA A N    1 
ATOM   193  C  CA   . ALA A 1 14 ? 9.348   -8.321  1.753   1.00 0.28 ? 14 ALA A CA   1 
ATOM   194  C  C    . ALA A 1 14 ? 9.704   -7.592  0.422   1.00 0.24 ? 14 ALA A C    1 
ATOM   195  O  O    . ALA A 1 14 ? 10.871  -7.533  0.050   1.00 0.27 ? 14 ALA A O    1 
ATOM   196  C  CB   . ALA A 1 14 ? 8.668   -9.669  1.438   1.00 0.31 ? 14 ALA A CB   1 
ATOM   197  H  H    . ALA A 1 14 ? 7.533   -7.807  2.835   1.00 0.30 ? 14 ALA A H    1 
ATOM   198  H  HA   . ALA A 1 14 ? 10.259  -8.509  2.306   1.00 0.30 ? 14 ALA A HA   1 
ATOM   199  H  HB1  . ALA A 1 14 ? 7.757   -9.496  0.882   1.00 0.89 ? 14 ALA A HB1  1 
ATOM   200  H  HB2  . ALA A 1 14 ? 8.431   -10.174 2.363   1.00 0.83 ? 14 ALA A HB2  1 
ATOM   201  H  HB3  . ALA A 1 14 ? 9.335   -10.286 0.855   1.00 0.98 ? 14 ALA A HB3  1 
ATOM   202  N  N    . CYS A 1 15 ? 8.703   -7.025  -0.269  1.00 0.23 ? 15 CYS A N    1 
ATOM   203  C  CA   . CYS A 1 15 ? 8.936   -6.267  -1.566  1.00 0.21 ? 15 CYS A CA   1 
ATOM   204  C  C    . CYS A 1 15 ? 8.977   -4.737  -1.271  1.00 0.20 ? 15 CYS A C    1 
ATOM   205  O  O    . CYS A 1 15 ? 9.819   -4.031  -1.807  1.00 0.24 ? 15 CYS A O    1 
ATOM   206  C  CB   . CYS A 1 15 ? 7.783   -6.522  -2.556  1.00 0.20 ? 15 CYS A CB   1 
ATOM   207  S  SG   . CYS A 1 15 ? 7.631   -8.288  -3.025  1.00 0.24 ? 15 CYS A SG   1 
ATOM   208  H  H    . CYS A 1 15 ? 7.785   -7.087  0.081   1.00 0.26 ? 15 CYS A H    1 
ATOM   209  H  HA   . CYS A 1 15 ? 9.873   -6.576  -2.014  1.00 0.24 ? 15 CYS A HA   1 
ATOM   210  H  HB2  . CYS A 1 15 ? 6.865   -6.205  -2.091  1.00 0.25 ? 15 CYS A HB2  1 
ATOM   211  H  HB3  . CYS A 1 15 ? 7.940   -5.933  -3.448  1.00 0.24 ? 15 CYS A HB3  1 
ATOM   212  N  N    . HIS A 1 16 ? 8.038   -4.233  -0.442  1.00 0.17 ? 16 HIS A N    1 
ATOM   213  C  CA   . HIS A 1 16 ? 7.955   -2.747  -0.106  1.00 0.18 ? 16 HIS A CA   1 
ATOM   214  C  C    . HIS A 1 16 ? 8.991   -2.339  0.974   1.00 0.20 ? 16 HIS A C    1 
ATOM   215  O  O    . HIS A 1 16 ? 9.450   -3.166  1.757   1.00 0.39 ? 16 HIS A O    1 
ATOM   216  C  CB   . HIS A 1 16 ? 6.538   -2.396  0.425   1.00 0.18 ? 16 HIS A CB   1 
ATOM   217  C  CG   . HIS A 1 16 ? 5.512   -2.485  -0.677  1.00 0.16 ? 16 HIS A CG   1 
ATOM   218  N  ND1  . HIS A 1 16 ? 5.346   -1.462  -1.604  1.00 0.16 ? 16 HIS A ND1  1 
ATOM   219  C  CD2  . HIS A 1 16 ? 4.584   -3.448  -1.006  1.00 0.16 ? 16 HIS A CD2  1 
ATOM   220  C  CE1  . HIS A 1 16 ? 4.359   -1.820  -2.436  1.00 0.15 ? 16 HIS A CE1  1 
ATOM   221  N  NE2  . HIS A 1 16 ? 3.870   -3.013  -2.113  1.00 0.15 ? 16 HIS A NE2  1 
ATOM   222  H  H    . HIS A 1 16 ? 7.368   -4.841  -0.056  1.00 0.18 ? 16 HIS A H    1 
ATOM   223  H  HA   . HIS A 1 16 ? 8.145   -2.171  -1.004  1.00 0.19 ? 16 HIS A HA   1 
ATOM   224  H  HB2  . HIS A 1 16 ? 6.270   -3.075  1.216   1.00 0.19 ? 16 HIS A HB2  1 
ATOM   225  H  HB3  . HIS A 1 16 ? 6.542   -1.386  0.817   1.00 0.19 ? 16 HIS A HB3  1 
ATOM   226  H  HD1  . HIS A 1 16 ? 5.858   -0.628  -1.642  1.00 0.17 ? 16 HIS A HD1  1 
ATOM   227  H  HD2  . HIS A 1 16 ? 4.439   -4.383  -0.487  1.00 0.18 ? 16 HIS A HD2  1 
ATOM   228  H  HE1  . HIS A 1 16 ? 4.008   -1.215  -3.256  1.00 0.15 ? 16 HIS A HE1  1 
ATOM   229  N  N    . SER A 1 17 ? 9.321   -1.042  1.018   1.00 0.25 ? 17 SER A N    1 
ATOM   230  C  CA   . SER A 1 17 ? 10.293  -0.469  2.031   1.00 0.24 ? 17 SER A CA   1 
ATOM   231  C  C    . SER A 1 17 ? 9.638   0.760   2.736   1.00 0.23 ? 17 SER A C    1 
ATOM   232  O  O    . SER A 1 17 ? 8.529   1.162   2.390   1.00 0.26 ? 17 SER A O    1 
ATOM   233  C  CB   . SER A 1 17 ? 11.605  -0.062  1.313   1.00 0.31 ? 17 SER A CB   1 
ATOM   234  O  OG   . SER A 1 17 ? 12.643  -0.976  1.656   1.00 1.41 ? 17 SER A OG   1 
ATOM   235  H  H    . SER A 1 17 ? 8.902   -0.424  0.376   1.00 0.39 ? 17 SER A H    1 
ATOM   236  H  HA   . SER A 1 17 ? 10.510  -1.217  2.786   1.00 0.29 ? 17 SER A HA   1 
ATOM   237  H  HB2  . SER A 1 17 ? 11.460  -0.089  0.246   1.00 0.87 ? 17 SER A HB2  1 
ATOM   238  H  HB3  . SER A 1 17 ? 11.894  0.942   1.603   1.00 1.12 ? 17 SER A HB3  1 
ATOM   239  H  HG   . SER A 1 17 ? 13.480  -0.592  1.382   1.00 1.81 ? 17 SER A HG   1 
ATOM   240  N  N    . VAL A 1 18 ? 10.320  1.342   3.732   1.00 0.28 ? 18 VAL A N    1 
ATOM   241  C  CA   . VAL A 1 18 ? 9.763   2.537   4.504   1.00 0.37 ? 18 VAL A CA   1 
ATOM   242  C  C    . VAL A 1 18 ? 10.205  3.897   3.881   1.00 0.41 ? 18 VAL A C    1 
ATOM   243  O  O    . VAL A 1 18 ? 9.464   4.871   3.987   1.00 0.51 ? 18 VAL A O    1 
ATOM   244  C  CB   . VAL A 1 18 ? 10.176  2.477   6.022   1.00 0.43 ? 18 VAL A CB   1 
ATOM   245  C  CG1  . VAL A 1 18 ? 9.523   1.257   6.708   1.00 0.48 ? 18 VAL A CG1  1 
ATOM   246  C  CG2  . VAL A 1 18 ? 11.719  2.409   6.212   1.00 0.44 ? 18 VAL A CG2  1 
ATOM   247  H  H    . VAL A 1 18 ? 11.199  0.982   3.980   1.00 0.33 ? 18 VAL A H    1 
ATOM   248  H  HA   . VAL A 1 18 ? 8.681   2.494   4.454   1.00 0.40 ? 18 VAL A HA   1 
ATOM   249  H  HB   . VAL A 1 18 ? 9.807   3.371   6.510   1.00 0.49 ? 18 VAL A HB   1 
ATOM   250  H  HG11 . VAL A 1 18 ? 8.449   1.346   6.656   1.00 1.24 ? 18 VAL A HG11 1 
ATOM   251  H  HG12 . VAL A 1 18 ? 9.825   1.219   7.745   1.00 1.10 ? 18 VAL A HG12 1 
ATOM   252  H  HG13 . VAL A 1 18 ? 9.833   0.347   6.211   1.00 1.00 ? 18 VAL A HG13 1 
ATOM   253  H  HG21 . VAL A 1 18 ? 12.099  1.478   5.813   1.00 0.90 ? 18 VAL A HG21 1 
ATOM   254  H  HG22 . VAL A 1 18 ? 11.955  2.467   7.264   1.00 1.08 ? 18 VAL A HG22 1 
ATOM   255  H  HG23 . VAL A 1 18 ? 12.187  3.236   5.700   1.00 0.98 ? 18 VAL A HG23 1 
ATOM   256  N  N    . ASP A 1 19 ? 11.404  3.980   3.272   1.00 0.43 ? 19 ASP A N    1 
ATOM   257  C  CA   . ASP A 1 19 ? 11.913  5.288   2.684   1.00 0.55 ? 19 ASP A CA   1 
ATOM   258  C  C    . ASP A 1 19 ? 12.280  5.137   1.175   1.00 0.49 ? 19 ASP A C    1 
ATOM   259  O  O    . ASP A 1 19 ? 11.700  5.822   0.340   1.00 0.58 ? 19 ASP A O    1 
ATOM   260  C  CB   . ASP A 1 19 ? 13.151  5.742   3.513   1.00 0.66 ? 19 ASP A CB   1 
ATOM   261  C  CG   . ASP A 1 19 ? 13.521  7.211   3.211   1.00 1.13 ? 19 ASP A CG   1 
ATOM   262  O  OD1  . ASP A 1 19 ? 14.286  7.434   2.284   1.00 2.02 ? 19 ASP A OD1  1 
ATOM   263  O  OD2  . ASP A 1 19 ? 13.037  8.085   3.914   1.00 1.23 ? 19 ASP A OD2  1 
ATOM   264  H  H    . ASP A 1 19 ? 11.982  3.187   3.229   1.00 0.40 ? 19 ASP A H    1 
ATOM   265  H  HA   . ASP A 1 19 ? 11.141  6.044   2.775   1.00 0.66 ? 19 ASP A HA   1 
ATOM   266  H  HB2  . ASP A 1 19 ? 12.923  5.646   4.566   1.00 1.15 ? 19 ASP A HB2  1 
ATOM   267  H  HB3  . ASP A 1 19 ? 13.993  5.105   3.280   1.00 0.67 ? 19 ASP A HB3  1 
ATOM   268  N  N    . THR A 1 20 ? 13.257  4.279   0.836   1.00 0.48 ? 20 THR A N    1 
ATOM   269  C  CA   . THR A 1 20 ? 13.716  4.099   -0.612  1.00 0.53 ? 20 THR A CA   1 
ATOM   270  C  C    . THR A 1 20 ? 12.959  2.920   -1.293  1.00 0.42 ? 20 THR A C    1 
ATOM   271  O  O    . THR A 1 20 ? 12.485  2.014   -0.624  1.00 0.43 ? 20 THR A O    1 
ATOM   272  C  CB   . THR A 1 20 ? 15.261  3.837   -0.640  1.00 0.69 ? 20 THR A CB   1 
ATOM   273  O  OG1  . THR A 1 20 ? 15.918  4.687   0.301   1.00 0.87 ? 20 THR A OG1  1 
ATOM   274  C  CG2  . THR A 1 20 ? 15.849  4.118   -2.040  1.00 1.15 ? 20 THR A CG2  1 
ATOM   275  H  H    . THR A 1 20 ? 13.710  3.767   1.542   1.00 0.52 ? 20 THR A H    1 
ATOM   276  H  HA   . THR A 1 20 ? 13.506  5.009   -1.162  1.00 0.60 ? 20 THR A HA   1 
ATOM   277  H  HB   . THR A 1 20 ? 15.456  2.804   -0.380  1.00 0.78 ? 20 THR A HB   1 
ATOM   278  H  HG1  . THR A 1 20 ? 16.027  4.201   1.123   1.00 1.38 ? 20 THR A HG1  1 
ATOM   279  H  HG21 . THR A 1 20 ? 15.481  3.384   -2.741  1.00 1.48 ? 20 THR A HG21 1 
ATOM   280  H  HG22 . THR A 1 20 ? 16.928  4.057   -1.996  1.00 1.72 ? 20 THR A HG22 1 
ATOM   281  H  HG23 . THR A 1 20 ? 15.560  5.107   -2.366  1.00 1.68 ? 20 THR A HG23 1 
ATOM   282  N  N    . LYS A 1 21 ? 12.866  2.942   -2.632  1.00 0.45 ? 21 LYS A N    1 
ATOM   283  C  CA   . LYS A 1 21 ? 12.163  1.845   -3.420  1.00 0.41 ? 21 LYS A CA   1 
ATOM   284  C  C    . LYS A 1 21 ? 13.087  0.598   -3.546  1.00 0.45 ? 21 LYS A C    1 
ATOM   285  O  O    . LYS A 1 21 ? 14.268  0.730   -3.863  1.00 0.64 ? 21 LYS A O    1 
ATOM   286  C  CB   . LYS A 1 21 ? 11.828  2.353   -4.852  1.00 0.44 ? 21 LYS A CB   1 
ATOM   287  C  CG   . LYS A 1 21 ? 10.666  3.373   -4.837  1.00 0.51 ? 21 LYS A CG   1 
ATOM   288  C  CD   . LYS A 1 21 ? 10.562  4.076   -6.218  1.00 0.96 ? 21 LYS A CD   1 
ATOM   289  C  CE   . LYS A 1 21 ? 9.131   4.594   -6.473  1.00 0.71 ? 21 LYS A CE   1 
ATOM   290  N  NZ   . LYS A 1 21 ? 9.130   5.566   -7.613  1.00 1.10 ? 21 LYS A NZ   1 
ATOM   291  H  H    . LYS A 1 21 ? 13.272  3.691   -3.125  1.00 0.55 ? 21 LYS A H    1 
ATOM   292  H  HA   . LYS A 1 21 ? 11.248  1.565   -2.913  1.00 0.38 ? 21 LYS A HA   1 
ATOM   293  H  HB2  . LYS A 1 21 ? 12.707  2.822   -5.272  1.00 0.45 ? 21 LYS A HB2  1 
ATOM   294  H  HB3  . LYS A 1 21 ? 11.547  1.512   -5.474  1.00 0.52 ? 21 LYS A HB3  1 
ATOM   295  H  HG2  . LYS A 1 21 ? 9.743   2.854   -4.618  1.00 1.07 ? 21 LYS A HG2  1 
ATOM   296  H  HG3  . LYS A 1 21 ? 10.845  4.117   -4.075  1.00 1.02 ? 21 LYS A HG3  1 
ATOM   297  H  HD2  . LYS A 1 21 ? 11.249  4.908   -6.241  1.00 1.69 ? 21 LYS A HD2  1 
ATOM   298  H  HD3  . LYS A 1 21 ? 10.826  3.379   -7.003  1.00 1.83 ? 21 LYS A HD3  1 
ATOM   299  H  HE2  . LYS A 1 21 ? 8.488   3.761   -6.719  1.00 0.98 ? 21 LYS A HE2  1 
ATOM   300  H  HE3  . LYS A 1 21 ? 8.755   5.084   -5.588  1.00 1.35 ? 21 LYS A HE3  1 
ATOM   301  H  HZ1  . LYS A 1 21 ? 9.479   5.099   -8.475  1.00 1.55 ? 21 LYS A HZ1  1 
ATOM   302  H  HZ2  . LYS A 1 21 ? 9.742   6.377   -7.382  1.00 1.51 ? 21 LYS A HZ2  1 
ATOM   303  H  HZ3  . LYS A 1 21 ? 8.160   5.903   -7.776  1.00 1.55 ? 21 LYS A HZ3  1 
ATOM   304  N  N    . MET A 1 22 ? 12.537  -0.609  -3.335  1.00 0.35 ? 22 MET A N    1 
ATOM   305  C  CA   . MET A 1 22 ? 13.331  -1.899  -3.474  1.00 0.36 ? 22 MET A CA   1 
ATOM   306  C  C    . MET A 1 22 ? 13.003  -2.498  -4.868  1.00 0.40 ? 22 MET A C    1 
ATOM   307  O  O    . MET A 1 22 ? 13.872  -2.566  -5.729  1.00 0.45 ? 22 MET A O    1 
ATOM   308  C  CB   . MET A 1 22 ? 12.940  -2.897  -2.344  1.00 0.35 ? 22 MET A CB   1 
ATOM   309  C  CG   . MET A 1 22 ? 13.765  -2.639  -1.071  1.00 0.36 ? 22 MET A CG   1 
ATOM   310  S  SD   . MET A 1 22 ? 13.387  -3.919  0.159   1.00 1.37 ? 22 MET A SD   1 
ATOM   311  C  CE   . MET A 1 22 ? 14.780  -3.614  1.274   1.00 1.95 ? 22 MET A CE   1 
ATOM   312  H  H    . MET A 1 22 ? 11.581  -0.665  -3.111  1.00 0.39 ? 22 MET A H    1 
ATOM   313  H  HA   . MET A 1 22 ? 14.394  -1.683  -3.421  1.00 0.39 ? 22 MET A HA   1 
ATOM   314  H  HB2  . MET A 1 22 ? 11.892  -2.782  -2.116  1.00 0.39 ? 22 MET A HB2  1 
ATOM   315  H  HB3  . MET A 1 22 ? 13.120  -3.911  -2.680  1.00 0.41 ? 22 MET A HB3  1 
ATOM   316  H  HG2  . MET A 1 22 ? 14.819  -2.669  -1.310  1.00 0.90 ? 22 MET A HG2  1 
ATOM   317  H  HG3  . MET A 1 22 ? 13.514  -1.668  -0.669  1.00 0.77 ? 22 MET A HG3  1 
ATOM   318  H  HE1  . MET A 1 22 ? 14.723  -4.294  2.113   1.00 2.32 ? 22 MET A HE1  1 
ATOM   319  H  HE2  . MET A 1 22 ? 14.740  -2.598  1.634   1.00 2.38 ? 22 MET A HE2  1 
ATOM   320  H  HE3  . MET A 1 22 ? 15.707  -3.768  0.741   1.00 2.51 ? 22 MET A HE3  1 
ATOM   321  N  N    . VAL A 1 23 ? 11.740  -2.892  -5.087  1.00 0.43 ? 23 VAL A N    1 
ATOM   322  C  CA   . VAL A 1 23 ? 11.265  -3.457  -6.421  1.00 0.46 ? 23 VAL A CA   1 
ATOM   323  C  C    . VAL A 1 23 ? 10.057  -2.609  -6.917  1.00 0.49 ? 23 VAL A C    1 
ATOM   324  O  O    . VAL A 1 23 ? 10.010  -2.233  -8.084  1.00 0.53 ? 23 VAL A O    1 
ATOM   325  C  CB   . VAL A 1 23 ? 10.889  -4.979  -6.315  1.00 0.47 ? 23 VAL A CB   1 
ATOM   326  C  CG1  . VAL A 1 23 ? 12.173  -5.835  -6.261  1.00 0.50 ? 23 VAL A CG1  1 
ATOM   327  C  CG2  . VAL A 1 23 ? 10.020  -5.286  -5.067  1.00 0.46 ? 23 VAL A CG2  1 
ATOM   328  H  H    . VAL A 1 23 ? 11.083  -2.787  -4.365  1.00 0.46 ? 23 VAL A H    1 
ATOM   329  H  HA   . VAL A 1 23 ? 12.065  -3.347  -7.149  1.00 0.47 ? 23 VAL A HA   1 
ATOM   330  H  HB   . VAL A 1 23 ? 10.336  -5.261  -7.204  1.00 0.51 ? 23 VAL A HB   1 
ATOM   331  H  HG11 . VAL A 1 23 ? 12.748  -5.577  -5.381  1.00 1.09 ? 23 VAL A HG11 1 
ATOM   332  H  HG12 . VAL A 1 23 ? 12.767  -5.650  -7.144  1.00 1.02 ? 23 VAL A HG12 1 
ATOM   333  H  HG13 . VAL A 1 23 ? 11.908  -6.883  -6.223  1.00 1.14 ? 23 VAL A HG13 1 
ATOM   334  H  HG21 . VAL A 1 23 ? 9.810   -6.347  -5.026  1.00 0.94 ? 23 VAL A HG21 1 
ATOM   335  H  HG22 . VAL A 1 23 ? 9.089   -4.747  -5.131  1.00 0.87 ? 23 VAL A HG22 1 
ATOM   336  H  HG23 . VAL A 1 23 ? 10.546  -4.992  -4.170  1.00 1.01 ? 23 VAL A HG23 1 
ATOM   337  N  N    . GLY A 1 24 ? 9.110   -2.281  -6.020  1.00 0.48 ? 24 GLY A N    1 
ATOM   338  C  CA   . GLY A 1 24 ? 7.912   -1.427  -6.367  1.00 0.50 ? 24 GLY A CA   1 
ATOM   339  C  C    . GLY A 1 24 ? 8.033   -0.057  -5.625  1.00 0.42 ? 24 GLY A C    1 
ATOM   340  O  O    . GLY A 1 24 ? 9.151   0.391   -5.387  1.00 0.50 ? 24 GLY A O    1 
ATOM   341  H  H    . GLY A 1 24 ? 9.202   -2.584  -5.093  1.00 0.47 ? 24 GLY A H    1 
ATOM   342  H  HA2  . GLY A 1 24 ? 7.866   -1.260  -7.436  1.00 0.58 ? 24 GLY A HA2  1 
ATOM   343  H  HA3  . GLY A 1 24 ? 7.019   -1.936  -6.044  1.00 0.55 ? 24 GLY A HA3  1 
ATOM   344  N  N    . PRO A 1 25 ? 6.891   0.586   -5.269  1.00 0.30 ? 25 PRO A N    1 
ATOM   345  C  CA   . PRO A 1 25 ? 6.891   1.898   -4.550  1.00 0.27 ? 25 PRO A CA   1 
ATOM   346  C  C    . PRO A 1 25 ? 7.174   1.718   -3.032  1.00 0.23 ? 25 PRO A C    1 
ATOM   347  O  O    . PRO A 1 25 ? 6.881   0.674   -2.462  1.00 0.31 ? 25 PRO A O    1 
ATOM   348  C  CB   . PRO A 1 25 ? 5.466   2.433   -4.773  1.00 0.27 ? 25 PRO A CB   1 
ATOM   349  C  CG   . PRO A 1 25 ? 4.578   1.205   -5.064  1.00 0.23 ? 25 PRO A CG   1 
ATOM   350  C  CD   . PRO A 1 25 ? 5.514   0.092   -5.557  1.00 0.25 ? 25 PRO A CD   1 
ATOM   351  H  HA   . PRO A 1 25 ? 7.605   2.573   -4.991  1.00 0.36 ? 25 PRO A HA   1 
ATOM   352  H  HB2  . PRO A 1 25 ? 5.108   2.958   -3.896  1.00 0.30 ? 25 PRO A HB2  1 
ATOM   353  H  HB3  . PRO A 1 25 ? 5.458   3.091   -5.622  1.00 0.34 ? 25 PRO A HB3  1 
ATOM   354  H  HG2  . PRO A 1 25 ? 4.071   0.894   -4.160  1.00 0.23 ? 25 PRO A HG2  1 
ATOM   355  H  HG3  . PRO A 1 25 ? 3.857   1.439   -5.828  1.00 0.27 ? 25 PRO A HG3  1 
ATOM   356  H  HD2  . PRO A 1 25 ? 5.321   -0.828  -5.025  1.00 0.28 ? 25 PRO A HD2  1 
ATOM   357  H  HD3  . PRO A 1 25 ? 5.395   -0.051  -6.616  1.00 0.29 ? 25 PRO A HD3  1 
ATOM   358  N  N    . ALA A 1 26 ? 7.711   2.754   -2.388  1.00 0.20 ? 26 ALA A N    1 
ATOM   359  C  CA   . ALA A 1 26 ? 7.996   2.719   -0.898  1.00 0.20 ? 26 ALA A CA   1 
ATOM   360  C  C    . ALA A 1 26 ? 6.830   3.409   -0.142  1.00 0.20 ? 26 ALA A C    1 
ATOM   361  O  O    . ALA A 1 26 ? 6.004   4.084   -0.755  1.00 0.22 ? 26 ALA A O    1 
ATOM   362  C  CB   . ALA A 1 26 ? 9.317   3.456   -0.615  1.00 0.22 ? 26 ALA A CB   1 
ATOM   363  H  H    . ALA A 1 26 ? 7.904   3.580   -2.886  1.00 0.25 ? 26 ALA A H    1 
ATOM   364  H  HA   . ALA A 1 26 ? 8.081   1.692   -0.563  1.00 0.23 ? 26 ALA A HA   1 
ATOM   365  H  HB1  . ALA A 1 26 ? 10.113  2.993   -1.177  1.00 0.97 ? 26 ALA A HB1  1 
ATOM   366  H  HB2  . ALA A 1 26 ? 9.546   3.401   0.440   1.00 1.04 ? 26 ALA A HB2  1 
ATOM   367  H  HB3  . ALA A 1 26 ? 9.227   4.494   -0.910  1.00 1.01 ? 26 ALA A HB3  1 
ATOM   368  N  N    . LEU A 1 27 ? 6.766   3.256   1.193   1.00 0.24 ? 27 LEU A N    1 
ATOM   369  C  CA   . LEU A 1 27 ? 5.664   3.911   2.024   1.00 0.27 ? 27 LEU A CA   1 
ATOM   370  C  C    . LEU A 1 27 ? 5.778   5.462   1.918   1.00 0.27 ? 27 LEU A C    1 
ATOM   371  O  O    . LEU A 1 27 ? 4.768   6.148   1.803   1.00 0.29 ? 27 LEU A O    1 
ATOM   372  C  CB   . LEU A 1 27 ? 5.766   3.471   3.513   1.00 0.32 ? 27 LEU A CB   1 
ATOM   373  C  CG   . LEU A 1 27 ? 5.385   1.965   3.691   1.00 0.36 ? 27 LEU A CG   1 
ATOM   374  C  CD1  . LEU A 1 27 ? 5.829   1.476   5.086   1.00 0.44 ? 27 LEU A CD1  1 
ATOM   375  C  CD2  . LEU A 1 27 ? 3.854   1.762   3.540   1.00 0.49 ? 27 LEU A CD2  1 
ATOM   376  H  H    . LEU A 1 27 ? 7.452   2.717   1.648   1.00 0.26 ? 27 LEU A H    1 
ATOM   377  H  HA   . LEU A 1 27 ? 4.705   3.608   1.627   1.00 0.28 ? 27 LEU A HA   1 
ATOM   378  H  HB2  . LEU A 1 27 ? 6.782   3.623   3.851   1.00 0.34 ? 27 LEU A HB2  1 
ATOM   379  H  HB3  . LEU A 1 27 ? 5.102   4.078   4.113   1.00 0.36 ? 27 LEU A HB3  1 
ATOM   380  H  HG   . LEU A 1 27 ? 5.896   1.378   2.939   1.00 0.42 ? 27 LEU A HG   1 
ATOM   381  H  HD11 . LEU A 1 27 ? 6.906   1.452   5.130   1.00 1.13 ? 27 LEU A HD11 1 
ATOM   382  H  HD12 . LEU A 1 27 ? 5.444   0.483   5.265   1.00 1.07 ? 27 LEU A HD12 1 
ATOM   383  H  HD13 . LEU A 1 27 ? 5.454   2.147   5.846   1.00 1.15 ? 27 LEU A HD13 1 
ATOM   384  H  HD21 . LEU A 1 27 ? 3.604   0.729   3.737   1.00 1.00 ? 27 LEU A HD21 1 
ATOM   385  H  HD22 . LEU A 1 27 ? 3.552   2.014   2.536   1.00 1.15 ? 27 LEU A HD22 1 
ATOM   386  H  HD23 . LEU A 1 27 ? 3.330   2.397   4.243   1.00 1.26 ? 27 LEU A HD23 1 
ATOM   387  N  N    . LYS A 1 28 ? 7.011   5.998   1.915   1.00 0.28 ? 28 LYS A N    1 
ATOM   388  C  CA   . LYS A 1 28 ? 7.255   7.495   1.775   1.00 0.32 ? 28 LYS A CA   1 
ATOM   389  C  C    . LYS A 1 28 ? 6.814   7.984   0.354   1.00 0.29 ? 28 LYS A C    1 
ATOM   390  O  O    . LYS A 1 28 ? 6.357   9.113   0.213   1.00 0.34 ? 28 LYS A O    1 
ATOM   391  C  CB   . LYS A 1 28 ? 8.771   7.773   1.985   1.00 0.40 ? 28 LYS A CB   1 
ATOM   392  C  CG   . LYS A 1 28 ? 9.073   9.293   2.120   1.00 1.00 ? 28 LYS A CG   1 
ATOM   393  C  CD   . LYS A 1 28 ? 10.585  9.574   1.914   1.00 0.82 ? 28 LYS A CD   1 
ATOM   394  C  CE   . LYS A 1 28 ? 10.941  9.626   0.408   1.00 0.77 ? 28 LYS A CE   1 
ATOM   395  N  NZ   . LYS A 1 28 ? 12.423  9.735   0.230   1.00 1.41 ? 28 LYS A NZ   1 
ATOM   396  H  H    . LYS A 1 28 ? 7.788   5.399   1.981   1.00 0.29 ? 28 LYS A H    1 
ATOM   397  H  HA   . LYS A 1 28 ? 6.685   8.021   2.530   1.00 0.38 ? 28 LYS A HA   1 
ATOM   398  H  HB2  . LYS A 1 28 ? 9.095   7.274   2.887   1.00 1.10 ? 28 LYS A HB2  1 
ATOM   399  H  HB3  . LYS A 1 28 ? 9.323   7.369   1.146   1.00 0.92 ? 28 LYS A HB3  1 
ATOM   400  H  HG2  . LYS A 1 28 ? 8.501   9.849   1.389   1.00 1.60 ? 28 LYS A HG2  1 
ATOM   401  H  HG3  . LYS A 1 28 ? 8.788   9.621   3.109   1.00 1.76 ? 28 LYS A HG3  1 
ATOM   402  H  HD2  . LYS A 1 28 ? 10.830  10.525  2.366   1.00 1.08 ? 28 LYS A HD2  1 
ATOM   403  H  HD3  . LYS A 1 28 ? 11.166  8.798   2.391   1.00 0.84 ? 28 LYS A HD3  1 
ATOM   404  H  HE2  . LYS A 1 28 ? 10.592  8.727   -0.079  1.00 1.18 ? 28 LYS A HE2  1 
ATOM   405  H  HE3  . LYS A 1 28 ? 10.464  10.484  -0.043  1.00 1.18 ? 28 LYS A HE3  1 
ATOM   406  H  HZ1  . LYS A 1 28 ? 12.890  8.908   0.657   1.00 2.00 ? 28 LYS A HZ1  1 
ATOM   407  H  HZ2  . LYS A 1 28 ? 12.769  10.605  0.687   1.00 1.59 ? 28 LYS A HZ2  1 
ATOM   408  H  HZ3  . LYS A 1 28 ? 12.647  9.766   -0.785  1.00 2.03 ? 28 LYS A HZ3  1 
ATOM   409  N  N    . GLU A 1 29 ? 6.961   7.137   -0.680  1.00 0.23 ? 29 GLU A N    1 
ATOM   410  C  CA   . GLU A 1 29 ? 6.575   7.514   -2.106  1.00 0.25 ? 29 GLU A CA   1 
ATOM   411  C  C    . GLU A 1 29 ? 5.028   7.573   -2.252  1.00 0.26 ? 29 GLU A C    1 
ATOM   412  O  O    . GLU A 1 29 ? 4.506   8.547   -2.784  1.00 0.29 ? 29 GLU A O    1 
ATOM   413  C  CB   . GLU A 1 29 ? 7.157   6.480   -3.111  1.00 0.27 ? 29 GLU A CB   1 
ATOM   414  C  CG   . GLU A 1 29 ? 8.713   6.480   -3.088  1.00 0.42 ? 29 GLU A CG   1 
ATOM   415  C  CD   . GLU A 1 29 ? 9.276   7.657   -3.915  1.00 0.79 ? 29 GLU A CD   1 
ATOM   416  O  OE1  . GLU A 1 29 ? 9.435   7.496   -5.116  1.00 1.02 ? 29 GLU A OE1  1 
ATOM   417  O  OE2  . GLU A 1 29 ? 9.540   8.698   -3.332  1.00 1.32 ? 29 GLU A OE2  1 
ATOM   418  H  H    . GLU A 1 29 ? 7.338   6.244   -0.517  1.00 0.21 ? 29 GLU A H    1 
ATOM   419  H  HA   . GLU A 1 29 ? 6.984   8.492   -2.331  1.00 0.29 ? 29 GLU A HA   1 
ATOM   420  H  HB2  . GLU A 1 29 ? 6.805   5.494   -2.845  1.00 0.31 ? 29 GLU A HB2  1 
ATOM   421  H  HB3  . GLU A 1 29 ? 6.815   6.717   -4.109  1.00 0.48 ? 29 GLU A HB3  1 
ATOM   422  H  HG2  . GLU A 1 29 ? 9.062   6.560   -2.066  1.00 0.72 ? 29 GLU A HG2  1 
ATOM   423  H  HG3  . GLU A 1 29 ? 9.070   5.550   -3.503  1.00 0.38 ? 29 GLU A HG3  1 
ATOM   424  N  N    . VAL A 1 30 ? 4.299   6.544   -1.773  1.00 0.27 ? 30 VAL A N    1 
ATOM   425  C  CA   . VAL A 1 30 ? 2.767   6.524   -1.862  1.00 0.32 ? 30 VAL A CA   1 
ATOM   426  C  C    . VAL A 1 30 ? 2.149   7.666   -0.991  1.00 0.31 ? 30 VAL A C    1 
ATOM   427  O  O    . VAL A 1 30 ? 1.109   8.209   -1.346  1.00 0.35 ? 30 VAL A O    1 
ATOM   428  C  CB   . VAL A 1 30 ? 2.171   5.130   -1.446  1.00 0.35 ? 30 VAL A CB   1 
ATOM   429  C  CG1  . VAL A 1 30 ? 2.622   4.040   -2.443  1.00 0.47 ? 30 VAL A CG1  1 
ATOM   430  C  CG2  . VAL A 1 30 ? 2.595   4.718   -0.011  1.00 0.33 ? 30 VAL A CG2  1 
ATOM   431  H  H    . VAL A 1 30 ? 4.763   5.790   -1.350  1.00 0.26 ? 30 VAL A H    1 
ATOM   432  H  HA   . VAL A 1 30 ? 2.493   6.716   -2.893  1.00 0.36 ? 30 VAL A HA   1 
ATOM   433  H  HB   . VAL A 1 30 ? 1.091   5.195   -1.485  1.00 0.38 ? 30 VAL A HB   1 
ATOM   434  H  HG11 . VAL A 1 30 ? 2.306   4.311   -3.441  1.00 1.18 ? 30 VAL A HG11 1 
ATOM   435  H  HG12 . VAL A 1 30 ? 2.172   3.094   -2.174  1.00 1.20 ? 30 VAL A HG12 1 
ATOM   436  H  HG13 . VAL A 1 30 ? 3.698   3.945   -2.419  1.00 0.91 ? 30 VAL A HG13 1 
ATOM   437  H  HG21 . VAL A 1 30 ? 2.175   3.750   0.226   1.00 1.02 ? 30 VAL A HG21 1 
ATOM   438  H  HG22 . VAL A 1 30 ? 2.228   5.445   0.699   1.00 1.13 ? 30 VAL A HG22 1 
ATOM   439  H  HG23 . VAL A 1 30 ? 3.669   4.666   0.052   1.00 1.05 ? 30 VAL A HG23 1 
ATOM   440  N  N    . ALA A 1 31 ? 2.806   8.037   0.124   1.00 0.28 ? 31 ALA A N    1 
ATOM   441  C  CA   . ALA A 1 31 ? 2.307   9.156   1.023   1.00 0.31 ? 31 ALA A CA   1 
ATOM   442  C  C    . ALA A 1 31 ? 2.646   10.544  0.401   1.00 0.30 ? 31 ALA A C    1 
ATOM   443  O  O    . ALA A 1 31 ? 1.894   11.493  0.587   1.00 0.39 ? 31 ALA A O    1 
ATOM   444  C  CB   . ALA A 1 31 ? 2.967   9.040   2.412   1.00 0.36 ? 31 ALA A CB   1 
ATOM   445  H  H    . ALA A 1 31 ? 3.645   7.584   0.358   1.00 0.27 ? 31 ALA A H    1 
ATOM   446  H  HA   . ALA A 1 31 ? 1.234   9.069   1.136   1.00 0.37 ? 31 ALA A HA   1 
ATOM   447  H  HB1  . ALA A 1 31 ? 4.038   9.158   2.318   1.00 0.99 ? 31 ALA A HB1  1 
ATOM   448  H  HB2  . ALA A 1 31 ? 2.751   8.069   2.832   1.00 1.10 ? 31 ALA A HB2  1 
ATOM   449  H  HB3  . ALA A 1 31 ? 2.575   9.807   3.065   1.00 1.01 ? 31 ALA A HB3  1 
ATOM   450  N  N    . ALA A 1 32 ? 3.770   10.654  -0.339  1.00 0.27 ? 32 ALA A N    1 
ATOM   451  C  CA   . ALA A 1 32 ? 4.187   11.965  -0.994  1.00 0.34 ? 32 ALA A CA   1 
ATOM   452  C  C    . ALA A 1 32 ? 3.266   12.290  -2.204  1.00 0.37 ? 32 ALA A C    1 
ATOM   453  O  O    . ALA A 1 32 ? 2.814   13.421  -2.340  1.00 0.44 ? 32 ALA A O    1 
ATOM   454  C  CB   . ALA A 1 32 ? 5.651   11.870  -1.468  1.00 0.39 ? 32 ALA A CB   1 
ATOM   455  H  H    . ALA A 1 32 ? 4.341   9.864   -0.462  1.00 0.27 ? 32 ALA A H    1 
ATOM   456  H  HA   . ALA A 1 32 ? 4.107   12.762  -0.265  1.00 0.36 ? 32 ALA A HA   1 
ATOM   457  H  HB1  . ALA A 1 32 ? 5.748   11.073  -2.193  1.00 1.06 ? 32 ALA A HB1  1 
ATOM   458  H  HB2  . ALA A 1 32 ? 6.289   11.660  -0.622  1.00 0.99 ? 32 ALA A HB2  1 
ATOM   459  H  HB3  . ALA A 1 32 ? 5.950   12.806  -1.918  1.00 1.20 ? 32 ALA A HB3  1 
ATOM   460  N  N    . LYS A 1 33 ? 2.978   11.296  -3.066  1.00 0.37 ? 33 LYS A N    1 
ATOM   461  C  CA   . LYS A 1 33 ? 2.070   11.509  -4.271  1.00 0.45 ? 33 LYS A CA   1 
ATOM   462  C  C    . LYS A 1 33 ? 0.594   11.601  -3.785  1.00 0.44 ? 33 LYS A C    1 
ATOM   463  O  O    . LYS A 1 33 ? -0.126  12.512  -4.179  1.00 0.49 ? 33 LYS A O    1 
ATOM   464  C  CB   . LYS A 1 33 ? 2.243   10.330  -5.267  1.00 0.51 ? 33 LYS A CB   1 
ATOM   465  C  CG   . LYS A 1 33 ? 1.673   10.680  -6.663  1.00 0.71 ? 33 LYS A CG   1 
ATOM   466  C  CD   . LYS A 1 33 ? 1.834   9.473   -7.618  1.00 1.44 ? 33 LYS A CD   1 
ATOM   467  C  CE   . LYS A 1 33 ? 1.249   9.793   -9.012  1.00 2.01 ? 33 LYS A CE   1 
ATOM   468  N  NZ   . LYS A 1 33 ? 2.200   10.637  -9.804  1.00 2.34 ? 33 LYS A NZ   1 
ATOM   469  H  H    . LYS A 1 33 ? 3.355   10.402  -2.907  1.00 0.36 ? 33 LYS A H    1 
ATOM   470  H  HA   . LYS A 1 33 ? 2.344   12.438  -4.759  1.00 0.51 ? 33 LYS A HA   1 
ATOM   471  H  HB2  . LYS A 1 33 ? 3.296   10.108  -5.364  1.00 0.51 ? 33 LYS A HB2  1 
ATOM   472  H  HB3  . LYS A 1 33 ? 1.733   9.456   -4.881  1.00 0.56 ? 33 LYS A HB3  1 
ATOM   473  H  HG2  . LYS A 1 33 ? 0.624   10.928  -6.572  1.00 0.86 ? 33 LYS A HG2  1 
ATOM   474  H  HG3  . LYS A 1 33 ? 2.209   11.527  -7.066  1.00 1.30 ? 33 LYS A HG3  1 
ATOM   475  H  HD2  . LYS A 1 33 ? 2.883   9.233   -7.719  1.00 2.01 ? 33 LYS A HD2  1 
ATOM   476  H  HD3  . LYS A 1 33 ? 1.314   8.620   -7.205  1.00 1.81 ? 33 LYS A HD3  1 
ATOM   477  H  HE2  . LYS A 1 33 ? 1.076   8.868   -9.542  1.00 2.77 ? 33 LYS A HE2  1 
ATOM   478  H  HE3  . LYS A 1 33 ? 0.309   10.318  -8.902  1.00 2.21 ? 33 LYS A HE3  1 
ATOM   479  H  HZ1  . LYS A 1 33 ? 3.118   10.152  -9.887  1.00 2.69 ? 33 LYS A HZ1  1 
ATOM   480  H  HZ2  . LYS A 1 33 ? 2.333   11.555  -9.332  1.00 2.59 ? 33 LYS A HZ2  1 
ATOM   481  H  HZ3  . LYS A 1 33 ? 1.811   10.793  -10.756 1.00 2.79 ? 33 LYS A HZ3  1 
ATOM   482  N  N    . ASN A 1 34 ? 0.169   10.667  -2.920  1.00 0.39 ? 34 ASN A N    1 
ATOM   483  C  CA   . ASN A 1 34 ? -1.235  10.661  -2.354  1.00 0.39 ? 34 ASN A CA   1 
ATOM   484  C  C    . ASN A 1 34 ? -1.121  10.976  -0.833  1.00 0.33 ? 34 ASN A C    1 
ATOM   485  O  O    . ASN A 1 34 ? -0.881  10.085  -0.019  1.00 0.35 ? 34 ASN A O    1 
ATOM   486  C  CB   . ASN A 1 34 ? -1.908  9.278   -2.598  1.00 0.44 ? 34 ASN A CB   1 
ATOM   487  C  CG   . ASN A 1 34 ? -1.885  8.903   -4.098  1.00 0.66 ? 34 ASN A CG   1 
ATOM   488  O  OD1  . ASN A 1 34 ? -2.768  9.279   -4.844  1.00 1.19 ? 34 ASN A OD1  1 
ATOM   489  N  ND2  . ASN A 1 34 ? -0.906  8.170   -4.575  1.00 1.25 ? 34 ASN A ND2  1 
ATOM   490  H  H    . ASN A 1 34 ? 0.793   9.967   -2.627  1.00 0.37 ? 34 ASN A H    1 
ATOM   491  H  HA   . ASN A 1 34 ? -1.827  11.436  -2.831  1.00 0.47 ? 34 ASN A HA   1 
ATOM   492  H  HB2  . ASN A 1 34 ? -1.382  8.519   -2.034  1.00 0.53 ? 34 ASN A HB2  1 
ATOM   493  H  HB3  . ASN A 1 34 ? -2.933  9.321   -2.260  1.00 0.42 ? 34 ASN A HB3  1 
ATOM   494  H  HD21 . ASN A 1 34 ? -0.187  7.857   -3.985  1.00 1.86 ? 34 ASN A HD21 1 
ATOM   495  H  HD22 . ASN A 1 34 ? -0.894  7.934   -5.526  1.00 1.35 ? 34 ASN A HD22 1 
ATOM   496  N  N    . ALA A 1 35 ? -1.252  12.262  -0.460  1.00 0.41 ? 35 ALA A N    1 
ATOM   497  C  CA   . ALA A 1 35 ? -1.125  12.702  0.987   1.00 0.46 ? 35 ALA A CA   1 
ATOM   498  C  C    . ALA A 1 35 ? -2.536  12.947  1.596   1.00 0.44 ? 35 ALA A C    1 
ATOM   499  O  O    . ALA A 1 35 ? -2.963  14.086  1.800   1.00 0.50 ? 35 ALA A O    1 
ATOM   500  C  CB   . ALA A 1 35 ? -0.247  13.975  1.050   1.00 0.65 ? 35 ALA A CB   1 
ATOM   501  H  H    . ALA A 1 35 ? -1.415  12.945  -1.149  1.00 0.50 ? 35 ALA A H    1 
ATOM   502  H  HA   . ALA A 1 35 ? -0.637  11.919  1.557   1.00 0.50 ? 35 ALA A HA   1 
ATOM   503  H  HB1  . ALA A 1 35 ? 0.717   13.770  0.608   1.00 1.26 ? 35 ALA A HB1  1 
ATOM   504  H  HB2  . ALA A 1 35 ? -0.111  14.271  2.081   1.00 0.82 ? 35 ALA A HB2  1 
ATOM   505  H  HB3  . ALA A 1 35 ? -0.728  14.775  0.506   1.00 1.41 ? 35 ALA A HB3  1 
ATOM   506  N  N    . GLY A 1 36 ? -3.266  11.857  1.887   1.00 0.50 ? 36 GLY A N    1 
ATOM   507  C  CA   . GLY A 1 36 ? -4.656  11.940  2.488   1.00 0.59 ? 36 GLY A CA   1 
ATOM   508  C  C    . GLY A 1 36 ? -5.641  12.580  1.485   1.00 0.57 ? 36 GLY A C    1 
ATOM   509  O  O    . GLY A 1 36 ? -6.129  13.679  1.723   1.00 0.70 ? 36 GLY A O    1 
ATOM   510  H  H    . GLY A 1 36 ? -2.887  10.971  1.706   1.00 0.56 ? 36 GLY A H    1 
ATOM   511  H  HA2  . GLY A 1 36 ? -4.996  10.944  2.735   1.00 0.67 ? 36 GLY A HA2  1 
ATOM   512  H  HA3  . GLY A 1 36 ? -4.623  12.536  3.390   1.00 0.67 ? 36 GLY A HA3  1 
ATOM   513  N  N    . VAL A 1 37 ? -5.908  11.898  0.365   1.00 0.56 ? 37 VAL A N    1 
ATOM   514  C  CA   . VAL A 1 37 ? -6.843  12.437  -0.709  1.00 0.64 ? 37 VAL A CA   1 
ATOM   515  C  C    . VAL A 1 37 ? -7.960  11.391  -0.997  1.00 0.64 ? 37 VAL A C    1 
ATOM   516  O  O    . VAL A 1 37 ? -7.703  10.188  -1.007  1.00 0.57 ? 37 VAL A O    1 
ATOM   517  C  CB   . VAL A 1 37 ? -6.027  12.733  -2.021  1.00 0.69 ? 37 VAL A CB   1 
ATOM   518  C  CG1  . VAL A 1 37 ? -6.910  13.451  -3.075  1.00 1.00 ? 37 VAL A CG1  1 
ATOM   519  C  CG2  . VAL A 1 37 ? -4.797  13.627  -1.710  1.00 0.93 ? 37 VAL A CG2  1 
ATOM   520  H  H    . VAL A 1 37 ? -5.475  11.027  0.219   1.00 0.61 ? 37 VAL A H    1 
ATOM   521  H  HA   . VAL A 1 37 ? -7.304  13.354  -0.362  1.00 0.73 ? 37 VAL A HA   1 
ATOM   522  H  HB   . VAL A 1 37 ? -5.682  11.796  -2.438  1.00 0.94 ? 37 VAL A HB   1 
ATOM   523  H  HG11 . VAL A 1 37 ? -7.712  12.796  -3.382  1.00 1.56 ? 37 VAL A HG11 1 
ATOM   524  H  HG12 . VAL A 1 37 ? -6.310  13.706  -3.937  1.00 1.27 ? 37 VAL A HG12 1 
ATOM   525  H  HG13 . VAL A 1 37 ? -7.327  14.354  -2.649  1.00 1.51 ? 37 VAL A HG13 1 
ATOM   526  H  HG21 . VAL A 1 37 ? -4.116  13.093  -1.064  1.00 1.27 ? 37 VAL A HG21 1 
ATOM   527  H  HG22 . VAL A 1 37 ? -5.119  14.535  -1.220  1.00 1.28 ? 37 VAL A HG22 1 
ATOM   528  H  HG23 . VAL A 1 37 ? -4.289  13.879  -2.631  1.00 1.26 ? 37 VAL A HG23 1 
ATOM   529  N  N    . GLU A 1 38 ? -9.191  11.865  -1.268  1.00 0.79 ? 38 GLU A N    1 
ATOM   530  C  CA   . GLU A 1 38 ? -10.356 10.942  -1.605  1.00 0.87 ? 38 GLU A CA   1 
ATOM   531  C  C    . GLU A 1 38 ? -10.163 10.410  -3.049  1.00 0.81 ? 38 GLU A C    1 
ATOM   532  O  O    . GLU A 1 38 ? -9.721  11.147  -3.929  1.00 1.53 ? 38 GLU A O    1 
ATOM   533  C  CB   . GLU A 1 38 ? -11.711 11.703  -1.501  1.00 1.15 ? 38 GLU A CB   1 
ATOM   534  C  CG   . GLU A 1 38 ? -12.200 11.786  -0.030  1.00 1.79 ? 38 GLU A CG   1 
ATOM   535  C  CD   . GLU A 1 38 ? -11.540 12.973  0.704   1.00 2.28 ? 38 GLU A CD   1 
ATOM   536  O  OE1  . GLU A 1 38 ? -12.062 14.074  0.606   1.00 2.61 ? 38 GLU A OE1  1 
ATOM   537  O  OE2  . GLU A 1 38 ? -10.528 12.759  1.352   1.00 2.90 ? 38 GLU A OE2  1 
ATOM   538  H  H    . GLU A 1 38 ? -9.338  12.838  -1.275  1.00 0.89 ? 38 GLU A H    1 
ATOM   539  H  HA   . GLU A 1 38 ? -10.356 10.103  -0.917  1.00 0.89 ? 38 GLU A HA   1 
ATOM   540  H  HB2  . GLU A 1 38 ? -11.593 12.701  -1.901  1.00 1.51 ? 38 GLU A HB2  1 
ATOM   541  H  HB3  . GLU A 1 38 ? -12.459 11.182  -2.084  1.00 1.25 ? 38 GLU A HB3  1 
ATOM   542  H  HG2  . GLU A 1 38 ? -13.273 11.919  -0.026  1.00 2.37 ? 38 GLU A HG2  1 
ATOM   543  H  HG3  . GLU A 1 38 ? -11.961 10.866  0.487   1.00 2.13 ? 38 GLU A HG3  1 
ATOM   544  N  N    . GLY A 1 39 ? -10.452 9.126   -3.277  1.00 0.62 ? 39 GLY A N    1 
ATOM   545  C  CA   . GLY A 1 39 ? -10.253 8.486   -4.634  1.00 0.50 ? 39 GLY A CA   1 
ATOM   546  C  C    . GLY A 1 39 ? -8.980  7.618   -4.572  1.00 0.41 ? 39 GLY A C    1 
ATOM   547  O  O    . GLY A 1 39 ? -9.003  6.463   -4.981  1.00 0.43 ? 39 GLY A O    1 
ATOM   548  H  H    . GLY A 1 39 ? -10.775 8.565   -2.537  1.00 1.17 ? 39 GLY A H    1 
ATOM   549  H  HA2  . GLY A 1 39 ? -11.110 7.869   -4.868  1.00 0.52 ? 39 GLY A HA2  1 
ATOM   550  H  HA3  . GLY A 1 39 ? -10.135 9.243   -5.397  1.00 0.59 ? 39 GLY A HA3  1 
ATOM   551  N  N    . ALA A 1 40 ? -7.876  8.171   -4.024  1.00 0.38 ? 40 ALA A N    1 
ATOM   552  C  CA   . ALA A 1 40 ? -6.574  7.405   -3.870  1.00 0.36 ? 40 ALA A CA   1 
ATOM   553  C  C    . ALA A 1 40 ? -6.766  6.251   -2.847  1.00 0.32 ? 40 ALA A C    1 
ATOM   554  O  O    . ALA A 1 40 ? -6.262  5.163   -3.062  1.00 0.31 ? 40 ALA A O    1 
ATOM   555  C  CB   . ALA A 1 40 ? -5.460  8.351   -3.382  1.00 0.40 ? 40 ALA A CB   1 
ATOM   556  H  H    . ALA A 1 40 ? -7.918  9.093   -3.692  1.00 0.40 ? 40 ALA A H    1 
ATOM   557  H  HA   . ALA A 1 40 ? -6.292  6.989   -4.830  1.00 0.41 ? 40 ALA A HA   1 
ATOM   558  H  HB1  . ALA A 1 40 ? -4.533  7.802   -3.286  1.00 0.95 ? 40 ALA A HB1  1 
ATOM   559  H  HB2  . ALA A 1 40 ? -5.731  8.770   -2.423  1.00 1.01 ? 40 ALA A HB2  1 
ATOM   560  H  HB3  . ALA A 1 40 ? -5.330  9.150   -4.097  1.00 1.00 ? 40 ALA A HB3  1 
ATOM   561  N  N    . ALA A 1 41 ? -7.527  6.485   -1.756  1.00 0.34 ? 41 ALA A N    1 
ATOM   562  C  CA   . ALA A 1 41 ? -7.808  5.408   -0.712  1.00 0.37 ? 41 ALA A CA   1 
ATOM   563  C  C    . ALA A 1 41 ? -8.595  4.228   -1.354  1.00 0.35 ? 41 ALA A C    1 
ATOM   564  O  O    . ALA A 1 41 ? -8.351  3.074   -1.021  1.00 0.38 ? 41 ALA A O    1 
ATOM   565  C  CB   . ALA A 1 41 ? -8.629  6.002   0.450   1.00 0.43 ? 41 ALA A CB   1 
ATOM   566  H  H    . ALA A 1 41 ? -7.933  7.373   -1.639  1.00 0.37 ? 41 ALA A H    1 
ATOM   567  H  HA   . ALA A 1 41 ? -6.866  5.038   -0.327  1.00 0.40 ? 41 ALA A HA   1 
ATOM   568  H  HB1  . ALA A 1 41 ? -8.744  5.261   1.229   1.00 1.03 ? 41 ALA A HB1  1 
ATOM   569  H  HB2  . ALA A 1 41 ? -9.604  6.302   0.092   1.00 1.06 ? 41 ALA A HB2  1 
ATOM   570  H  HB3  . ALA A 1 41 ? -8.117  6.864   0.850   1.00 1.07 ? 41 ALA A HB3  1 
ATOM   571  N  N    . ASP A 1 42 ? -9.518  4.527   -2.290  1.00 0.37 ? 42 ASP A N    1 
ATOM   572  C  CA   . ASP A 1 42 ? -10.326 3.456   -3.008  1.00 0.42 ? 42 ASP A CA   1 
ATOM   573  C  C    . ASP A 1 42 ? -9.434  2.750   -4.068  1.00 0.36 ? 42 ASP A C    1 
ATOM   574  O  O    . ASP A 1 42 ? -9.525  1.540   -4.232  1.00 0.35 ? 42 ASP A O    1 
ATOM   575  C  CB   . ASP A 1 42 ? -11.557 4.093   -3.706  1.00 0.57 ? 42 ASP A CB   1 
ATOM   576  C  CG   . ASP A 1 42 ? -12.603 4.533   -2.660  1.00 1.07 ? 42 ASP A CG   1 
ATOM   577  O  OD1  . ASP A 1 42 ? -12.492 5.645   -2.163  1.00 1.50 ? 42 ASP A OD1  1 
ATOM   578  O  OD2  . ASP A 1 42 ? -13.498 3.750   -2.375  1.00 1.39 ? 42 ASP A OD2  1 
ATOM   579  H  H    . ASP A 1 42 ? -9.663  5.468   -2.535  1.00 0.40 ? 42 ASP A H    1 
ATOM   580  H  HA   . ASP A 1 42 ? -10.664 2.721   -2.285  1.00 0.47 ? 42 ASP A HA   1 
ATOM   581  H  HB2  . ASP A 1 42 ? -11.238 4.954   -4.279  1.00 0.91 ? 42 ASP A HB2  1 
ATOM   582  H  HB3  . ASP A 1 42 ? -12.007 3.370   -4.375  1.00 0.65 ? 42 ASP A HB3  1 
ATOM   583  N  N    . THR A 1 43 ? -8.561  3.504   -4.769  1.00 0.37 ? 43 THR A N    1 
ATOM   584  C  CA   . THR A 1 43 ? -7.624  2.906   -5.816  1.00 0.38 ? 43 THR A CA   1 
ATOM   585  C  C    . THR A 1 43 ? -6.540  2.039   -5.101  1.00 0.32 ? 43 THR A C    1 
ATOM   586  O  O    . THR A 1 43 ? -6.185  0.979   -5.596  1.00 0.33 ? 43 THR A O    1 
ATOM   587  C  CB   . THR A 1 43 ? -6.947  4.040   -6.653  1.00 0.44 ? 43 THR A CB   1 
ATOM   588  O  OG1  . THR A 1 43 ? -7.943  4.949   -7.123  1.00 0.52 ? 43 THR A OG1  1 
ATOM   589  C  CG2  . THR A 1 43 ? -6.199  3.461   -7.875  1.00 0.46 ? 43 THR A CG2  1 
ATOM   590  H  H    . THR A 1 43 ? -8.516  4.471   -4.594  1.00 0.40 ? 43 THR A H    1 
ATOM   591  H  HA   . THR A 1 43 ? -8.203  2.271   -6.477  1.00 0.41 ? 43 THR A HA   1 
ATOM   592  H  HB   . THR A 1 43 ? -6.243  4.575   -6.029  1.00 0.47 ? 43 THR A HB   1 
ATOM   593  H  HG1  . THR A 1 43 ? -7.958  5.710   -6.538  1.00 0.66 ? 43 THR A HG1  1 
ATOM   594  H  HG21 . THR A 1 43 ? -6.883  2.880   -8.478  1.00 0.94 ? 43 THR A HG21 1 
ATOM   595  H  HG22 . THR A 1 43 ? -5.389  2.830   -7.539  1.00 1.02 ? 43 THR A HG22 1 
ATOM   596  H  HG23 . THR A 1 43 ? -5.797  4.271   -8.467  1.00 1.16 ? 43 THR A HG23 1 
ATOM   597  N  N    . LEU A 1 44 ? -6.043  2.488   -3.933  1.00 0.28 ? 44 LEU A N    1 
ATOM   598  C  CA   . LEU A 1 44 ? -5.003  1.712   -3.136  1.00 0.28 ? 44 LEU A CA   1 
ATOM   599  C  C    . LEU A 1 44 ? -5.673  0.466   -2.483  1.00 0.27 ? 44 LEU A C    1 
ATOM   600  O  O    . LEU A 1 44 ? -5.054  -0.587  -2.402  1.00 0.27 ? 44 LEU A O    1 
ATOM   601  C  CB   . LEU A 1 44 ? -4.386  2.613   -2.023  1.00 0.29 ? 44 LEU A CB   1 
ATOM   602  C  CG   . LEU A 1 44 ? -3.577  3.809   -2.630  1.00 0.45 ? 44 LEU A CG   1 
ATOM   603  C  CD1  . LEU A 1 44 ? -3.438  4.938   -1.587  1.00 1.21 ? 44 LEU A CD1  1 
ATOM   604  C  CD2  . LEU A 1 44 ? -2.170  3.352   -3.074  1.00 0.94 ? 44 LEU A CD2  1 
ATOM   605  H  H    . LEU A 1 44 ? -6.374  3.340   -3.570  1.00 0.29 ? 44 LEU A H    1 
ATOM   606  H  HA   . LEU A 1 44 ? -4.218  1.381   -3.805  1.00 0.32 ? 44 LEU A HA   1 
ATOM   607  H  HB2  . LEU A 1 44 ? -5.188  3.001   -1.408  1.00 0.42 ? 44 LEU A HB2  1 
ATOM   608  H  HB3  . LEU A 1 44 ? -3.729  2.016   -1.402  1.00 0.40 ? 44 LEU A HB3  1 
ATOM   609  H  HG   . LEU A 1 44 ? -4.106  4.198   -3.489  1.00 1.24 ? 44 LEU A HG   1 
ATOM   610  H  HD11 . LEU A 1 44 ? -2.921  5.778   -2.029  1.00 1.87 ? 44 LEU A HD11 1 
ATOM   611  H  HD12 . LEU A 1 44 ? -2.879  4.582   -0.733  1.00 1.58 ? 44 LEU A HD12 1 
ATOM   612  H  HD13 . LEU A 1 44 ? -4.420  5.256   -1.264  1.00 1.77 ? 44 LEU A HD13 1 
ATOM   613  H  HD21 . LEU A 1 44 ? -1.606  3.017   -2.214  1.00 1.50 ? 44 LEU A HD21 1 
ATOM   614  H  HD22 . LEU A 1 44 ? -1.652  4.177   -3.542  1.00 1.69 ? 44 LEU A HD22 1 
ATOM   615  H  HD23 . LEU A 1 44 ? -2.259  2.542   -3.783  1.00 1.37 ? 44 LEU A HD23 1 
ATOM   616  N  N    . ALA A 1 45 ? -6.946  0.588   -2.043  1.00 0.26 ? 45 ALA A N    1 
ATOM   617  C  CA   . ALA A 1 45 ? -7.707  -0.572  -1.410  1.00 0.27 ? 45 ALA A CA   1 
ATOM   618  C  C    . ALA A 1 45 ? -8.091  -1.616  -2.498  1.00 0.27 ? 45 ALA A C    1 
ATOM   619  O  O    . ALA A 1 45 ? -7.972  -2.812  -2.268  1.00 0.28 ? 45 ALA A O    1 
ATOM   620  C  CB   . ALA A 1 45 ? -8.984  -0.048  -0.722  1.00 0.32 ? 45 ALA A CB   1 
ATOM   621  H  H    . ALA A 1 45 ? -7.405  1.451   -2.143  1.00 0.26 ? 45 ALA A H    1 
ATOM   622  H  HA   . ALA A 1 45 ? -7.076  -1.046  -0.669  1.00 0.28 ? 45 ALA A HA   1 
ATOM   623  H  HB1  . ALA A 1 45 ? -8.709  0.634   0.070   1.00 1.01 ? 45 ALA A HB1  1 
ATOM   624  H  HB2  . ALA A 1 45 ? -9.538  -0.876  -0.302  1.00 1.04 ? 45 ALA A HB2  1 
ATOM   625  H  HB3  . ALA A 1 45 ? -9.600  0.469   -1.443  1.00 1.14 ? 45 ALA A HB3  1 
ATOM   626  N  N    . LEU A 1 46 ? -8.524  -1.158  -3.687  1.00 0.28 ? 46 LEU A N    1 
ATOM   627  C  CA   . LEU A 1 46 ? -8.893  -2.096  -4.833  1.00 0.31 ? 46 LEU A CA   1 
ATOM   628  C  C    . LEU A 1 46 ? -7.597  -2.693  -5.460  1.00 0.28 ? 46 LEU A C    1 
ATOM   629  O  O    . LEU A 1 46 ? -7.624  -3.802  -5.979  1.00 0.30 ? 46 LEU A O    1 
ATOM   630  C  CB   . LEU A 1 46 ? -9.689  -1.323  -5.926  1.00 0.40 ? 46 LEU A CB   1 
ATOM   631  C  CG   . LEU A 1 46 ? -11.141 -1.003  -5.451  1.00 0.48 ? 46 LEU A CG   1 
ATOM   632  C  CD1  . LEU A 1 46 ? -11.731 0.147   -6.297  1.00 0.65 ? 46 LEU A CD1  1 
ATOM   633  C  CD2  . LEU A 1 46 ? -12.046 -2.255  -5.584  1.00 0.70 ? 46 LEU A CD2  1 
ATOM   634  H  H    . LEU A 1 46 ? -8.585  -0.187  -3.832  1.00 0.29 ? 46 LEU A H    1 
ATOM   635  H  HA   . LEU A 1 46 ? -9.500  -2.904  -4.448  1.00 0.34 ? 46 LEU A HA   1 
ATOM   636  H  HB2  . LEU A 1 46 ? -9.170  -0.398  -6.143  1.00 0.40 ? 46 LEU A HB2  1 
ATOM   637  H  HB3  . LEU A 1 46 ? -9.732  -1.919  -6.829  1.00 0.47 ? 46 LEU A HB3  1 
ATOM   638  H  HG   . LEU A 1 46 ? -11.116 -0.690  -4.415  1.00 0.54 ? 46 LEU A HG   1 
ATOM   639  H  HD11 . LEU A 1 46 ? -12.726 0.382   -5.945  1.00 1.24 ? 46 LEU A HD11 1 
ATOM   640  H  HD12 . LEU A 1 46 ? -11.779 -0.148  -7.336  1.00 1.40 ? 46 LEU A HD12 1 
ATOM   641  H  HD13 . LEU A 1 46 ? -11.105 1.023   -6.204  1.00 0.88 ? 46 LEU A HD13 1 
ATOM   642  H  HD21 . LEU A 1 46 ? -11.662 -3.047  -4.959  1.00 1.35 ? 46 LEU A HD21 1 
ATOM   643  H  HD22 . LEU A 1 46 ? -12.062 -2.587  -6.614  1.00 1.11 ? 46 LEU A HD22 1 
ATOM   644  H  HD23 . LEU A 1 46 ? -13.052 -2.009  -5.272  1.00 1.34 ? 46 LEU A HD23 1 
ATOM   645  N  N    . ALA A 1 47 ? -6.468  -1.961  -5.394  1.00 0.28 ? 47 ALA A N    1 
ATOM   646  C  CA   . ALA A 1 47 ? -5.138  -2.445  -5.952  1.00 0.31 ? 47 ALA A CA   1 
ATOM   647  C  C    . ALA A 1 47 ? -4.602  -3.650  -5.125  1.00 0.30 ? 47 ALA A C    1 
ATOM   648  O  O    . ALA A 1 47 ? -4.046  -4.581  -5.692  1.00 0.34 ? 47 ALA A O    1 
ATOM   649  C  CB   . ALA A 1 47 ? -4.113  -1.292  -5.907  1.00 0.34 ? 47 ALA A CB   1 
ATOM   650  H  H    . ALA A 1 47 ? -6.497  -1.081  -4.959  1.00 0.28 ? 47 ALA A H    1 
ATOM   651  H  HA   . ALA A 1 47 ? -5.278  -2.753  -6.981  1.00 0.35 ? 47 ALA A HA   1 
ATOM   652  H  HB1  . ALA A 1 47 ? -3.110  -1.688  -5.884  1.00 0.87 ? 47 ALA A HB1  1 
ATOM   653  H  HB2  . ALA A 1 47 ? -4.278  -0.695  -5.022  1.00 1.12 ? 47 ALA A HB2  1 
ATOM   654  H  HB3  . ALA A 1 47 ? -4.233  -0.672  -6.784  1.00 1.06 ? 47 ALA A HB3  1 
ATOM   655  N  N    . ILE A 1 48 ? -4.773  -3.626  -3.793  1.00 0.27 ? 48 ILE A N    1 
ATOM   656  C  CA   . ILE A 1 48 ? -4.286  -4.763  -2.891  1.00 0.29 ? 48 ILE A CA   1 
ATOM   657  C  C    . ILE A 1 48 ? -5.255  -5.983  -2.941  1.00 0.28 ? 48 ILE A C    1 
ATOM   658  O  O    . ILE A 1 48 ? -4.835  -7.099  -2.656  1.00 0.31 ? 48 ILE A O    1 
ATOM   659  C  CB   . ILE A 1 48 ? -4.080  -4.268  -1.414  1.00 0.31 ? 48 ILE A CB   1 
ATOM   660  C  CG1  . ILE A 1 48 ? -5.390  -3.658  -0.809  1.00 0.26 ? 48 ILE A CG1  1 
ATOM   661  C  CG2  . ILE A 1 48 ? -2.944  -3.219  -1.389  1.00 0.36 ? 48 ILE A CG2  1 
ATOM   662  C  CD1  . ILE A 1 48 ? -5.250  -3.420  0.709   1.00 0.31 ? 48 ILE A CD1  1 
ATOM   663  H  H    . ILE A 1 48 ? -5.227  -2.858  -3.386  1.00 0.25 ? 48 ILE A H    1 
ATOM   664  H  HA   . ILE A 1 48 ? -3.332  -5.101  -3.267  1.00 0.33 ? 48 ILE A HA   1 
ATOM   665  H  HB   . ILE A 1 48 ? -3.770  -5.116  -0.812  1.00 0.39 ? 48 ILE A HB   1 
ATOM   666  H  HG12 . ILE A 1 48 ? -5.605  -2.717  -1.289  1.00 0.22 ? 48 ILE A HG12 1 
ATOM   667  H  HG13 . ILE A 1 48 ? -6.214  -4.336  -0.979  1.00 0.30 ? 48 ILE A HG13 1 
ATOM   668  H  HG21 . ILE A 1 48 ? -2.700  -2.974  -0.365  1.00 1.05 ? 48 ILE A HG21 1 
ATOM   669  H  HG22 . ILE A 1 48 ? -3.258  -2.325  -1.908  1.00 1.01 ? 48 ILE A HG22 1 
ATOM   670  H  HG23 . ILE A 1 48 ? -2.071  -3.627  -1.876  1.00 1.12 ? 48 ILE A HG23 1 
ATOM   671  H  HD11 . ILE A 1 48 ? -4.693  -2.511  0.881   1.00 1.03 ? 48 ILE A HD11 1 
ATOM   672  H  HD12 . ILE A 1 48 ? -4.731  -4.251  1.166   1.00 1.11 ? 48 ILE A HD12 1 
ATOM   673  H  HD13 . ILE A 1 48 ? -6.231  -3.327  1.146   1.00 0.98 ? 48 ILE A HD13 1 
ATOM   674  N  N    . LYS A 1 49 ? -6.528  -5.776  -3.312  1.00 0.27 ? 49 LYS A N    1 
ATOM   675  C  CA   . LYS A 1 49 ? -7.536  -6.909  -3.399  1.00 0.31 ? 49 LYS A CA   1 
ATOM   676  C  C    . LYS A 1 49 ? -7.538  -7.534  -4.825  1.00 0.32 ? 49 LYS A C    1 
ATOM   677  O  O    . LYS A 1 49 ? -7.782  -8.729  -4.958  1.00 0.40 ? 49 LYS A O    1 
ATOM   678  C  CB   . LYS A 1 49 ? -8.953  -6.380  -3.059  1.00 0.38 ? 49 LYS A CB   1 
ATOM   679  C  CG   . LYS A 1 49 ? -9.046  -6.013  -1.556  1.00 0.50 ? 49 LYS A CG   1 
ATOM   680  C  CD   . LYS A 1 49 ? -10.509 -5.716  -1.143  1.00 0.96 ? 49 LYS A CD   1 
ATOM   681  C  CE   . LYS A 1 49 ? -11.264 -7.026  -0.824  1.00 0.78 ? 49 LYS A CE   1 
ATOM   682  N  NZ   . LYS A 1 49 ? -12.652 -6.724  -0.363  1.00 1.27 ? 49 LYS A NZ   1 
ATOM   683  H  H    . LYS A 1 49 ? -6.824  -4.867  -3.540  1.00 0.27 ? 49 LYS A H    1 
ATOM   684  H  HA   . LYS A 1 49 ? -7.269  -7.680  -2.685  1.00 0.34 ? 49 LYS A HA   1 
ATOM   685  H  HB2  . LYS A 1 49 ? -9.160  -5.501  -3.656  1.00 0.36 ? 49 LYS A HB2  1 
ATOM   686  H  HB3  . LYS A 1 49 ? -9.686  -7.144  -3.286  1.00 0.47 ? 49 LYS A HB3  1 
ATOM   687  H  HG2  . LYS A 1 49 ? -8.664  -6.833  -0.963  1.00 0.94 ? 49 LYS A HG2  1 
ATOM   688  H  HG3  . LYS A 1 49 ? -8.443  -5.136  -1.370  1.00 1.04 ? 49 LYS A HG3  1 
ATOM   689  H  HD2  . LYS A 1 49 ? -10.505 -5.088  -0.263  1.00 1.70 ? 49 LYS A HD2  1 
ATOM   690  H  HD3  . LYS A 1 49 ? -11.018 -5.197  -1.944  1.00 1.61 ? 49 LYS A HD3  1 
ATOM   691  H  HE2  . LYS A 1 49 ? -11.312 -7.639  -1.712  1.00 1.05 ? 49 LYS A HE2  1 
ATOM   692  H  HE3  . LYS A 1 49 ? -10.739 -7.564  -0.047  1.00 1.31 ? 49 LYS A HE3  1 
ATOM   693  H  HZ1  . LYS A 1 49 ? -13.172 -6.221  -1.112  1.00 1.75 ? 49 LYS A HZ1  1 
ATOM   694  H  HZ2  . LYS A 1 49 ? -12.616 -6.132  0.494   1.00 1.76 ? 49 LYS A HZ2  1 
ATOM   695  H  HZ3  . LYS A 1 49 ? -13.144 -7.614  -0.145  1.00 1.85 ? 49 LYS A HZ3  1 
ATOM   696  N  N    . ASN A 1 50 ? -7.277  -6.737  -5.881  1.00 0.31 ? 50 ASN A N    1 
ATOM   697  C  CA   . ASN A 1 50 ? -7.267  -7.261  -7.310  1.00 0.36 ? 50 ASN A CA   1 
ATOM   698  C  C    . ASN A 1 50 ? -5.812  -7.304  -7.853  1.00 0.34 ? 50 ASN A C    1 
ATOM   699  O  O    . ASN A 1 50 ? -5.338  -8.367  -8.240  1.00 0.44 ? 50 ASN A O    1 
ATOM   700  C  CB   . ASN A 1 50 ? -8.136  -6.346  -8.215  1.00 0.45 ? 50 ASN A CB   1 
ATOM   701  C  CG   . ASN A 1 50 ? -9.622  -6.430  -7.802  1.00 1.04 ? 50 ASN A CG   1 
ATOM   702  O  OD1  . ASN A 1 50 ? -10.342 -7.297  -8.261  1.00 1.63 ? 50 ASN A OD1  1 
ATOM   703  N  ND2  . ASN A 1 50 ? -10.115 -5.562  -6.951  1.00 1.44 ? 50 ASN A ND2  1 
ATOM   704  H  H    . ASN A 1 50 ? -7.093  -5.783  -5.731  1.00 0.33 ? 50 ASN A H    1 
ATOM   705  H  HA   . ASN A 1 50 ? -7.676  -8.265  -7.331  1.00 0.38 ? 50 ASN A HA   1 
ATOM   706  H  HB2  . ASN A 1 50 ? -7.797  -5.324  -8.121  1.00 0.94 ? 50 ASN A HB2  1 
ATOM   707  H  HB3  . ASN A 1 50 ? -8.036  -6.660  -9.246  1.00 1.13 ? 50 ASN A HB3  1 
ATOM   708  H  HD21 . ASN A 1 50 ? -9.546  -4.856  -6.574  1.00 1.18 ? 50 ASN A HD21 1 
ATOM   709  H  HD22 . ASN A 1 50 ? -11.058 -5.618  -6.691  1.00 2.14 ? 50 ASN A HD22 1 
ATOM   710  N  N    . GLY A 1 51 ? -5.114  -6.157  -7.887  1.00 0.32 ? 51 GLY A N    1 
ATOM   711  C  CA   . GLY A 1 51 ? -3.686  -6.093  -8.407  1.00 0.31 ? 51 GLY A CA   1 
ATOM   712  C  C    . GLY A 1 51 ? -3.466  -4.810  -9.248  1.00 0.33 ? 51 GLY A C    1 
ATOM   713  O  O    . GLY A 1 51 ? -4.389  -4.326  -9.898  1.00 0.44 ? 51 GLY A O    1 
ATOM   714  H  H    . GLY A 1 51 ? -5.537  -5.328  -7.569  1.00 0.37 ? 51 GLY A H    1 
ATOM   715  H  HA2  . GLY A 1 51 ? -3.006  -6.090  -7.567  1.00 0.29 ? 51 GLY A HA2  1 
ATOM   716  H  HA3  . GLY A 1 51 ? -3.481  -6.956  -9.026  1.00 0.34 ? 51 GLY A HA3  1 
ATOM   717  N  N    . SER A 1 52 ? -2.236  -4.272  -9.239  1.00 0.37 ? 52 SER A N    1 
ATOM   718  C  CA   . SER A 1 52 ? -1.890  -3.016  -10.029 1.00 0.37 ? 52 SER A CA   1 
ATOM   719  C  C    . SER A 1 52 ? -1.044  -3.386  -11.274 1.00 0.41 ? 52 SER A C    1 
ATOM   720  O  O    . SER A 1 52 ? -0.189  -4.268  -11.207 1.00 0.43 ? 52 SER A O    1 
ATOM   721  C  CB   . SER A 1 52 ? -1.086  -2.050  -9.142  1.00 0.37 ? 52 SER A CB   1 
ATOM   722  O  OG   . SER A 1 52 ? -1.906  -1.581  -8.081  1.00 0.38 ? 52 SER A OG   1 
ATOM   723  H  H    . SER A 1 52 ? -1.529  -4.704  -8.708  1.00 0.47 ? 52 SER A H    1 
ATOM   724  H  HA   . SER A 1 52 ? -2.800  -2.525  -10.353 1.00 0.38 ? 52 SER A HA   1 
ATOM   725  H  HB2  . SER A 1 52 ? -0.232  -2.562  -8.729  1.00 0.37 ? 52 SER A HB2  1 
ATOM   726  H  HB3  . SER A 1 52 ? -0.744  -1.214  -9.738  1.00 0.39 ? 52 SER A HB3  1 
ATOM   727  H  HG   . SER A 1 52 ? -1.655  -2.054  -7.284  1.00 0.40 ? 52 SER A HG   1 
ATOM   728  N  N    . GLN A 1 53 ? -1.285  -2.704  -12.405 1.00 0.44 ? 53 GLN A N    1 
ATOM   729  C  CA   . GLN A 1 53 ? -0.524  -2.971  -13.691 1.00 0.50 ? 53 GLN A CA   1 
ATOM   730  C  C    . GLN A 1 53 ? -0.070  -1.618  -14.323 1.00 0.48 ? 53 GLN A C    1 
ATOM   731  O  O    . GLN A 1 53 ? -0.867  -0.912  -14.942 1.00 0.68 ? 53 GLN A O    1 
ATOM   732  C  CB   . GLN A 1 53 ? -1.440  -3.744  -14.691 1.00 0.61 ? 53 GLN A CB   1 
ATOM   733  C  CG   . GLN A 1 53 ? -1.690  -5.213  -14.242 1.00 1.29 ? 53 GLN A CG   1 
ATOM   734  C  CD   . GLN A 1 53 ? -0.590  -6.171  -14.770 1.00 1.87 ? 53 GLN A CD   1 
ATOM   735  O  OE1  . GLN A 1 53 ? -0.275  -6.177  -15.948 1.00 2.39 ? 53 GLN A OE1  1 
ATOM   736  N  NE2  . GLN A 1 53 ? -0.006  -7.007  -13.948 1.00 2.48 ? 53 GLN A NE2  1 
ATOM   737  H  H    . GLN A 1 53 ? -1.979  -2.007  -12.406 1.00 0.43 ? 53 GLN A H    1 
ATOM   738  H  HA   . GLN A 1 53 ? 0.354   -3.569  -13.479 1.00 0.54 ? 53 GLN A HA   1 
ATOM   739  H  HB2  . GLN A 1 53 ? -2.392  -3.235  -14.756 1.00 0.92 ? 53 GLN A HB2  1 
ATOM   740  H  HB3  . GLN A 1 53 ? -0.980  -3.742  -15.671 1.00 1.02 ? 53 GLN A HB3  1 
ATOM   741  H  HG2  . GLN A 1 53 ? -1.718  -5.265  -13.164 1.00 1.86 ? 53 GLN A HG2  1 
ATOM   742  H  HG3  . GLN A 1 53 ? -2.646  -5.535  -14.629 1.00 1.82 ? 53 GLN A HG3  1 
ATOM   743  H  HE21 . GLN A 1 53 ? -0.259  -7.031  -13.000 1.00 2.58 ? 53 GLN A HE21 1 
ATOM   744  H  HE22 . GLN A 1 53 ? 0.687   -7.613  -14.284 1.00 3.13 ? 53 GLN A HE22 1 
ATOM   745  N  N    . GLY A 1 54 ? 1.217   -1.267  -14.175 1.00 0.44 ? 54 GLY A N    1 
ATOM   746  C  CA   . GLY A 1 54 ? 1.789   0.008   -14.766 1.00 0.46 ? 54 GLY A CA   1 
ATOM   747  C  C    . GLY A 1 54 ? 1.254   1.275   -14.053 1.00 0.41 ? 54 GLY A C    1 
ATOM   748  O  O    . GLY A 1 54 ? 0.366   1.943   -14.572 1.00 0.48 ? 54 GLY A O    1 
ATOM   749  H  H    . GLY A 1 54 ? 1.822   -1.864  -13.682 1.00 0.55 ? 54 GLY A H    1 
ATOM   750  H  HA2  . GLY A 1 54 ? 2.865   -0.018  -14.672 1.00 0.51 ? 54 GLY A HA2  1 
ATOM   751  H  HA3  . GLY A 1 54 ? 1.532   0.057   -15.815 1.00 0.52 ? 54 GLY A HA3  1 
ATOM   752  N  N    . VAL A 1 55 ? 1.815   1.613   -12.885 1.00 0.32 ? 55 VAL A N    1 
ATOM   753  C  CA   . VAL A 1 55 ? 1.390   2.861   -12.104 1.00 0.31 ? 55 VAL A CA   1 
ATOM   754  C  C    . VAL A 1 55 ? 2.621   3.499   -11.389 1.00 0.29 ? 55 VAL A C    1 
ATOM   755  O  O    . VAL A 1 55 ? 2.761   4.717   -11.398 1.00 0.40 ? 55 VAL A O    1 
ATOM   756  C  CB   . VAL A 1 55 ? 0.252   2.551   -11.060 1.00 0.28 ? 55 VAL A CB   1 
ATOM   757  C  CG1  . VAL A 1 55 ? -1.121  2.497   -11.764 1.00 0.37 ? 55 VAL A CG1  1 
ATOM   758  C  CG2  . VAL A 1 55 ? 0.494   1.216   -10.314 1.00 0.27 ? 55 VAL A CG2  1 
ATOM   759  H  H    . VAL A 1 55 ? 2.532   1.048   -12.527 1.00 0.32 ? 55 VAL A H    1 
ATOM   760  H  HA   . VAL A 1 55 ? 1.015   3.591   -12.816 1.00 0.36 ? 55 VAL A HA   1 
ATOM   761  H  HB   . VAL A 1 55 ? 0.221   3.355   -10.334 1.00 0.27 ? 55 VAL A HB   1 
ATOM   762  H  HG11 . VAL A 1 55 ? -1.143  1.673   -12.464 1.00 1.01 ? 55 VAL A HG11 1 
ATOM   763  H  HG12 . VAL A 1 55 ? -1.292  3.423   -12.296 1.00 1.06 ? 55 VAL A HG12 1 
ATOM   764  H  HG13 . VAL A 1 55 ? -1.900  2.362   -11.027 1.00 0.97 ? 55 VAL A HG13 1 
ATOM   765  H  HG21 . VAL A 1 55 ? 0.454   0.392   -11.014 1.00 1.04 ? 55 VAL A HG21 1 
ATOM   766  H  HG22 . VAL A 1 55 ? -0.268  1.082   -9.560  1.00 1.07 ? 55 VAL A HG22 1 
ATOM   767  H  HG23 . VAL A 1 55 ? 1.460   1.236   -9.840  1.00 1.04 ? 55 VAL A HG23 1 
ATOM   768  N  N    . TRP A 1 56 ? 3.499   2.686   -10.775 1.00 0.25 ? 56 TRP A N    1 
ATOM   769  C  CA   . TRP A 1 56 ? 4.726   3.209   -10.049 1.00 0.28 ? 56 TRP A CA   1 
ATOM   770  C  C    . TRP A 1 56 ? 6.012   2.708   -10.757 1.00 0.37 ? 56 TRP A C    1 
ATOM   771  O  O    . TRP A 1 56 ? 6.886   3.509   -11.071 1.00 0.59 ? 56 TRP A O    1 
ATOM   772  C  CB   . TRP A 1 56 ? 4.712   2.706   -8.583  1.00 0.31 ? 56 TRP A CB   1 
ATOM   773  C  CG   . TRP A 1 56 ? 3.677   3.451   -7.780  1.00 0.30 ? 56 TRP A CG   1 
ATOM   774  C  CD1  . TRP A 1 56 ? 2.396   3.052   -7.582  1.00 0.34 ? 56 TRP A CD1  1 
ATOM   775  C  CD2  . TRP A 1 56 ? 3.826   4.710   -7.059  1.00 0.31 ? 56 TRP A CD2  1 
ATOM   776  N  NE1  . TRP A 1 56 ? 1.756   3.983   -6.790  1.00 0.38 ? 56 TRP A NE1  1 
ATOM   777  C  CE2  . TRP A 1 56 ? 2.593   5.021   -6.441  1.00 0.36 ? 56 TRP A CE2  1 
ATOM   778  C  CE3  . TRP A 1 56 ? 4.901   5.600   -6.883  1.00 0.33 ? 56 TRP A CE3  1 
ATOM   779  C  CZ2  . TRP A 1 56 ? 2.433   6.174   -5.676  1.00 0.41 ? 56 TRP A CZ2  1 
ATOM   780  C  CZ3  . TRP A 1 56 ? 4.743   6.759   -6.113  1.00 0.38 ? 56 TRP A CZ3  1 
ATOM   781  C  CH2  . TRP A 1 56 ? 3.512   7.044   -5.512  1.00 0.41 ? 56 TRP A CH2  1 
ATOM   782  H  H    . TRP A 1 56 ? 3.346   1.718   -10.788 1.00 0.28 ? 56 TRP A H    1 
ATOM   783  H  HA   . TRP A 1 56 ? 4.723   4.293   -10.055 1.00 0.30 ? 56 TRP A HA   1 
ATOM   784  H  HB2  . TRP A 1 56 ? 4.486   1.648   -8.569  1.00 0.33 ? 56 TRP A HB2  1 
ATOM   785  H  HB3  . TRP A 1 56 ? 5.686   2.864   -8.138  1.00 0.34 ? 56 TRP A HB3  1 
ATOM   786  H  HD1  . TRP A 1 56 ? 1.951   2.154   -7.977  1.00 0.37 ? 56 TRP A HD1  1 
ATOM   787  H  HE1  . TRP A 1 56 ? 0.822   3.930   -6.499  1.00 0.43 ? 56 TRP A HE1  1 
ATOM   788  H  HE3  . TRP A 1 56 ? 5.855   5.388   -7.344  1.00 0.33 ? 56 TRP A HE3  1 
ATOM   789  H  HZ2  . TRP A 1 56 ? 1.483   6.392   -5.213  1.00 0.47 ? 56 TRP A HZ2  1 
ATOM   790  H  HZ3  . TRP A 1 56 ? 5.574   7.435   -5.983  1.00 0.41 ? 56 TRP A HZ3  1 
ATOM   791  H  HH2  . TRP A 1 56 ? 3.398   7.933   -4.919  1.00 0.47 ? 56 TRP A HH2  1 
ATOM   792  N  N    . GLY A 1 57 ? 6.134   1.389   -10.989 1.00 0.57 ? 57 GLY A N    1 
ATOM   793  C  CA   . GLY A 1 57 ? 7.361   0.799   -11.659 1.00 0.80 ? 57 GLY A CA   1 
ATOM   794  C  C    . GLY A 1 57 ? 6.982   -0.313  -12.684 1.00 0.54 ? 57 GLY A C    1 
ATOM   795  O  O    . GLY A 1 57 ? 5.802   -0.499  -12.969 1.00 0.77 ? 57 GLY A O    1 
ATOM   796  H  H    . GLY A 1 57 ? 5.413   0.782   -10.707 1.00 0.77 ? 57 GLY A H    1 
ATOM   797  H  HA2  . GLY A 1 57 ? 7.906   1.578   -12.176 1.00 1.05 ? 57 GLY A HA2  1 
ATOM   798  H  HA3  . GLY A 1 57 ? 7.998   0.372   -10.897 1.00 1.14 ? 57 GLY A HA3  1 
ATOM   799  N  N    . PRO A 1 58 ? 8.006   -1.028  -13.224 1.00 0.58 ? 58 PRO A N    1 
ATOM   800  C  CA   . PRO A 1 58 ? 7.799   -2.124  -14.228 1.00 0.83 ? 58 PRO A CA   1 
ATOM   801  C  C    . PRO A 1 58 ? 7.292   -3.450  -13.578 1.00 0.69 ? 58 PRO A C    1 
ATOM   802  O  O    . PRO A 1 58 ? 6.670   -4.257  -14.262 1.00 0.89 ? 58 PRO A O    1 
ATOM   803  C  CB   . PRO A 1 58 ? 9.199   -2.310  -14.850 1.00 1.25 ? 58 PRO A CB   1 
ATOM   804  C  CG   . PRO A 1 58 ? 10.219  -1.772  -13.821 1.00 1.29 ? 58 PRO A CG   1 
ATOM   805  C  CD   . PRO A 1 58 ? 9.453   -0.813  -12.895 1.00 0.90 ? 58 PRO A CD   1 
ATOM   806  H  HA   . PRO A 1 58 ? 7.111   -1.801  -14.995 1.00 1.03 ? 58 PRO A HA   1 
ATOM   807  H  HB2  . PRO A 1 58 ? 9.392   -3.356  -15.057 1.00 1.46 ? 58 PRO A HB2  1 
ATOM   808  H  HB3  . PRO A 1 58 ? 9.274   -1.737  -15.762 1.00 1.47 ? 58 PRO A HB3  1 
ATOM   809  H  HG2  . PRO A 1 58 ? 10.632  -2.593  -13.249 1.00 1.47 ? 58 PRO A HG2  1 
ATOM   810  H  HG3  . PRO A 1 58 ? 11.009  -1.238  -14.327 1.00 1.55 ? 58 PRO A HG3  1 
ATOM   811  H  HD2  . PRO A 1 58 ? 9.648   -1.058  -11.859 1.00 1.06 ? 58 PRO A HD2  1 
ATOM   812  H  HD3  . PRO A 1 58 ? 9.732   0.209   -13.101 1.00 0.89 ? 58 PRO A HD3  1 
ATOM   813  N  N    . ILE A 1 59 ? 7.562   -3.680  -12.280 1.00 0.49 ? 59 ILE A N    1 
ATOM   814  C  CA   . ILE A 1 59 ? 7.113   -4.956  -11.579 1.00 0.42 ? 59 ILE A CA   1 
ATOM   815  C  C    . ILE A 1 59 ? 5.591   -4.834  -11.192 1.00 0.43 ? 59 ILE A C    1 
ATOM   816  O  O    . ILE A 1 59 ? 5.227   -3.844  -10.572 1.00 0.44 ? 59 ILE A O    1 
ATOM   817  C  CB   . ILE A 1 59 ? 7.981   -5.205  -10.283 1.00 0.42 ? 59 ILE A CB   1 
ATOM   818  C  CG1  . ILE A 1 59 ? 9.525   -5.140  -10.584 1.00 0.55 ? 59 ILE A CG1  1 
ATOM   819  C  CG2  . ILE A 1 59 ? 7.629   -6.569  -9.623  1.00 0.49 ? 59 ILE A CG2  1 
ATOM   820  C  CD1  . ILE A 1 59 ? 9.983   -6.171  -11.645 1.00 1.00 ? 59 ILE A CD1  1 
ATOM   821  H  H    . ILE A 1 59 ? 8.067   -3.012  -11.768 1.00 0.56 ? 59 ILE A H    1 
ATOM   822  H  HA   . ILE A 1 59 ? 7.256   -5.784  -12.257 1.00 0.47 ? 59 ILE A HA   1 
ATOM   823  H  HB   . ILE A 1 59 ? 7.744   -4.424  -9.569  1.00 0.42 ? 59 ILE A HB   1 
ATOM   824  H  HG12 . ILE A 1 59 ? 9.772   -4.150  -10.938 1.00 1.21 ? 59 ILE A HG12 1 
ATOM   825  H  HG13 . ILE A 1 59 ? 10.067  -5.319  -9.666  1.00 1.17 ? 59 ILE A HG13 1 
ATOM   826  H  HG21 . ILE A 1 59 ? 8.298   -6.754  -8.794  1.00 1.11 ? 59 ILE A HG21 1 
ATOM   827  H  HG22 . ILE A 1 59 ? 7.730   -7.363  -10.350 1.00 1.08 ? 59 ILE A HG22 1 
ATOM   828  H  HG23 . ILE A 1 59 ? 6.612   -6.544  -9.261  1.00 1.10 ? 59 ILE A HG23 1 
ATOM   829  H  HD11 . ILE A 1 59 ? 9.701   -7.167  -11.334 1.00 1.73 ? 59 ILE A HD11 1 
ATOM   830  H  HD12 . ILE A 1 59 ? 11.056  -6.122  -11.749 1.00 1.60 ? 59 ILE A HD12 1 
ATOM   831  H  HD13 . ILE A 1 59 ? 9.522   -5.945  -12.595 1.00 1.43 ? 59 ILE A HD13 1 
ATOM   832  N  N    . PRO A 1 60 ? 4.738   -5.839  -11.547 1.00 0.49 ? 60 PRO A N    1 
ATOM   833  C  CA   . PRO A 1 60 ? 3.280   -5.834  -11.187 1.00 0.54 ? 60 PRO A CA   1 
ATOM   834  C  C    . PRO A 1 60 ? 3.055   -6.458  -9.771  1.00 0.46 ? 60 PRO A C    1 
ATOM   835  O  O    . PRO A 1 60 ? 3.934   -7.143  -9.250  1.00 0.52 ? 60 PRO A O    1 
ATOM   836  C  CB   . PRO A 1 60 ? 2.651   -6.727  -12.269 1.00 0.67 ? 60 PRO A CB   1 
ATOM   837  C  CG   . PRO A 1 60 ? 3.771   -7.663  -12.786 1.00 0.68 ? 60 PRO A CG   1 
ATOM   838  C  CD   . PRO A 1 60 ? 5.114   -7.039  -12.362 1.00 0.56 ? 60 PRO A CD   1 
ATOM   839  H  HA   . PRO A 1 60 ? 2.869   -4.837  -11.241 1.00 0.58 ? 60 PRO A HA   1 
ATOM   840  H  HB2  . PRO A 1 60 ? 1.834   -7.310  -11.860 1.00 0.71 ? 60 PRO A HB2  1 
ATOM   841  H  HB3  . PRO A 1 60 ? 2.294   -6.116  -13.082 1.00 0.76 ? 60 PRO A HB3  1 
ATOM   842  H  HG2  . PRO A 1 60 ? 3.662   -8.645  -12.345 1.00 0.69 ? 60 PRO A HG2  1 
ATOM   843  H  HG3  . PRO A 1 60 ? 3.727   -7.735  -13.862 1.00 0.78 ? 60 PRO A HG3  1 
ATOM   844  H  HD2  . PRO A 1 60 ? 5.684   -7.741  -11.767 1.00 0.54 ? 60 PRO A HD2  1 
ATOM   845  H  HD3  . PRO A 1 60 ? 5.673   -6.739  -13.235 1.00 0.60 ? 60 PRO A HD3  1 
ATOM   846  N  N    . MET A 1 61 ? 1.869   -6.251  -9.171  1.00 0.36 ? 61 MET A N    1 
ATOM   847  C  CA   . MET A 1 61 ? 1.542   -6.849  -7.810  1.00 0.30 ? 61 MET A CA   1 
ATOM   848  C  C    . MET A 1 61 ? 0.281   -7.779  -7.936  1.00 0.33 ? 61 MET A C    1 
ATOM   849  O  O    . MET A 1 61 ? -0.722  -7.339  -8.493  1.00 0.35 ? 61 MET A O    1 
ATOM   850  C  CB   . MET A 1 61 ? 1.260   -5.723  -6.771  1.00 0.24 ? 61 MET A CB   1 
ATOM   851  C  CG   . MET A 1 61 ? 1.226   -6.313  -5.327  1.00 0.19 ? 61 MET A CG   1 
ATOM   852  S  SD   . MET A 1 61 ? 0.630   -5.103  -4.098  1.00 0.19 ? 61 MET A SD   1 
ATOM   853  C  CE   . MET A 1 61 ? -1.072  -4.886  -4.682  1.00 0.30 ? 61 MET A CE   1 
ATOM   854  H  H    . MET A 1 61 ? 1.183   -5.718  -9.631  1.00 0.38 ? 61 MET A H    1 
ATOM   855  H  HA   . MET A 1 61 ? 2.390   -7.428  -7.473  1.00 0.30 ? 61 MET A HA   1 
ATOM   856  H  HB2  . MET A 1 61 ? 2.037   -4.980  -6.838  1.00 0.27 ? 61 MET A HB2  1 
ATOM   857  H  HB3  . MET A 1 61 ? 0.313   -5.263  -6.998  1.00 0.25 ? 61 MET A HB3  1 
ATOM   858  H  HG2  . MET A 1 61 ? 0.567   -7.167  -5.305  1.00 0.22 ? 61 MET A HG2  1 
ATOM   859  H  HG3  . MET A 1 61 ? 2.214   -6.635  -5.057  1.00 0.21 ? 61 MET A HG3  1 
ATOM   860  H  HE1  . MET A 1 61 ? -1.590  -4.215  -4.014  1.00 0.80 ? 61 MET A HE1  1 
ATOM   861  H  HE2  . MET A 1 61 ? -1.575  -5.839  -4.696  1.00 0.90 ? 61 MET A HE2  1 
ATOM   862  H  HE3  . MET A 1 61 ? -1.064  -4.468  -5.678  1.00 1.00 ? 61 MET A HE3  1 
ATOM   863  N  N    . PRO A 1 62 ? 0.339   -9.029  -7.388  1.00 0.33 ? 62 PRO A N    1 
ATOM   864  C  CA   . PRO A 1 62 ? -0.823  -9.982  -7.416  1.00 0.36 ? 62 PRO A CA   1 
ATOM   865  C  C    . PRO A 1 62 ? -1.877  -9.603  -6.310  1.00 0.29 ? 62 PRO A C    1 
ATOM   866  O  O    . PRO A 1 62 ? -1.587  -8.737  -5.486  1.00 0.25 ? 62 PRO A O    1 
ATOM   867  C  CB   . PRO A 1 62 ? -0.164  -11.350 -7.127  1.00 0.41 ? 62 PRO A CB   1 
ATOM   868  C  CG   . PRO A 1 62 ? 1.163   -11.066 -6.393  1.00 0.41 ? 62 PRO A CG   1 
ATOM   869  C  CD   . PRO A 1 62 ? 1.544   -9.612  -6.710  1.00 0.35 ? 62 PRO A CD   1 
ATOM   870  H  HA   . PRO A 1 62 ? -1.282  -9.992  -8.392  1.00 0.40 ? 62 PRO A HA   1 
ATOM   871  H  HB2  . PRO A 1 62 ? -0.806  -11.962 -6.506  1.00 0.41 ? 62 PRO A HB2  1 
ATOM   872  H  HB3  . PRO A 1 62 ? 0.042   -11.861 -8.056  1.00 0.48 ? 62 PRO A HB3  1 
ATOM   873  H  HG2  . PRO A 1 62 ? 1.028   -11.192 -5.327  1.00 0.39 ? 62 PRO A HG2  1 
ATOM   874  H  HG3  . PRO A 1 62 ? 1.934   -11.731 -6.750  1.00 0.48 ? 62 PRO A HG3  1 
ATOM   875  H  HD2  . PRO A 1 62 ? 1.763   -9.077  -5.797  1.00 0.30 ? 62 PRO A HD2  1 
ATOM   876  H  HD3  . PRO A 1 62 ? 2.393   -9.588  -7.376  1.00 0.39 ? 62 PRO A HD3  1 
ATOM   877  N  N    . PRO A 1 63 ? -3.073  -10.262 -6.296  1.00 0.28 ? 63 PRO A N    1 
ATOM   878  C  CA   . PRO A 1 63 ? -4.127  -9.979  -5.274  1.00 0.23 ? 63 PRO A CA   1 
ATOM   879  C  C    . PRO A 1 63 ? -3.692  -10.537 -3.883  1.00 0.23 ? 63 PRO A C    1 
ATOM   880  O  O    . PRO A 1 63 ? -3.611  -11.748 -3.686  1.00 0.36 ? 63 PRO A O    1 
ATOM   881  C  CB   . PRO A 1 63 ? -5.388  -10.669 -5.838  1.00 0.25 ? 63 PRO A CB   1 
ATOM   882  C  CG   . PRO A 1 63 ? -4.894  -11.748 -6.825  1.00 0.30 ? 63 PRO A CG   1 
ATOM   883  C  CD   . PRO A 1 63 ? -3.480  -11.325 -7.271  1.00 0.34 ? 63 PRO A CD   1 
ATOM   884  H  HA   . PRO A 1 63 ? -4.300  -8.914  -5.208  1.00 0.22 ? 63 PRO A HA   1 
ATOM   885  H  HB2  . PRO A 1 63 ? -5.962  -11.125 -5.042  1.00 0.24 ? 63 PRO A HB2  1 
ATOM   886  H  HB3  . PRO A 1 63 ? -5.996  -9.951  -6.365  1.00 0.27 ? 63 PRO A HB3  1 
ATOM   887  H  HG2  . PRO A 1 63 ? -4.856  -12.710 -6.331  1.00 0.31 ? 63 PRO A HG2  1 
ATOM   888  H  HG3  . PRO A 1 63 ? -5.548  -11.795 -7.682  1.00 0.33 ? 63 PRO A HG3  1 
ATOM   889  H  HD2  . PRO A 1 63 ? -2.810  -12.170 -7.221  1.00 0.37 ? 63 PRO A HD2  1 
ATOM   890  H  HD3  . PRO A 1 63 ? -3.507  -10.922 -8.272  1.00 0.38 ? 63 PRO A HD3  1 
ATOM   891  N  N    . ASN A 1 64 ? -3.386  -9.636  -2.940  1.00 0.17 ? 64 ASN A N    1 
ATOM   892  C  CA   . ASN A 1 64 ? -2.920  -10.039 -1.547  1.00 0.21 ? 64 ASN A CA   1 
ATOM   893  C  C    . ASN A 1 64 ? -4.140  -10.401 -0.636  1.00 0.22 ? 64 ASN A C    1 
ATOM   894  O  O    . ASN A 1 64 ? -5.245  -9.936  -0.904  1.00 0.21 ? 64 ASN A O    1 
ATOM   895  C  CB   . ASN A 1 64 ? -2.136  -8.862  -0.905  1.00 0.24 ? 64 ASN A CB   1 
ATOM   896  C  CG   . ASN A 1 64 ? -0.725  -8.753  -1.523  1.00 0.29 ? 64 ASN A CG   1 
ATOM   897  O  OD1  . ASN A 1 64 ? 0.220   -9.320  -1.009  1.00 0.46 ? 64 ASN A OD1  1 
ATOM   898  N  ND2  . ASN A 1 64 ? -0.538  -8.042  -2.609  1.00 0.25 ? 64 ASN A ND2  1 
ATOM   899  H  H    . ASN A 1 64 ? -3.450  -8.678  -3.157  1.00 0.20 ? 64 ASN A H    1 
ATOM   900  H  HA   . ASN A 1 64 ? -2.270  -10.899 -1.632  1.00 0.29 ? 64 ASN A HA   1 
ATOM   901  H  HB2  . ASN A 1 64 ? -2.672  -7.939  -1.076  1.00 0.24 ? 64 ASN A HB2  1 
ATOM   902  H  HB3  . ASN A 1 64 ? -2.044  -9.024  0.160   1.00 0.30 ? 64 ASN A HB3  1 
ATOM   903  H  HD21 . ASN A 1 64 ? -1.290  -7.575  -3.035  1.00 0.31 ? 64 ASN A HD21 1 
ATOM   904  H  HD22 . ASN A 1 64 ? 0.359   -7.979  -2.998  1.00 0.28 ? 64 ASN A HD22 1 
ATOM   905  N  N    . PRO A 1 65 ? -3.911  -11.212 0.442   1.00 0.30 ? 65 PRO A N    1 
ATOM   906  C  CA   . PRO A 1 65 ? -4.994  -11.609 1.390   1.00 0.37 ? 65 PRO A CA   1 
ATOM   907  C  C    . PRO A 1 65 ? -5.341  -10.412 2.326   1.00 0.32 ? 65 PRO A C    1 
ATOM   908  O  O    . PRO A 1 65 ? -4.623  -10.129 3.283   1.00 0.31 ? 65 PRO A O    1 
ATOM   909  C  CB   . PRO A 1 65 ? -4.395  -12.814 2.152   1.00 0.48 ? 65 PRO A CB   1 
ATOM   910  C  CG   . PRO A 1 65 ? -2.859  -12.689 2.034   1.00 0.48 ? 65 PRO A CG   1 
ATOM   911  C  CD   . PRO A 1 65 ? -2.579  -11.798 0.809   1.00 0.39 ? 65 PRO A CD   1 
ATOM   912  H  HA   . PRO A 1 65 ? -5.873  -11.925 0.845   1.00 0.39 ? 65 PRO A HA   1 
ATOM   913  H  HB2  . PRO A 1 65 ? -4.693  -12.794 3.193   1.00 0.52 ? 65 PRO A HB2  1 
ATOM   914  H  HB3  . PRO A 1 65 ? -4.716  -13.736 1.694   1.00 0.54 ? 65 PRO A HB3  1 
ATOM   915  H  HG2  . PRO A 1 65 ? -2.457  -12.230 2.927   1.00 0.49 ? 65 PRO A HG2  1 
ATOM   916  H  HG3  . PRO A 1 65 ? -2.417  -13.662 1.884   1.00 0.57 ? 65 PRO A HG3  1 
ATOM   917  H  HD2  . PRO A 1 65 ? -1.878  -11.018 1.068   1.00 0.38 ? 65 PRO A HD2  1 
ATOM   918  H  HD3  . PRO A 1 65 ? -2.198  -12.394 -0.006  1.00 0.42 ? 65 PRO A HD3  1 
ATOM   919  N  N    . VAL A 1 66 ? -6.426  -9.694  2.013   1.00 0.39 ? 66 VAL A N    1 
ATOM   920  C  CA   . VAL A 1 66 ? -6.856  -8.486  2.827   1.00 0.36 ? 66 VAL A CA   1 
ATOM   921  C  C    . VAL A 1 66 ? -8.408  -8.313  2.737   1.00 0.38 ? 66 VAL A C    1 
ATOM   922  O  O    . VAL A 1 66 ? -8.983  -8.385  1.655   1.00 0.43 ? 66 VAL A O    1 
ATOM   923  C  CB   . VAL A 1 66 ? -6.076  -7.218  2.317   1.00 0.34 ? 66 VAL A CB   1 
ATOM   924  C  CG1  . VAL A 1 66 ? -6.457  -6.838  0.864   1.00 0.36 ? 66 VAL A CG1  1 
ATOM   925  C  CG2  . VAL A 1 66 ? -6.313  -6.013  3.261   1.00 0.38 ? 66 VAL A CG2  1 
ATOM   926  H  H    . VAL A 1 66 ? -6.954  -9.943  1.220   1.00 0.50 ? 66 VAL A H    1 
ATOM   927  H  HA   . VAL A 1 66 ? -6.594  -8.662  3.866   1.00 0.36 ? 66 VAL A HA   1 
ATOM   928  H  HB   . VAL A 1 66 ? -5.019  -7.453  2.331   1.00 0.35 ? 66 VAL A HB   1 
ATOM   929  H  HG11 . VAL A 1 66 ? -7.418  -6.343  0.854   1.00 0.86 ? 66 VAL A HG11 1 
ATOM   930  H  HG12 . VAL A 1 66 ? -6.508  -7.729  0.254   1.00 0.95 ? 66 VAL A HG12 1 
ATOM   931  H  HG13 . VAL A 1 66 ? -5.708  -6.177  0.459   1.00 1.17 ? 66 VAL A HG13 1 
ATOM   932  H  HG21 . VAL A 1 66 ? -6.020  -6.281  4.265   1.00 1.10 ? 66 VAL A HG21 1 
ATOM   933  H  HG22 . VAL A 1 66 ? -7.359  -5.740  3.253   1.00 0.99 ? 66 VAL A HG22 1 
ATOM   934  H  HG23 . VAL A 1 66 ? -5.721  -5.172  2.931   1.00 1.07 ? 66 VAL A HG23 1 
ATOM   935  N  N    . THR A 1 67 ? -9.065  -8.090  3.882   1.00 0.41 ? 67 THR A N    1 
ATOM   936  C  CA   . THR A 1 67 ? -10.580 -7.907  3.935   1.00 0.48 ? 67 THR A CA   1 
ATOM   937  C  C    . THR A 1 67 ? -10.952 -6.398  3.765   1.00 0.40 ? 67 THR A C    1 
ATOM   938  O  O    . THR A 1 67 ? -10.078 -5.557  3.575   1.00 0.34 ? 67 THR A O    1 
ATOM   939  C  CB   . THR A 1 67 ? -11.128 -8.465  5.291   1.00 0.60 ? 67 THR A CB   1 
ATOM   940  O  OG1  . THR A 1 67 ? -10.405 -7.903  6.388   1.00 0.61 ? 67 THR A OG1  1 
ATOM   941  C  CG2  . THR A 1 67 ? -10.997 -10.001 5.330   1.00 0.97 ? 67 THR A CG2  1 
ATOM   942  H  H    . THR A 1 67 ? -8.557  -8.042  4.723   1.00 0.43 ? 67 THR A H    1 
ATOM   943  H  HA   . THR A 1 67 ? -11.032 -8.462  3.119   1.00 0.54 ? 67 THR A HA   1 
ATOM   944  H  HB   . THR A 1 67 ? -12.173 -8.207  5.387   1.00 0.68 ? 67 THR A HB   1 
ATOM   945  H  HG1  . THR A 1 67 ? -10.997 -7.846  7.143   1.00 0.99 ? 67 THR A HG1  1 
ATOM   946  H  HG21 . THR A 1 67 ? -11.543 -10.433 4.504   1.00 1.61 ? 67 THR A HG21 1 
ATOM   947  H  HG22 . THR A 1 67 ? -11.404 -10.372 6.260   1.00 1.40 ? 67 THR A HG22 1 
ATOM   948  H  HG23 . THR A 1 67 ? -9.955  -10.280 5.260   1.00 1.37 ? 67 THR A HG23 1 
ATOM   949  N  N    . GLU A 1 68 ? -12.257 -6.063  3.823   1.00 0.46 ? 68 GLU A N    1 
ATOM   950  C  CA   . GLU A 1 68 ? -12.739 -4.622  3.664   1.00 0.46 ? 68 GLU A CA   1 
ATOM   951  C  C    . GLU A 1 68 ? -12.245 -3.743  4.847   1.00 0.42 ? 68 GLU A C    1 
ATOM   952  O  O    . GLU A 1 68 ? -11.767 -2.636  4.624   1.00 0.39 ? 68 GLU A O    1 
ATOM   953  C  CB   . GLU A 1 68 ? -14.295 -4.580  3.606   1.00 0.61 ? 68 GLU A CB   1 
ATOM   954  C  CG   . GLU A 1 68 ? -14.830 -5.196  2.285   1.00 0.83 ? 68 GLU A CG   1 
ATOM   955  C  CD   . GLU A 1 68 ? -14.724 -4.182  1.123   1.00 1.37 ? 68 GLU A CD   1 
ATOM   956  O  OE1  . GLU A 1 68 ? -13.686 -4.150  0.479   1.00 1.97 ? 68 GLU A OE1  1 
ATOM   957  O  OE2  . GLU A 1 68 ? -15.681 -3.457  0.901   1.00 1.80 ? 68 GLU A OE2  1 
ATOM   958  H  H    . GLU A 1 68 ? -12.924 -6.770  3.968   1.00 0.54 ? 68 GLU A H    1 
ATOM   959  H  HA   . GLU A 1 68 ? -12.340 -4.222  2.740   1.00 0.43 ? 68 GLU A HA   1 
ATOM   960  H  HB2  . GLU A 1 68 ? -14.693 -5.142  4.439   1.00 0.70 ? 68 GLU A HB2  1 
ATOM   961  H  HB3  . GLU A 1 68 ? -14.631 -3.553  3.684   1.00 0.82 ? 68 GLU A HB3  1 
ATOM   962  H  HG2  . GLU A 1 68 ? -14.263 -6.084  2.042   1.00 1.48 ? 68 GLU A HG2  1 
ATOM   963  H  HG3  . GLU A 1 68 ? -15.866 -5.470  2.422   1.00 1.11 ? 68 GLU A HG3  1 
ATOM   964  N  N    . GLU A 1 69 ? -12.352 -4.237  6.096   1.00 0.49 ? 69 GLU A N    1 
ATOM   965  C  CA   . GLU A 1 69 ? -11.885 -3.449  7.319   1.00 0.50 ? 69 GLU A CA   1 
ATOM   966  C  C    . GLU A 1 69 ? -10.334 -3.298  7.325   1.00 0.45 ? 69 GLU A C    1 
ATOM   967  O  O    . GLU A 1 69 ? -9.824  -2.256  7.721   1.00 0.47 ? 69 GLU A O    1 
ATOM   968  C  CB   . GLU A 1 69 ? -12.379 -4.108  8.648   1.00 0.59 ? 69 GLU A CB   1 
ATOM   969  C  CG   . GLU A 1 69 ? -11.925 -5.588  8.795   1.00 0.69 ? 69 GLU A CG   1 
ATOM   970  C  CD   . GLU A 1 69 ? -12.253 -6.105  10.210  1.00 0.93 ? 69 GLU A CD   1 
ATOM   971  O  OE1  . GLU A 1 69 ? -13.391 -6.482  10.439  1.00 1.10 ? 69 GLU A OE1  1 
ATOM   972  O  OE2  . GLU A 1 69 ? -11.357 -6.117  11.040  1.00 1.11 ? 69 GLU A OE2  1 
ATOM   973  H  H    . GLU A 1 69 ? -12.739 -5.131  6.223   1.00 0.56 ? 69 GLU A H    1 
ATOM   974  H  HA   . GLU A 1 69 ? -12.316 -2.455  7.257   1.00 0.52 ? 69 GLU A HA   1 
ATOM   975  H  HB2  . GLU A 1 69 ? -11.998 -3.537  9.484   1.00 0.59 ? 69 GLU A HB2  1 
ATOM   976  H  HB3  . GLU A 1 69 ? -13.460 -4.069  8.668   1.00 0.71 ? 69 GLU A HB3  1 
ATOM   977  H  HG2  . GLU A 1 69 ? -12.441 -6.196  8.066   1.00 0.76 ? 69 GLU A HG2  1 
ATOM   978  H  HG3  . GLU A 1 69 ? -10.861 -5.662  8.629   1.00 0.65 ? 69 GLU A HG3  1 
ATOM   979  N  N    . GLU A 1 70 ? -9.594  -4.326  6.867   1.00 0.45 ? 70 GLU A N    1 
ATOM   980  C  CA   . GLU A 1 70 ? -8.075  -4.265  6.811   1.00 0.43 ? 70 GLU A CA   1 
ATOM   981  C  C    . GLU A 1 70 ? -7.637  -3.324  5.658   1.00 0.38 ? 70 GLU A C    1 
ATOM   982  O  O    . GLU A 1 70 ? -6.683  -2.578  5.812   1.00 0.42 ? 70 GLU A O    1 
ATOM   983  C  CB   . GLU A 1 70 ? -7.479  -5.677  6.578   1.00 0.45 ? 70 GLU A CB   1 
ATOM   984  C  CG   . GLU A 1 70 ? -7.695  -6.574  7.817   1.00 0.65 ? 70 GLU A CG   1 
ATOM   985  C  CD   . GLU A 1 70 ? -6.991  -7.933  7.617   1.00 0.76 ? 70 GLU A CD   1 
ATOM   986  O  OE1  . GLU A 1 70 ? -7.533  -8.767  6.904   1.00 1.23 ? 70 GLU A OE1  1 
ATOM   987  O  OE2  . GLU A 1 70 ? -5.923  -8.117  8.181   1.00 0.87 ? 70 GLU A OE2  1 
ATOM   988  H  H    . GLU A 1 70 ? -10.047 -5.137  6.545   1.00 0.48 ? 70 GLU A H    1 
ATOM   989  H  HA   . GLU A 1 70 ? -7.701  -3.869  7.749   1.00 0.47 ? 70 GLU A HA   1 
ATOM   990  H  HB2  . GLU A 1 70 ? -7.959  -6.128  5.722   1.00 0.74 ? 70 GLU A HB2  1 
ATOM   991  H  HB3  . GLU A 1 70 ? -6.417  -5.588  6.386   1.00 0.66 ? 70 GLU A HB3  1 
ATOM   992  H  HG2  . GLU A 1 70 ? -7.289  -6.083  8.692   1.00 1.02 ? 70 GLU A HG2  1 
ATOM   993  H  HG3  . GLU A 1 70 ? -8.753  -6.739  7.961   1.00 0.94 ? 70 GLU A HG3  1 
ATOM   994  N  N    . ALA A 1 71 ? -8.351  -3.351  4.513   1.00 0.37 ? 71 ALA A N    1 
ATOM   995  C  CA   . ALA A 1 71 ? -8.021  -2.455  3.328   1.00 0.40 ? 71 ALA A CA   1 
ATOM   996  C  C    . ALA A 1 71 ? -8.258  -0.958  3.685   1.00 0.40 ? 71 ALA A C    1 
ATOM   997  O  O    . ALA A 1 71 ? -7.543  -0.096  3.192   1.00 0.41 ? 71 ALA A O    1 
ATOM   998  C  CB   . ALA A 1 71 ? -8.895  -2.843  2.120   1.00 0.47 ? 71 ALA A CB   1 
ATOM   999  H  H    . ALA A 1 71 ? -9.120  -3.960  4.445   1.00 0.39 ? 71 ALA A H    1 
ATOM   1000 H  HA   . ALA A 1 71 ? -6.980  -2.592  3.067   1.00 0.41 ? 71 ALA A HA   1 
ATOM   1001 H  HB1  . ALA A 1 71 ? -8.745  -3.887  1.890   1.00 0.87 ? 71 ALA A HB1  1 
ATOM   1002 H  HB2  . ALA A 1 71 ? -8.618  -2.245  1.263   1.00 0.90 ? 71 ALA A HB2  1 
ATOM   1003 H  HB3  . ALA A 1 71 ? -9.938  -2.674  2.354   1.00 1.07 ? 71 ALA A HB3  1 
ATOM   1004 N  N    . LYS A 1 72 ? -9.244  -0.657  4.554   1.00 0.41 ? 72 LYS A N    1 
ATOM   1005 C  CA   . LYS A 1 72 ? -9.537  0.776   4.985   1.00 0.46 ? 72 LYS A CA   1 
ATOM   1006 C  C    . LYS A 1 72 ? -8.433  1.266   5.965   1.00 0.43 ? 72 LYS A C    1 
ATOM   1007 O  O    . LYS A 1 72 ? -7.987  2.402   5.864   1.00 0.49 ? 72 LYS A O    1 
ATOM   1008 C  CB   . LYS A 1 72 ? -10.919 0.852   5.688   1.00 0.50 ? 72 LYS A CB   1 
ATOM   1009 C  CG   . LYS A 1 72 ? -12.060 0.760   4.650   1.00 0.88 ? 72 LYS A CG   1 
ATOM   1010 C  CD   . LYS A 1 72 ? -13.430 0.752   5.367   1.00 1.29 ? 72 LYS A CD   1 
ATOM   1011 C  CE   . LYS A 1 72 ? -14.586 0.736   4.342   1.00 2.10 ? 72 LYS A CE   1 
ATOM   1012 N  NZ   . LYS A 1 72 ? -14.813 2.109   3.781   1.00 2.81 ? 72 LYS A NZ   1 
ATOM   1013 H  H    . LYS A 1 72 ? -9.784  -1.383  4.935   1.00 0.41 ? 72 LYS A H    1 
ATOM   1014 H  HA   . LYS A 1 72 ? -9.542  1.417   4.110   1.00 0.51 ? 72 LYS A HA   1 
ATOM   1015 H  HB2  . LYS A 1 72 ? -11.006 0.034   6.391   1.00 0.92 ? 72 LYS A HB2  1 
ATOM   1016 H  HB3  . LYS A 1 72 ? -11.002 1.790   6.222   1.00 0.75 ? 72 LYS A HB3  1 
ATOM   1017 H  HG2  . LYS A 1 72 ? -12.007 1.612   3.986   1.00 1.29 ? 72 LYS A HG2  1 
ATOM   1018 H  HG3  . LYS A 1 72 ? -11.953 -0.149  4.076   1.00 1.33 ? 72 LYS A HG3  1 
ATOM   1019 H  HD2  . LYS A 1 72 ? -13.500 -0.130  5.991   1.00 1.55 ? 72 LYS A HD2  1 
ATOM   1020 H  HD3  . LYS A 1 72 ? -13.517 1.633   5.988   1.00 1.36 ? 72 LYS A HD3  1 
ATOM   1021 H  HE2  . LYS A 1 72 ? -14.351 0.055   3.535   1.00 2.43 ? 72 LYS A HE2  1 
ATOM   1022 H  HE3  . LYS A 1 72 ? -15.488 0.401   4.833   1.00 2.55 ? 72 LYS A HE3  1 
ATOM   1023 H  HZ1  . LYS A 1 72 ? -13.971 2.417   3.254   1.00 3.26 ? 72 LYS A HZ1  1 
ATOM   1024 H  HZ2  . LYS A 1 72 ? -15.004 2.777   4.556   1.00 3.16 ? 72 LYS A HZ2  1 
ATOM   1025 H  HZ3  . LYS A 1 72 ? -15.629 2.085   3.137   1.00 3.08 ? 72 LYS A HZ3  1 
ATOM   1026 N  N    . ILE A 1 73 ? -7.986  0.402   6.898   1.00 0.40 ? 73 ILE A N    1 
ATOM   1027 C  CA   . ILE A 1 73 ? -6.892  0.775   7.896   1.00 0.43 ? 73 ILE A CA   1 
ATOM   1028 C  C    . ILE A 1 73 ? -5.525  0.846   7.143   1.00 0.40 ? 73 ILE A C    1 
ATOM   1029 O  O    . ILE A 1 73 ? -4.723  1.731   7.418   1.00 0.42 ? 73 ILE A O    1 
ATOM   1030 C  CB   . ILE A 1 73 ? -6.834  -0.276  9.065   1.00 0.52 ? 73 ILE A CB   1 
ATOM   1031 C  CG1  . ILE A 1 73 ? -8.210  -0.323  9.815   1.00 1.01 ? 73 ILE A CG1  1 
ATOM   1032 C  CG2  . ILE A 1 73 ? -5.709  0.085   10.079  1.00 0.79 ? 73 ILE A CG2  1 
ATOM   1033 C  CD1  . ILE A 1 73 ? -8.361  -1.635  10.610  1.00 1.45 ? 73 ILE A CD1  1 
ATOM   1034 H  H    . ILE A 1 73 ? -8.366  -0.504  6.931   1.00 0.39 ? 73 ILE A H    1 
ATOM   1035 H  HA   . ILE A 1 73 ? -7.115  1.754   8.306   1.00 0.49 ? 73 ILE A HA   1 
ATOM   1036 H  HB   . ILE A 1 73 ? -6.623  -1.251  8.643   1.00 1.05 ? 73 ILE A HB   1 
ATOM   1037 H  HG12 . ILE A 1 73 ? -8.279  0.512   10.498  1.00 1.23 ? 73 ILE A HG12 1 
ATOM   1038 H  HG13 . ILE A 1 73 ? -9.017  -0.256  9.100   1.00 1.58 ? 73 ILE A HG13 1 
ATOM   1039 H  HG21 . ILE A 1 73 ? -4.744  -0.028  9.606   1.00 1.18 ? 73 ILE A HG21 1 
ATOM   1040 H  HG22 . ILE A 1 73 ? -5.763  -0.576  10.932  1.00 1.38 ? 73 ILE A HG22 1 
ATOM   1041 H  HG23 . ILE A 1 73 ? -5.830  1.107   10.410  1.00 1.12 ? 73 ILE A HG23 1 
ATOM   1042 H  HD11 . ILE A 1 73 ? -8.268  -2.478  9.940   1.00 1.80 ? 73 ILE A HD11 1 
ATOM   1043 H  HD12 . ILE A 1 73 ? -9.332  -1.659  11.081  1.00 2.12 ? 73 ILE A HD12 1 
ATOM   1044 H  HD13 . ILE A 1 73 ? -7.594  -1.692  11.369  1.00 1.71 ? 73 ILE A HD13 1 
ATOM   1045 N  N    . LEU A 1 74 ? -5.278  -0.075  6.191   1.00 0.38 ? 74 LEU A N    1 
ATOM   1046 C  CA   . LEU A 1 74 ? -3.984  -0.081  5.387   1.00 0.40 ? 74 LEU A CA   1 
ATOM   1047 C  C    . LEU A 1 74 ? -3.980  1.122   4.401   1.00 0.41 ? 74 LEU A C    1 
ATOM   1048 O  O    . LEU A 1 74 ? -2.951  1.760   4.231   1.00 0.41 ? 74 LEU A O    1 
ATOM   1049 C  CB   . LEU A 1 74 ? -3.841  -1.436  4.599   1.00 0.48 ? 74 LEU A CB   1 
ATOM   1050 C  CG   . LEU A 1 74 ? -2.388  -2.023  4.612   1.00 0.59 ? 74 LEU A CG   1 
ATOM   1051 C  CD1  . LEU A 1 74 ? -1.378  -1.061  3.947   1.00 1.67 ? 74 LEU A CD1  1 
ATOM   1052 C  CD2  . LEU A 1 74 ? -1.930  -2.359  6.055   1.00 1.36 ? 74 LEU A CD2  1 
ATOM   1053 H  H    . LEU A 1 74 ? -5.957  -0.758  5.999   1.00 0.38 ? 74 LEU A H    1 
ATOM   1054 H  HA   . LEU A 1 74 ? -3.154  0.030   6.073   1.00 0.43 ? 74 LEU A HA   1 
ATOM   1055 H  HB2  . LEU A 1 74 ? -4.497  -2.165  5.042   1.00 0.61 ? 74 LEU A HB2  1 
ATOM   1056 H  HB3  . LEU A 1 74 ? -4.146  -1.288  3.570   1.00 0.54 ? 74 LEU A HB3  1 
ATOM   1057 H  HG   . LEU A 1 74 ? -2.399  -2.938  4.037   1.00 1.12 ? 74 LEU A HG   1 
ATOM   1058 H  HD11 . LEU A 1 74 ? -1.259  -0.177  4.557   1.00 1.95 ? 74 LEU A HD11 1 
ATOM   1059 H  HD12 . LEU A 1 74 ? -1.740  -0.776  2.969   1.00 2.27 ? 74 LEU A HD12 1 
ATOM   1060 H  HD13 . LEU A 1 74 ? -0.424  -1.556  3.842   1.00 2.38 ? 74 LEU A HD13 1 
ATOM   1061 H  HD21 . LEU A 1 74 ? -1.631  -1.455  6.567   1.00 2.09 ? 74 LEU A HD21 1 
ATOM   1062 H  HD22 . LEU A 1 74 ? -1.092  -3.040  6.016   1.00 1.77 ? 74 LEU A HD22 1 
ATOM   1063 H  HD23 . LEU A 1 74 ? -2.741  -2.824  6.596   1.00 1.65 ? 74 LEU A HD23 1 
ATOM   1064 N  N    . ALA A 1 75 ? -5.134  1.440   3.778   1.00 0.45 ? 75 ALA A N    1 
ATOM   1065 C  CA   . ALA A 1 75 ? -5.239  2.615   2.814   1.00 0.52 ? 75 ALA A CA   1 
ATOM   1066 C  C    . ALA A 1 75 ? -5.056  3.954   3.582   1.00 0.52 ? 75 ALA A C    1 
ATOM   1067 O  O    . ALA A 1 75 ? -4.361  4.839   3.107   1.00 0.56 ? 75 ALA A O    1 
ATOM   1068 C  CB   . ALA A 1 75 ? -6.610  2.608   2.109   1.00 0.58 ? 75 ALA A CB   1 
ATOM   1069 H  H    . ALA A 1 75 ? -5.939  0.906   3.962   1.00 0.45 ? 75 ALA A H    1 
ATOM   1070 H  HA   . ALA A 1 75 ? -4.461  2.526   2.066   1.00 0.56 ? 75 ALA A HA   1 
ATOM   1071 H  HB1  . ALA A 1 75 ? -6.687  3.464   1.453   1.00 1.16 ? 75 ALA A HB1  1 
ATOM   1072 H  HB2  . ALA A 1 75 ? -7.399  2.649   2.848   1.00 1.03 ? 75 ALA A HB2  1 
ATOM   1073 H  HB3  . ALA A 1 75 ? -6.709  1.702   1.530   1.00 1.05 ? 75 ALA A HB3  1 
ATOM   1074 N  N    . GLU A 1 76 ? -5.660  4.086   4.777   1.00 0.51 ? 76 GLU A N    1 
ATOM   1075 C  CA   . GLU A 1 76 ? -5.520  5.351   5.618   1.00 0.55 ? 76 GLU A CA   1 
ATOM   1076 C  C    . GLU A 1 76 ? -4.084  5.455   6.215   1.00 0.49 ? 76 GLU A C    1 
ATOM   1077 O  O    . GLU A 1 76 ? -3.602  6.560   6.443   1.00 0.53 ? 76 GLU A O    1 
ATOM   1078 C  CB   . GLU A 1 76 ? -6.559  5.345   6.771   1.00 0.60 ? 76 GLU A CB   1 
ATOM   1079 C  CG   . GLU A 1 76 ? -7.971  5.681   6.234   1.00 0.90 ? 76 GLU A CG   1 
ATOM   1080 C  CD   . GLU A 1 76 ? -8.973  5.781   7.402   1.00 1.12 ? 76 GLU A CD   1 
ATOM   1081 O  OE1  . GLU A 1 76 ? -9.122  6.869   7.942   1.00 1.62 ? 76 GLU A OE1  1 
ATOM   1082 O  OE2  . GLU A 1 76 ? -9.576  4.770   7.734   1.00 1.22 ? 76 GLU A OE2  1 
ATOM   1083 H  H    . GLU A 1 76 ? -6.196  3.339   5.127   1.00 0.49 ? 76 GLU A H    1 
ATOM   1084 H  HA   . GLU A 1 76 ? -5.696  6.213   4.985   1.00 0.63 ? 76 GLU A HA   1 
ATOM   1085 H  HB2  . GLU A 1 76 ? -6.577  4.365   7.231   1.00 0.89 ? 76 GLU A HB2  1 
ATOM   1086 H  HB3  . GLU A 1 76 ? -6.279  6.081   7.514   1.00 0.89 ? 76 GLU A HB3  1 
ATOM   1087 H  HG2  . GLU A 1 76 ? -7.938  6.627   5.707   1.00 1.28 ? 76 GLU A HG2  1 
ATOM   1088 H  HG3  . GLU A 1 76 ? -8.290  4.907   5.551   1.00 1.25 ? 76 GLU A HG3  1 
ATOM   1089 N  N    . TRP A 1 77 ? -3.402  4.316   6.459   1.00 0.41 ? 77 TRP A N    1 
ATOM   1090 C  CA   . TRP A 1 77 ? -1.995  4.329   7.033   1.00 0.37 ? 77 TRP A CA   1 
ATOM   1091 C  C    . TRP A 1 77 ? -0.962  4.689   5.923   1.00 0.36 ? 77 TRP A C    1 
ATOM   1092 O  O    . TRP A 1 77 ? -0.071  5.491   6.169   1.00 0.37 ? 77 TRP A O    1 
ATOM   1093 C  CB   . TRP A 1 77 ? -1.667  2.947   7.664   1.00 0.37 ? 77 TRP A CB   1 
ATOM   1094 C  CG   . TRP A 1 77 ? -0.378  3.009   8.456   1.00 0.38 ? 77 TRP A CG   1 
ATOM   1095 C  CD1  . TRP A 1 77 ? -0.220  3.622   9.658   1.00 0.45 ? 77 TRP A CD1  1 
ATOM   1096 C  CD2  . TRP A 1 77 ? 0.923   2.441   8.115   1.00 0.40 ? 77 TRP A CD2  1 
ATOM   1097 N  NE1  . TRP A 1 77 ? 1.093   3.476   10.064  1.00 0.48 ? 77 TRP A NE1  1 
ATOM   1098 C  CE2  . TRP A 1 77 ? 1.836   2.754   9.150   1.00 0.44 ? 77 TRP A CE2  1 
ATOM   1099 C  CE3  . TRP A 1 77 ? 1.395   1.695   7.019   1.00 0.46 ? 77 TRP A CE3  1 
ATOM   1100 C  CZ2  . TRP A 1 77 ? 3.168   2.344   9.097   1.00 0.50 ? 77 TRP A CZ2  1 
ATOM   1101 C  CZ3  . TRP A 1 77 ? 2.735   1.278   6.965   1.00 0.54 ? 77 TRP A CZ3  1 
ATOM   1102 C  CH2  . TRP A 1 77 ? 3.618   1.604   8.003   1.00 0.54 ? 77 TRP A CH2  1 
ATOM   1103 H  H    . TRP A 1 77 ? -3.822  3.451   6.259   1.00 0.41 ? 77 TRP A H    1 
ATOM   1104 H  HA   . TRP A 1 77 ? -1.949  5.086   7.809   1.00 0.38 ? 77 TRP A HA   1 
ATOM   1105 H  HB2  . TRP A 1 77 ? -2.473  2.659   8.322   1.00 0.39 ? 77 TRP A HB2  1 
ATOM   1106 H  HB3  . TRP A 1 77 ? -1.572  2.208   6.879   1.00 0.38 ? 77 TRP A HB3  1 
ATOM   1107 H  HD1  . TRP A 1 77 ? -0.991  4.145   10.203  1.00 0.51 ? 77 TRP A HD1  1 
ATOM   1108 H  HE1  . TRP A 1 77 ? 1.469   3.831   10.897  1.00 0.56 ? 77 TRP A HE1  1 
ATOM   1109 H  HE3  . TRP A 1 77 ? 0.722   1.439   6.214   1.00 0.48 ? 77 TRP A HE3  1 
ATOM   1110 H  HZ2  . TRP A 1 77 ? 3.847   2.599   9.895   1.00 0.55 ? 77 TRP A HZ2  1 
ATOM   1111 H  HZ3  . TRP A 1 77 ? 3.085   0.705   6.120   1.00 0.62 ? 77 TRP A HZ3  1 
ATOM   1112 H  HH2  . TRP A 1 77 ? 4.647   1.281   7.955   1.00 0.61 ? 77 TRP A HH2  1 
ATOM   1113 N  N    . VAL A 1 78 ? -1.088  4.116   4.706   1.00 0.38 ? 78 VAL A N    1 
ATOM   1114 C  CA   . VAL A 1 78 ? -0.117  4.448   3.563   1.00 0.41 ? 78 VAL A CA   1 
ATOM   1115 C  C    . VAL A 1 78 ? -0.285  5.942   3.138   1.00 0.43 ? 78 VAL A C    1 
ATOM   1116 O  O    . VAL A 1 78 ? 0.683   6.579   2.739   1.00 0.47 ? 78 VAL A O    1 
ATOM   1117 C  CB   . VAL A 1 78 ? -0.307  3.498   2.324   1.00 0.46 ? 78 VAL A CB   1 
ATOM   1118 C  CG1  . VAL A 1 78 ? 0.031   2.042   2.713   1.00 0.49 ? 78 VAL A CG1  1 
ATOM   1119 C  CG2  . VAL A 1 78 ? -1.746  3.566   1.748   1.00 0.47 ? 78 VAL A CG2  1 
ATOM   1120 H  H    . VAL A 1 78 ? -1.822  3.486   4.545   1.00 0.40 ? 78 VAL A H    1 
ATOM   1121 H  HA   . VAL A 1 78 ? 0.894   4.323   3.939   1.00 0.41 ? 78 VAL A HA   1 
ATOM   1122 H  HB   . VAL A 1 78 ? 0.389   3.806   1.555   1.00 0.49 ? 78 VAL A HB   1 
ATOM   1123 H  HG11 . VAL A 1 78 ? -0.125  1.394   1.862   1.00 0.77 ? 78 VAL A HG11 1 
ATOM   1124 H  HG12 . VAL A 1 78 ? -0.602  1.724   3.527   1.00 0.95 ? 78 VAL A HG12 1 
ATOM   1125 H  HG13 . VAL A 1 78 ? 1.064   1.983   3.021   1.00 1.01 ? 78 VAL A HG13 1 
ATOM   1126 H  HG21 . VAL A 1 78 ? -1.938  4.560   1.374   1.00 1.08 ? 78 VAL A HG21 1 
ATOM   1127 H  HG22 . VAL A 1 78 ? -2.459  3.330   2.516   1.00 1.04 ? 78 VAL A HG22 1 
ATOM   1128 H  HG23 . VAL A 1 78 ? -1.845  2.856   0.937   1.00 1.21 ? 78 VAL A HG23 1 
ATOM   1129 N  N    . LEU A 1 79 ? -1.509  6.495   3.261   1.00 0.42 ? 79 LEU A N    1 
ATOM   1130 C  CA   . LEU A 1 79 ? -1.784  7.949   2.918   1.00 0.49 ? 79 LEU A CA   1 
ATOM   1131 C  C    . LEU A 1 79 ? -1.238  8.842   4.067   1.00 0.49 ? 79 LEU A C    1 
ATOM   1132 O  O    . LEU A 1 79 ? -0.505  9.791   3.816   1.00 0.65 ? 79 LEU A O    1 
ATOM   1133 C  CB   . LEU A 1 79 ? -3.317  8.179   2.761   1.00 0.56 ? 79 LEU A CB   1 
ATOM   1134 C  CG   . LEU A 1 79 ? -3.886  7.454   1.503   1.00 0.60 ? 79 LEU A CG   1 
ATOM   1135 C  CD1  . LEU A 1 79 ? -5.427  7.397   1.585   1.00 0.76 ? 79 LEU A CD1  1 
ATOM   1136 C  CD2  . LEU A 1 79 ? -3.473  8.192   0.208   1.00 0.84 ? 79 LEU A CD2  1 
ATOM   1137 H  H    . LEU A 1 79 ? -2.248  5.949   3.607   1.00 0.40 ? 79 LEU A H    1 
ATOM   1138 H  HA   . LEU A 1 79 ? -1.280  8.205   1.994   1.00 0.55 ? 79 LEU A HA   1 
ATOM   1139 H  HB2  . LEU A 1 79 ? -3.815  7.799   3.643   1.00 0.58 ? 79 LEU A HB2  1 
ATOM   1140 H  HB3  . LEU A 1 79 ? -3.514  9.238   2.683   1.00 0.61 ? 79 LEU A HB3  1 
ATOM   1141 H  HG   . LEU A 1 79 ? -3.503  6.443   1.471   1.00 0.58 ? 79 LEU A HG   1 
ATOM   1142 H  HD11 . LEU A 1 79 ? -5.812  6.858   0.732   1.00 1.45 ? 79 LEU A HD11 1 
ATOM   1143 H  HD12 . LEU A 1 79 ? -5.831  8.400   1.588   1.00 1.29 ? 79 LEU A HD12 1 
ATOM   1144 H  HD13 . LEU A 1 79 ? -5.722  6.889   2.492   1.00 1.15 ? 79 LEU A HD13 1 
ATOM   1145 H  HD21 . LEU A 1 79 ? -3.748  9.236   0.277   1.00 1.31 ? 79 LEU A HD21 1 
ATOM   1146 H  HD22 . LEU A 1 79 ? -3.972  7.745   -0.641  1.00 1.13 ? 79 LEU A HD22 1 
ATOM   1147 H  HD23 . LEU A 1 79 ? -2.404  8.110   0.074   1.00 1.45 ? 79 LEU A HD23 1 
ATOM   1148 N  N    . SER A 1 80 ? -1.585  8.511   5.325   1.00 0.48 ? 80 SER A N    1 
ATOM   1149 C  CA   . SER A 1 80 ? -1.103  9.276   6.540   1.00 0.53 ? 80 SER A CA   1 
ATOM   1150 C  C    . SER A 1 80 ? -0.267  8.297   7.413   1.00 0.52 ? 80 SER A C    1 
ATOM   1151 O  O    . SER A 1 80 ? -0.817  7.498   8.173   1.00 0.59 ? 80 SER A O    1 
ATOM   1152 C  CB   . SER A 1 80 ? -2.318  9.829   7.325   1.00 0.63 ? 80 SER A CB   1 
ATOM   1153 O  OG   . SER A 1 80 ? -3.013  10.784  6.525   1.00 0.83 ? 80 SER A OG   1 
ATOM   1154 H  H    . SER A 1 80 ? -2.165  7.729   5.468   1.00 0.55 ? 80 SER A H    1 
ATOM   1155 H  HA   . SER A 1 80 ? -0.471  10.100  6.229   1.00 0.56 ? 80 SER A HA   1 
ATOM   1156 H  HB2  . SER A 1 80 ? -2.990  9.022   7.570   1.00 0.77 ? 80 SER A HB2  1 
ATOM   1157 H  HB3  . SER A 1 80 ? -1.973  10.294  8.241   1.00 0.65 ? 80 SER A HB3  1 
ATOM   1158 H  HG   . SER A 1 80 ? -2.675  11.658  6.737   1.00 1.52 ? 80 SER A HG   1 
ATOM   1159 N  N    . LEU A 1 81 ? 1.065   8.337   7.271   1.00 0.50 ? 81 LEU A N    1 
ATOM   1160 C  CA   . LEU A 1 81 ? 1.992   7.403   8.042   1.00 0.55 ? 81 LEU A CA   1 
ATOM   1161 C  C    . LEU A 1 81 ? 2.295   7.958   9.458   1.00 0.80 ? 81 LEU A C    1 
ATOM   1162 O  O    . LEU A 1 81 ? 2.205   9.160   9.696   1.00 1.14 ? 81 LEU A O    1 
ATOM   1163 C  CB   . LEU A 1 81 ? 3.327   7.227   7.265   1.00 0.59 ? 81 LEU A CB   1 
ATOM   1164 C  CG   . LEU A 1 81 ? 3.115   6.395   5.964   1.00 0.55 ? 81 LEU A CG   1 
ATOM   1165 C  CD1  . LEU A 1 81 ? 4.252   6.683   4.967   1.00 0.69 ? 81 LEU A CD1  1 
ATOM   1166 C  CD2  . LEU A 1 81 ? 3.085   4.879   6.286   1.00 0.66 ? 81 LEU A CD2  1 
ATOM   1167 H  H    . LEU A 1 81 ? 1.458   8.975   6.632   1.00 0.51 ? 81 LEU A H    1 
ATOM   1168 H  HA   . LEU A 1 81 ? 1.515   6.437   8.144   1.00 0.52 ? 81 LEU A HA   1 
ATOM   1169 H  HB2  . LEU A 1 81 ? 3.710   8.207   7.007   1.00 0.73 ? 81 LEU A HB2  1 
ATOM   1170 H  HB3  . LEU A 1 81 ? 4.049   6.725   7.898   1.00 0.64 ? 81 LEU A HB3  1 
ATOM   1171 H  HG   . LEU A 1 81 ? 2.177   6.679   5.505   1.00 0.62 ? 81 LEU A HG   1 
ATOM   1172 H  HD11 . LEU A 1 81 ? 5.202   6.396   5.398   1.00 1.32 ? 81 LEU A HD11 1 
ATOM   1173 H  HD12 . LEU A 1 81 ? 4.269   7.736   4.729   1.00 1.29 ? 81 LEU A HD12 1 
ATOM   1174 H  HD13 . LEU A 1 81 ? 4.083   6.118   4.065   1.00 1.04 ? 81 LEU A HD13 1 
ATOM   1175 H  HD21 . LEU A 1 81 ? 4.026   4.578   6.725   1.00 1.25 ? 81 LEU A HD21 1 
ATOM   1176 H  HD22 . LEU A 1 81 ? 2.919   4.320   5.377   1.00 0.96 ? 81 LEU A HD22 1 
ATOM   1177 H  HD23 . LEU A 1 81 ? 2.283   4.674   6.980   1.00 1.40 ? 81 LEU A HD23 1 
ATOM   1178 N  N    . LYS A 1 82 ? 2.664   7.065   10.387  1.00 1.12 ? 82 LYS A N    1 
ATOM   1179 C  CA   . LYS A 1 82 ? 2.998   7.461   11.813  1.00 1.42 ? 82 LYS A CA   1 
ATOM   1180 C  C    . LYS A 1 82 ? 4.528   7.366   12.032  1.00 1.79 ? 82 LYS A C    1 
ATOM   1181 O  O    . LYS A 1 82 ? 5.111   6.349   11.673  1.00 2.25 ? 82 LYS A O    1 
ATOM   1182 C  CB   . LYS A 1 82 ? 2.266   6.513   12.806  1.00 2.17 ? 82 LYS A CB   1 
ATOM   1183 C  CG   . LYS A 1 82 ? 0.728   6.705   12.745  1.00 2.45 ? 82 LYS A CG   1 
ATOM   1184 C  CD   . LYS A 1 82 ? 0.294   7.948   13.559  1.00 3.15 ? 82 LYS A CD   1 
ATOM   1185 C  CE   . LYS A 1 82 ? -1.239  8.131   13.502  1.00 3.71 ? 82 LYS A CE   1 
ATOM   1186 N  NZ   . LYS A 1 82 ? -1.653  8.719   12.186  1.00 3.79 ? 82 LYS A NZ   1 
ATOM   1187 O  OXT  . LYS A 1 82 ? 5.091   8.313   12.558  1.00 2.32 ? 82 LYS A OXT  1 
ATOM   1188 H  H    . LYS A 1 82 ? 2.728   6.115   10.137  1.00 1.39 ? 82 LYS A H    1 
ATOM   1189 H  HA   . LYS A 1 82 ? 2.677   8.480   11.995  1.00 1.26 ? 82 LYS A HA   1 
ATOM   1190 H  HB2  . LYS A 1 82 ? 2.500   5.488   12.553  1.00 2.70 ? 82 LYS A HB2  1 
ATOM   1191 H  HB3  . LYS A 1 82 ? 2.611   6.711   13.814  1.00 2.50 ? 82 LYS A HB3  1 
ATOM   1192 H  HG2  . LYS A 1 82 ? 0.418   6.823   11.715  1.00 2.44 ? 82 LYS A HG2  1 
ATOM   1193 H  HG3  . LYS A 1 82 ? 0.250   5.828   13.157  1.00 2.86 ? 82 LYS A HG3  1 
ATOM   1194 H  HD2  . LYS A 1 82 ? 0.595   7.823   14.590  1.00 3.60 ? 82 LYS A HD2  1 
ATOM   1195 H  HD3  . LYS A 1 82 ? 0.771   8.829   13.154  1.00 3.41 ? 82 LYS A HD3  1 
ATOM   1196 H  HE2  . LYS A 1 82 ? -1.726  7.175   13.633  1.00 4.07 ? 82 LYS A HE2  1 
ATOM   1197 H  HE3  . LYS A 1 82 ? -1.545  8.794   14.298  1.00 4.28 ? 82 LYS A HE3  1 
ATOM   1198 H  HZ1  . LYS A 1 82 ? -2.675  8.903   12.199  1.00 3.97 ? 82 LYS A HZ1  1 
ATOM   1199 H  HZ2  . LYS A 1 82 ? -1.434  8.051   11.418  1.00 3.99 ? 82 LYS A HZ2  1 
ATOM   1200 H  HZ3  . LYS A 1 82 ? -1.146  9.614   12.024  1.00 4.04 ? 82 LYS A HZ3  1 
HETATM 1201 FE FE   . HEC B 2 .  ? 2.423   -3.991  -2.999  1.00 0.16 ? 83 HEC A FE   1 
HETATM 1202 C  CHA  . HEC B 2 .  ? 2.066   -1.475  -5.290  1.00 0.15 ? 83 HEC A CHA  1 
HETATM 1203 C  CHB  . HEC B 2 .  ? 0.185   -2.451  -0.927  1.00 0.22 ? 83 HEC A CHB  1 
HETATM 1204 C  CHC  . HEC B 2 .  ? 2.708   -6.576  -0.773  1.00 0.21 ? 83 HEC A CHC  1 
HETATM 1205 C  CHD  . HEC B 2 .  ? 4.772   -5.472  -4.986  1.00 0.15 ? 83 HEC A CHD  1 
HETATM 1206 N  NA   . HEC B 2 .  ? 1.345   -2.301  -3.087  1.00 0.18 ? 83 HEC A NA   1 
HETATM 1207 C  C1A  . HEC B 2 .  ? 1.309   -1.373  -4.115  1.00 0.17 ? 83 HEC A C1A  1 
HETATM 1208 C  C2A  . HEC B 2 .  ? 0.430   -0.327  -3.809  1.00 0.20 ? 83 HEC A C2A  1 
HETATM 1209 C  C3A  . HEC B 2 .  ? -0.100  -0.602  -2.563  1.00 0.22 ? 83 HEC A C3A  1 
HETATM 1210 C  C4A  . HEC B 2 .  ? 0.468   -1.810  -2.138  1.00 0.21 ? 83 HEC A C4A  1 
HETATM 1211 C  CMA  . HEC B 2 .  ? -1.125  0.261   -1.802  1.00 0.26 ? 83 HEC A CMA  1 
HETATM 1212 C  CAA  . HEC B 2 .  ? 0.107   0.904   -4.687  1.00 0.22 ? 83 HEC A CAA  1 
HETATM 1213 C  CBA  . HEC B 2 .  ? -1.047  0.565   -5.663  1.00 0.23 ? 83 HEC A CBA  1 
HETATM 1214 C  CGA  . HEC B 2 .  ? -1.428  1.765   -6.572  1.00 0.25 ? 83 HEC A CGA  1 
HETATM 1215 O  O1A  . HEC B 2 .  ? -2.319  1.642   -7.387  1.00 0.23 ? 83 HEC A O1A  1 
HETATM 1216 O  O2A  . HEC B 2 .  ? -0.869  2.847   -6.489  1.00 0.29 ? 83 HEC A O2A  1 
HETATM 1217 N  NB   . HEC B 2 .  ? 1.608   -4.424  -1.204  1.00 0.20 ? 83 HEC A NB   1 
HETATM 1218 C  C1B  . HEC B 2 .  ? 0.700   -3.671  -0.486  1.00 0.22 ? 83 HEC A C1B  1 
HETATM 1219 C  C2B  . HEC B 2 .  ? 0.360   -4.297  0.727   1.00 0.25 ? 83 HEC A C2B  1 
HETATM 1220 C  C3B  . HEC B 2 .  ? 1.084   -5.499  0.775   1.00 0.24 ? 83 HEC A C3B  1 
HETATM 1221 C  C4B  . HEC B 2 .  ? 1.834   -5.545  -0.418  1.00 0.21 ? 83 HEC A C4B  1 
HETATM 1222 C  CMB  . HEC B 2 .  ? -0.633  -3.747  1.787   1.00 0.28 ? 83 HEC A CMB  1 
HETATM 1223 C  CAB  . HEC B 2 .  ? 1.070   -6.585  1.915   1.00 0.27 ? 83 HEC A CAB  1 
HETATM 1224 C  CBB  . HEC B 2 .  ? -0.332  -7.215  2.020   1.00 0.30 ? 83 HEC A CBB  1 
HETATM 1225 N  NC   . HEC B 2 .  ? 3.501   -5.692  -2.912  1.00 0.17 ? 83 HEC A NC   1 
HETATM 1226 C  C1C  . HEC B 2 .  ? 3.494   -6.648  -1.918  1.00 0.19 ? 83 HEC A C1C  1 
HETATM 1227 C  C2C  . HEC B 2 .  ? 4.410   -7.671  -2.192  1.00 0.21 ? 83 HEC A C2C  1 
HETATM 1228 C  C3C  . HEC B 2 .  ? 5.027   -7.345  -3.388  1.00 0.19 ? 83 HEC A C3C  1 
HETATM 1229 C  C4C  . HEC B 2 .  ? 4.446   -6.142  -3.815  1.00 0.17 ? 83 HEC A C4C  1 
HETATM 1230 C  CMC  . HEC B 2 .  ? 4.697   -8.904  -1.315  1.00 0.24 ? 83 HEC A CMC  1 
HETATM 1231 C  CAC  . HEC B 2 .  ? 6.158   -8.148  -4.119  1.00 0.21 ? 83 HEC A CAC  1 
HETATM 1232 C  CBC  . HEC B 2 .  ? 5.655   -9.536  -4.580  1.00 0.24 ? 83 HEC A CBC  1 
HETATM 1233 N  ND   . HEC B 2 .  ? 3.247   -3.564  -4.778  1.00 0.14 ? 83 HEC A ND   1 
HETATM 1234 C  C1D  . HEC B 2 .  ? 4.214   -4.285  -5.449  1.00 0.13 ? 83 HEC A C1D  1 
HETATM 1235 C  C2D  . HEC B 2 .  ? 4.541   -3.682  -6.658  1.00 0.13 ? 83 HEC A C2D  1 
HETATM 1236 C  C3D  . HEC B 2 .  ? 3.756   -2.555  -6.771  1.00 0.13 ? 83 HEC A C3D  1 
HETATM 1237 C  C4D  . HEC B 2 .  ? 2.977   -2.487  -5.604  1.00 0.14 ? 83 HEC A C4D  1 
HETATM 1238 C  CMD  . HEC B 2 .  ? 5.572   -4.188  -7.682  1.00 0.14 ? 83 HEC A CMD  1 
HETATM 1239 C  CAD  . HEC B 2 .  ? 3.767   -1.572  -7.962  1.00 0.14 ? 83 HEC A CAD  1 
HETATM 1240 C  CBD  . HEC B 2 .  ? 2.876   -2.127  -9.101  1.00 0.20 ? 83 HEC A CBD  1 
HETATM 1241 C  CGD  . HEC B 2 .  ? 2.865   -1.201  -10.344 1.00 0.23 ? 83 HEC A CGD  1 
HETATM 1242 O  O1D  . HEC B 2 .  ? 2.207   -1.511  -11.318 1.00 0.30 ? 83 HEC A O1D  1 
HETATM 1243 O  O2D  . HEC B 2 .  ? 3.510   -0.166  -10.387 1.00 0.20 ? 83 HEC A O2D  1 
HETATM 1244 H  HHA  . HEC B 2 .  ? 1.926   -0.690  -6.035  1.00 0.16 ? 83 HEC A HHA  1 
HETATM 1245 H  HHB  . HEC B 2 .  ? -0.509  -1.944  -0.254  1.00 0.25 ? 83 HEC A HHB  1 
HETATM 1246 H  HHC  . HEC B 2 .  ? 2.774   -7.418  -0.089  1.00 0.23 ? 83 HEC A HHC  1 
HETATM 1247 H  HHD  . HEC B 2 .  ? 5.543   -5.921  -5.611  1.00 0.16 ? 83 HEC A HHD  1 
HETATM 1248 H  HMA1 . HEC B 2 .  ? -1.857  0.644   -2.497  1.00 1.02 ? 83 HEC A HMA1 1 
HETATM 1249 H  HMA2 . HEC B 2 .  ? -1.625  -0.333  -1.054  1.00 0.91 ? 83 HEC A HMA2 1 
HETATM 1250 H  HMA3 . HEC B 2 .  ? -0.616  1.085   -1.325  1.00 1.08 ? 83 HEC A HMA3 1 
HETATM 1251 H  HAA1 . HEC B 2 .  ? 0.984   1.182   -5.253  1.00 0.26 ? 83 HEC A HAA1 1 
HETATM 1252 H  HAA2 . HEC B 2 .  ? -0.183  1.729   -4.056  1.00 0.20 ? 83 HEC A HAA2 1 
HETATM 1253 H  HBA1 . HEC B 2 .  ? -0.745  -0.262  -6.288  1.00 0.26 ? 83 HEC A HBA1 1 
HETATM 1254 H  HBA2 . HEC B 2 .  ? -1.916  0.274   -5.091  1.00 0.21 ? 83 HEC A HBA2 1 
HETATM 1255 H  HMB1 . HEC B 2 .  ? 0.282   -3.623  2.345   1.00 0.96 ? 83 HEC A HMB1 1 
HETATM 1256 H  HMB2 . HEC B 2 .  ? -1.197  -4.614  1.478   1.00 1.04 ? 83 HEC A HMB2 1 
HETATM 1257 H  HMB3 . HEC B 2 .  ? -0.934  -4.137  2.748   1.00 1.08 ? 83 HEC A HMB3 1 
HETATM 1258 H  HAB  . HEC B 2 .  ? 1.752   -7.366  1.628   1.00 0.27 ? 83 HEC A HAB  1 
HETATM 1259 H  HBB1 . HEC B 2 .  ? -1.010  -6.522  2.498   1.00 1.08 ? 83 HEC A HBB1 1 
HETATM 1260 H  HBB2 . HEC B 2 .  ? -0.700  -7.452  1.034   1.00 1.02 ? 83 HEC A HBB2 1 
HETATM 1261 H  HBB3 . HEC B 2 .  ? -0.275  -8.119  2.607   1.00 1.06 ? 83 HEC A HBB3 1 
HETATM 1262 H  HMC1 . HEC B 2 .  ? 5.159   -9.677  -1.899  1.00 0.93 ? 83 HEC A HMC1 1 
HETATM 1263 H  HMC2 . HEC B 2 .  ? 5.359   -8.622  -0.511  1.00 1.00 ? 83 HEC A HMC2 1 
HETATM 1264 H  HMC3 . HEC B 2 .  ? 3.770   -9.277  -0.905  1.00 0.98 ? 83 HEC A HMC3 1 
HETATM 1265 H  HAC  . HEC B 2 .  ? 6.442   -7.598  -5.000  1.00 0.20 ? 83 HEC A HAC  1 
HETATM 1266 H  HBC1 . HEC B 2 .  ? 5.719   -10.241 -3.767  1.00 1.09 ? 83 HEC A HBC1 1 
HETATM 1267 H  HBC2 . HEC B 2 .  ? 6.270   -9.882  -5.398  1.00 0.99 ? 83 HEC A HBC2 1 
HETATM 1268 H  HBC3 . HEC B 2 .  ? 4.629   -9.463  -4.914  1.00 0.97 ? 83 HEC A HBC3 1 
HETATM 1269 H  HMD1 . HEC B 2 .  ? 6.411   -4.630  -7.165  1.00 0.95 ? 83 HEC A HMD1 1 
HETATM 1270 H  HMD2 . HEC B 2 .  ? 5.924   -3.363  -8.283  1.00 1.00 ? 83 HEC A HMD2 1 
HETATM 1271 H  HMD3 . HEC B 2 .  ? 5.112   -4.928  -8.318  1.00 1.04 ? 83 HEC A HMD3 1 
HETATM 1272 H  HAD1 . HEC B 2 .  ? 4.779   -1.453  -8.322  1.00 0.15 ? 83 HEC A HAD1 1 
HETATM 1273 H  HAD2 . HEC B 2 .  ? 3.388   -0.611  -7.645  1.00 0.15 ? 83 HEC A HAD2 1 
HETATM 1274 H  HBD1 . HEC B 2 .  ? 3.239   -3.101  -9.393  1.00 0.23 ? 83 HEC A HBD1 1 
HETATM 1275 H  HBD2 . HEC B 2 .  ? 1.866   -2.227  -8.736  1.00 0.23 ? 83 HEC A HBD2 1 
# 
